data_1XT0
# 
_entry.id   1XT0 
# 
_audit_conform.dict_name       mmcif_pdbx.dic 
_audit_conform.dict_version    5.399 
_audit_conform.dict_location   http://mmcif.pdb.org/dictionaries/ascii/mmcif_pdbx.dic 
# 
loop_
_database_2.database_id 
_database_2.database_code 
_database_2.pdbx_database_accession 
_database_2.pdbx_DOI 
PDB   1XT0         pdb_00001xt0 10.2210/pdb1xt0/pdb 
RCSB  RCSB030733   ?            ?                   
WWPDB D_1000030733 ?            ?                   
# 
loop_
_pdbx_audit_revision_history.ordinal 
_pdbx_audit_revision_history.data_content_type 
_pdbx_audit_revision_history.major_revision 
_pdbx_audit_revision_history.minor_revision 
_pdbx_audit_revision_history.revision_date 
1 'Structure model' 1 0 2004-11-02 
2 'Structure model' 1 1 2008-04-30 
3 'Structure model' 1 2 2011-07-13 
4 'Structure model' 1 3 2023-08-23 
5 'Structure model' 1 4 2023-11-15 
6 'Structure model' 1 5 2024-11-20 
# 
_pdbx_audit_revision_details.ordinal             1 
_pdbx_audit_revision_details.revision_ordinal    1 
_pdbx_audit_revision_details.data_content_type   'Structure model' 
_pdbx_audit_revision_details.provider            repository 
_pdbx_audit_revision_details.type                'Initial release' 
_pdbx_audit_revision_details.description         ? 
_pdbx_audit_revision_details.details             ? 
# 
loop_
_pdbx_audit_revision_group.ordinal 
_pdbx_audit_revision_group.revision_ordinal 
_pdbx_audit_revision_group.data_content_type 
_pdbx_audit_revision_group.group 
1 2 'Structure model' 'Version format compliance' 
2 3 'Structure model' 'Version format compliance' 
3 4 'Structure model' 'Data collection'           
4 4 'Structure model' 'Database references'       
5 4 'Structure model' 'Derived calculations'      
6 4 'Structure model' 'Refinement description'    
7 5 'Structure model' 'Data collection'           
8 6 'Structure model' 'Structure summary'         
# 
loop_
_pdbx_audit_revision_category.ordinal 
_pdbx_audit_revision_category.revision_ordinal 
_pdbx_audit_revision_category.data_content_type 
_pdbx_audit_revision_category.category 
1  4 'Structure model' chem_comp_atom                
2  4 'Structure model' chem_comp_bond                
3  4 'Structure model' database_2                    
4  4 'Structure model' pdbx_initial_refinement_model 
5  4 'Structure model' struct_conn                   
6  4 'Structure model' struct_ref_seq_dif            
7  5 'Structure model' chem_comp_atom                
8  5 'Structure model' chem_comp_bond                
9  6 'Structure model' pdbx_entry_details            
10 6 'Structure model' pdbx_modification_feature     
# 
loop_
_pdbx_audit_revision_item.ordinal 
_pdbx_audit_revision_item.revision_ordinal 
_pdbx_audit_revision_item.data_content_type 
_pdbx_audit_revision_item.item 
1 4 'Structure model' '_database_2.pdbx_DOI'                
2 4 'Structure model' '_database_2.pdbx_database_accession' 
3 4 'Structure model' '_struct_conn.pdbx_leaving_atom_flag' 
4 4 'Structure model' '_struct_ref_seq_dif.details'         
5 5 'Structure model' '_chem_comp_atom.atom_id'             
6 5 'Structure model' '_chem_comp_bond.atom_id_2'           
# 
_pdbx_database_status.status_code                     REL 
_pdbx_database_status.entry_id                        1XT0 
_pdbx_database_status.recvd_initial_deposition_date   2004-10-20 
_pdbx_database_status.deposit_site                    RCSB 
_pdbx_database_status.process_site                    RCSB 
_pdbx_database_status.status_code_sf                  ? 
_pdbx_database_status.status_code_mr                  ? 
_pdbx_database_status.SG_entry                        ? 
_pdbx_database_status.pdb_format_compatible           Y 
_pdbx_database_status.status_code_cs                  ? 
_pdbx_database_status.status_code_nmr_data            ? 
_pdbx_database_status.methods_development_category    ? 
# 
_pdbx_database_related.db_name        PDB 
_pdbx_database_related.db_id          1XSZ 
_pdbx_database_related.details        'The structure of full length RalF' 
_pdbx_database_related.content_type   unspecified 
# 
loop_
_audit_author.name 
_audit_author.pdbx_ordinal 
'Amor, J.C.'     1 
'Swails, J.'     2 
'Roy, C.R.'      3 
'Nagai, H.'      4 
'Ingmundson, A.' 5 
'Cheng, X.'      6 
'Kahn, R.A.'     7 
# 
_citation.id                        primary 
_citation.title                     
;The structure of RalF, an ADP-ribosylation factor guanine nucleotide exchange factor from Legionella pneumophila, reveals the presence of a cap over the active site
;
_citation.journal_abbrev            J.Biol.Chem. 
_citation.journal_volume            280 
_citation.page_first                1392 
_citation.page_last                 1400 
_citation.year                      2005 
_citation.journal_id_ASTM           JBCHA3 
_citation.country                   US 
_citation.journal_id_ISSN           0021-9258 
_citation.journal_id_CSD            0071 
_citation.book_publisher            ? 
_citation.pdbx_database_id_PubMed   15520000 
_citation.pdbx_database_id_DOI      10.1074/jbc.M410820200 
# 
loop_
_citation_author.citation_id 
_citation_author.name 
_citation_author.ordinal 
_citation_author.identifier_ORCID 
primary 'Amor, J.C.'     1 ? 
primary 'Swails, J.'     2 ? 
primary 'Zhu, X.'        3 ? 
primary 'Roy, C.R.'      4 ? 
primary 'Nagai, H.'      5 ? 
primary 'Ingmundson, A.' 6 ? 
primary 'Cheng, X.'      7 ? 
primary 'Kahn, R.A.'     8 ? 
# 
loop_
_entity.id 
_entity.type 
_entity.src_method 
_entity.pdbx_description 
_entity.formula_weight 
_entity.pdbx_number_of_molecules 
_entity.pdbx_ec 
_entity.pdbx_mutation 
_entity.pdbx_fragment 
_entity.details 
1 polymer man 'guanine nucleotide exchange protein' 23076.439 1  ? ? ? ? 
2 water   nat water                                 18.015    73 ? ? ? ? 
# 
_entity_poly.entity_id                      1 
_entity_poly.type                           'polypeptide(L)' 
_entity_poly.nstd_linkage                   no 
_entity_poly.nstd_monomer                   yes 
_entity_poly.pdbx_seq_one_letter_code       
;GASHPEIEKAQREIIEAFNAKPKNGINKIKEICEQYKISPNEEIAEFFHQQRKNLDLEAVGDYLSSPEAENQQVLKAFTS
Q(MSE)NFNGQSFVEGLRTFLKTFKLPGEAQKIDRLVQSFSGAYFQQNPDVVSNADAAYLLAFQTI(MSE)LNTDLHNPS
IPEKNK(MSE)TVDGLKRNLRGGNNGGDFDAKFLEELYSEIKAKPFELNFVKTSP
;
_entity_poly.pdbx_seq_one_letter_code_can   
;GASHPEIEKAQREIIEAFNAKPKNGINKIKEICEQYKISPNEEIAEFFHQQRKNLDLEAVGDYLSSPEAENQQVLKAFTS
QMNFNGQSFVEGLRTFLKTFKLPGEAQKIDRLVQSFSGAYFQQNPDVVSNADAAYLLAFQTIMLNTDLHNPSIPEKNKMT
VDGLKRNLRGGNNGGDFDAKFLEELYSEIKAKPFELNFVKTSP
;
_entity_poly.pdbx_strand_id                 B 
_entity_poly.pdbx_target_identifier         ? 
# 
_pdbx_entity_nonpoly.entity_id   2 
_pdbx_entity_nonpoly.name        water 
_pdbx_entity_nonpoly.comp_id     HOH 
# 
loop_
_entity_poly_seq.entity_id 
_entity_poly_seq.num 
_entity_poly_seq.mon_id 
_entity_poly_seq.hetero 
1 1   GLY n 
1 2   ALA n 
1 3   SER n 
1 4   HIS n 
1 5   PRO n 
1 6   GLU n 
1 7   ILE n 
1 8   GLU n 
1 9   LYS n 
1 10  ALA n 
1 11  GLN n 
1 12  ARG n 
1 13  GLU n 
1 14  ILE n 
1 15  ILE n 
1 16  GLU n 
1 17  ALA n 
1 18  PHE n 
1 19  ASN n 
1 20  ALA n 
1 21  LYS n 
1 22  PRO n 
1 23  LYS n 
1 24  ASN n 
1 25  GLY n 
1 26  ILE n 
1 27  ASN n 
1 28  LYS n 
1 29  ILE n 
1 30  LYS n 
1 31  GLU n 
1 32  ILE n 
1 33  CYS n 
1 34  GLU n 
1 35  GLN n 
1 36  TYR n 
1 37  LYS n 
1 38  ILE n 
1 39  SER n 
1 40  PRO n 
1 41  ASN n 
1 42  GLU n 
1 43  GLU n 
1 44  ILE n 
1 45  ALA n 
1 46  GLU n 
1 47  PHE n 
1 48  PHE n 
1 49  HIS n 
1 50  GLN n 
1 51  GLN n 
1 52  ARG n 
1 53  LYS n 
1 54  ASN n 
1 55  LEU n 
1 56  ASP n 
1 57  LEU n 
1 58  GLU n 
1 59  ALA n 
1 60  VAL n 
1 61  GLY n 
1 62  ASP n 
1 63  TYR n 
1 64  LEU n 
1 65  SER n 
1 66  SER n 
1 67  PRO n 
1 68  GLU n 
1 69  ALA n 
1 70  GLU n 
1 71  ASN n 
1 72  GLN n 
1 73  GLN n 
1 74  VAL n 
1 75  LEU n 
1 76  LYS n 
1 77  ALA n 
1 78  PHE n 
1 79  THR n 
1 80  SER n 
1 81  GLN n 
1 82  MSE n 
1 83  ASN n 
1 84  PHE n 
1 85  ASN n 
1 86  GLY n 
1 87  GLN n 
1 88  SER n 
1 89  PHE n 
1 90  VAL n 
1 91  GLU n 
1 92  GLY n 
1 93  LEU n 
1 94  ARG n 
1 95  THR n 
1 96  PHE n 
1 97  LEU n 
1 98  LYS n 
1 99  THR n 
1 100 PHE n 
1 101 LYS n 
1 102 LEU n 
1 103 PRO n 
1 104 GLY n 
1 105 GLU n 
1 106 ALA n 
1 107 GLN n 
1 108 LYS n 
1 109 ILE n 
1 110 ASP n 
1 111 ARG n 
1 112 LEU n 
1 113 VAL n 
1 114 GLN n 
1 115 SER n 
1 116 PHE n 
1 117 SER n 
1 118 GLY n 
1 119 ALA n 
1 120 TYR n 
1 121 PHE n 
1 122 GLN n 
1 123 GLN n 
1 124 ASN n 
1 125 PRO n 
1 126 ASP n 
1 127 VAL n 
1 128 VAL n 
1 129 SER n 
1 130 ASN n 
1 131 ALA n 
1 132 ASP n 
1 133 ALA n 
1 134 ALA n 
1 135 TYR n 
1 136 LEU n 
1 137 LEU n 
1 138 ALA n 
1 139 PHE n 
1 140 GLN n 
1 141 THR n 
1 142 ILE n 
1 143 MSE n 
1 144 LEU n 
1 145 ASN n 
1 146 THR n 
1 147 ASP n 
1 148 LEU n 
1 149 HIS n 
1 150 ASN n 
1 151 PRO n 
1 152 SER n 
1 153 ILE n 
1 154 PRO n 
1 155 GLU n 
1 156 LYS n 
1 157 ASN n 
1 158 LYS n 
1 159 MSE n 
1 160 THR n 
1 161 VAL n 
1 162 ASP n 
1 163 GLY n 
1 164 LEU n 
1 165 LYS n 
1 166 ARG n 
1 167 ASN n 
1 168 LEU n 
1 169 ARG n 
1 170 GLY n 
1 171 GLY n 
1 172 ASN n 
1 173 ASN n 
1 174 GLY n 
1 175 GLY n 
1 176 ASP n 
1 177 PHE n 
1 178 ASP n 
1 179 ALA n 
1 180 LYS n 
1 181 PHE n 
1 182 LEU n 
1 183 GLU n 
1 184 GLU n 
1 185 LEU n 
1 186 TYR n 
1 187 SER n 
1 188 GLU n 
1 189 ILE n 
1 190 LYS n 
1 191 ALA n 
1 192 LYS n 
1 193 PRO n 
1 194 PHE n 
1 195 GLU n 
1 196 LEU n 
1 197 ASN n 
1 198 PHE n 
1 199 VAL n 
1 200 LYS n 
1 201 THR n 
1 202 SER n 
1 203 PRO n 
# 
_entity_src_gen.entity_id                          1 
_entity_src_gen.pdbx_src_id                        1 
_entity_src_gen.pdbx_alt_source_flag               sample 
_entity_src_gen.pdbx_seq_type                      ? 
_entity_src_gen.pdbx_beg_seq_num                   ? 
_entity_src_gen.pdbx_end_seq_num                   ? 
_entity_src_gen.gene_src_common_name               ? 
_entity_src_gen.gene_src_genus                     Legionella 
_entity_src_gen.pdbx_gene_src_gene                 ? 
_entity_src_gen.gene_src_species                   ? 
_entity_src_gen.gene_src_strain                    ? 
_entity_src_gen.gene_src_tissue                    ? 
_entity_src_gen.gene_src_tissue_fraction           ? 
_entity_src_gen.gene_src_details                   ? 
_entity_src_gen.pdbx_gene_src_fragment             ? 
_entity_src_gen.pdbx_gene_src_scientific_name      'Legionella pneumophila' 
_entity_src_gen.pdbx_gene_src_ncbi_taxonomy_id     446 
_entity_src_gen.pdbx_gene_src_variant              ? 
_entity_src_gen.pdbx_gene_src_cell_line            ? 
_entity_src_gen.pdbx_gene_src_atcc                 ? 
_entity_src_gen.pdbx_gene_src_organ                ? 
_entity_src_gen.pdbx_gene_src_organelle            ? 
_entity_src_gen.pdbx_gene_src_cell                 ? 
_entity_src_gen.pdbx_gene_src_cellular_location    ? 
_entity_src_gen.host_org_common_name               ? 
_entity_src_gen.pdbx_host_org_scientific_name      'Escherichia coli BL21(DE3)' 
_entity_src_gen.pdbx_host_org_ncbi_taxonomy_id     469008 
_entity_src_gen.host_org_genus                     Escherichia 
_entity_src_gen.pdbx_host_org_gene                 ? 
_entity_src_gen.pdbx_host_org_organ                ? 
_entity_src_gen.host_org_species                   'Escherichia coli' 
_entity_src_gen.pdbx_host_org_tissue               ? 
_entity_src_gen.pdbx_host_org_tissue_fraction      ? 
_entity_src_gen.pdbx_host_org_strain               'BL21(DE3)' 
_entity_src_gen.pdbx_host_org_variant              ? 
_entity_src_gen.pdbx_host_org_cell_line            ? 
_entity_src_gen.pdbx_host_org_atcc                 ? 
_entity_src_gen.pdbx_host_org_culture_collection   ? 
_entity_src_gen.pdbx_host_org_cell                 ? 
_entity_src_gen.pdbx_host_org_organelle            ? 
_entity_src_gen.pdbx_host_org_cellular_location    ? 
_entity_src_gen.pdbx_host_org_vector_type          plasmid 
_entity_src_gen.pdbx_host_org_vector               ? 
_entity_src_gen.host_org_details                   ? 
_entity_src_gen.expression_system_id               ? 
_entity_src_gen.plasmid_name                       pHis-1 
_entity_src_gen.plasmid_details                    ? 
_entity_src_gen.pdbx_description                   ? 
# 
loop_
_chem_comp.id 
_chem_comp.type 
_chem_comp.mon_nstd_flag 
_chem_comp.name 
_chem_comp.pdbx_synonyms 
_chem_comp.formula 
_chem_comp.formula_weight 
ALA 'L-peptide linking' y ALANINE          ? 'C3 H7 N O2'     89.093  
ARG 'L-peptide linking' y ARGININE         ? 'C6 H15 N4 O2 1' 175.209 
ASN 'L-peptide linking' y ASPARAGINE       ? 'C4 H8 N2 O3'    132.118 
ASP 'L-peptide linking' y 'ASPARTIC ACID'  ? 'C4 H7 N O4'     133.103 
CYS 'L-peptide linking' y CYSTEINE         ? 'C3 H7 N O2 S'   121.158 
GLN 'L-peptide linking' y GLUTAMINE        ? 'C5 H10 N2 O3'   146.144 
GLU 'L-peptide linking' y 'GLUTAMIC ACID'  ? 'C5 H9 N O4'     147.129 
GLY 'peptide linking'   y GLYCINE          ? 'C2 H5 N O2'     75.067  
HIS 'L-peptide linking' y HISTIDINE        ? 'C6 H10 N3 O2 1' 156.162 
HOH non-polymer         . WATER            ? 'H2 O'           18.015  
ILE 'L-peptide linking' y ISOLEUCINE       ? 'C6 H13 N O2'    131.173 
LEU 'L-peptide linking' y LEUCINE          ? 'C6 H13 N O2'    131.173 
LYS 'L-peptide linking' y LYSINE           ? 'C6 H15 N2 O2 1' 147.195 
MET 'L-peptide linking' y METHIONINE       ? 'C5 H11 N O2 S'  149.211 
MSE 'L-peptide linking' n SELENOMETHIONINE ? 'C5 H11 N O2 Se' 196.106 
PHE 'L-peptide linking' y PHENYLALANINE    ? 'C9 H11 N O2'    165.189 
PRO 'L-peptide linking' y PROLINE          ? 'C5 H9 N O2'     115.130 
SER 'L-peptide linking' y SERINE           ? 'C3 H7 N O3'     105.093 
THR 'L-peptide linking' y THREONINE        ? 'C4 H9 N O3'     119.119 
TYR 'L-peptide linking' y TYROSINE         ? 'C9 H11 N O3'    181.189 
VAL 'L-peptide linking' y VALINE           ? 'C5 H11 N O2'    117.146 
# 
loop_
_pdbx_poly_seq_scheme.asym_id 
_pdbx_poly_seq_scheme.entity_id 
_pdbx_poly_seq_scheme.seq_id 
_pdbx_poly_seq_scheme.mon_id 
_pdbx_poly_seq_scheme.ndb_seq_num 
_pdbx_poly_seq_scheme.pdb_seq_num 
_pdbx_poly_seq_scheme.auth_seq_num 
_pdbx_poly_seq_scheme.pdb_mon_id 
_pdbx_poly_seq_scheme.auth_mon_id 
_pdbx_poly_seq_scheme.pdb_strand_id 
_pdbx_poly_seq_scheme.pdb_ins_code 
_pdbx_poly_seq_scheme.hetero 
A 1 1   GLY 1   -1  -2  GLY GLY B . n 
A 1 2   ALA 2   0   -1  ALA ALA B . n 
A 1 3   SER 3   1   1   SER SER B . n 
A 1 4   HIS 4   2   2   HIS HIS B . n 
A 1 5   PRO 5   3   3   PRO PRO B . n 
A 1 6   GLU 6   4   4   GLU GLU B . n 
A 1 7   ILE 7   5   5   ILE ILE B . n 
A 1 8   GLU 8   6   6   GLU GLU B . n 
A 1 9   LYS 9   7   7   LYS LYS B . n 
A 1 10  ALA 10  8   8   ALA ALA B . n 
A 1 11  GLN 11  9   9   GLN GLN B . n 
A 1 12  ARG 12  10  10  ARG ARG B . n 
A 1 13  GLU 13  11  11  GLU GLU B . n 
A 1 14  ILE 14  12  12  ILE ILE B . n 
A 1 15  ILE 15  13  13  ILE ILE B . n 
A 1 16  GLU 16  14  14  GLU GLU B . n 
A 1 17  ALA 17  15  15  ALA ALA B . n 
A 1 18  PHE 18  16  16  PHE PHE B . n 
A 1 19  ASN 19  17  17  ASN ASN B . n 
A 1 20  ALA 20  18  18  ALA ALA B . n 
A 1 21  LYS 21  19  19  LYS LYS B . n 
A 1 22  PRO 22  20  20  PRO PRO B . n 
A 1 23  LYS 23  21  21  LYS LYS B . n 
A 1 24  ASN 24  22  22  ASN ASN B . n 
A 1 25  GLY 25  23  23  GLY GLY B . n 
A 1 26  ILE 26  24  24  ILE ILE B . n 
A 1 27  ASN 27  25  25  ASN ASN B . n 
A 1 28  LYS 28  26  26  LYS LYS B . n 
A 1 29  ILE 29  27  27  ILE ILE B . n 
A 1 30  LYS 30  28  28  LYS LYS B . n 
A 1 31  GLU 31  29  29  GLU GLU B . n 
A 1 32  ILE 32  30  30  ILE ILE B . n 
A 1 33  CYS 33  31  31  CYS CYS B . n 
A 1 34  GLU 34  32  32  GLU GLU B . n 
A 1 35  GLN 35  33  33  GLN GLN B . n 
A 1 36  TYR 36  34  34  TYR TYR B . n 
A 1 37  LYS 37  35  35  LYS LYS B . n 
A 1 38  ILE 38  36  36  ILE ILE B . n 
A 1 39  SER 39  37  37  SER SER B . n 
A 1 40  PRO 40  38  38  PRO PRO B . n 
A 1 41  ASN 41  39  39  ASN ASN B . n 
A 1 42  GLU 42  40  40  GLU GLU B . n 
A 1 43  GLU 43  41  41  GLU GLU B . n 
A 1 44  ILE 44  42  42  ILE ILE B . n 
A 1 45  ALA 45  43  43  ALA ALA B . n 
A 1 46  GLU 46  44  44  GLU GLU B . n 
A 1 47  PHE 47  45  45  PHE PHE B . n 
A 1 48  PHE 48  46  46  PHE PHE B . n 
A 1 49  HIS 49  47  47  HIS HIS B . n 
A 1 50  GLN 50  48  48  GLN GLN B . n 
A 1 51  GLN 51  49  49  GLN GLN B . n 
A 1 52  ARG 52  50  50  ARG ARG B . n 
A 1 53  LYS 53  51  51  LYS LYS B . n 
A 1 54  ASN 54  52  52  ASN ASN B . n 
A 1 55  LEU 55  53  53  LEU LEU B . n 
A 1 56  ASP 56  54  54  ASP ASP B . n 
A 1 57  LEU 57  55  55  LEU LEU B . n 
A 1 58  GLU 58  56  56  GLU GLU B . n 
A 1 59  ALA 59  57  57  ALA ALA B . n 
A 1 60  VAL 60  58  58  VAL VAL B . n 
A 1 61  GLY 61  59  59  GLY GLY B . n 
A 1 62  ASP 62  60  60  ASP ASP B . n 
A 1 63  TYR 63  61  61  TYR TYR B . n 
A 1 64  LEU 64  62  62  LEU LEU B . n 
A 1 65  SER 65  63  63  SER SER B . n 
A 1 66  SER 66  64  64  SER SER B . n 
A 1 67  PRO 67  65  65  PRO PRO B . n 
A 1 68  GLU 68  66  66  GLU GLU B . n 
A 1 69  ALA 69  67  67  ALA ALA B . n 
A 1 70  GLU 70  68  68  GLU GLU B . n 
A 1 71  ASN 71  69  69  ASN ASN B . n 
A 1 72  GLN 72  70  70  GLN GLN B . n 
A 1 73  GLN 73  71  71  GLN GLN B . n 
A 1 74  VAL 74  72  72  VAL VAL B . n 
A 1 75  LEU 75  73  73  LEU LEU B . n 
A 1 76  LYS 76  74  74  LYS LYS B . n 
A 1 77  ALA 77  75  75  ALA ALA B . n 
A 1 78  PHE 78  76  76  PHE PHE B . n 
A 1 79  THR 79  77  77  THR THR B . n 
A 1 80  SER 80  78  78  SER SER B . n 
A 1 81  GLN 81  79  79  GLN GLN B . n 
A 1 82  MSE 82  80  80  MSE MSE B . n 
A 1 83  ASN 83  81  81  ASN ASN B . n 
A 1 84  PHE 84  82  82  PHE PHE B . n 
A 1 85  ASN 85  83  83  ASN ASN B . n 
A 1 86  GLY 86  84  84  GLY GLY B . n 
A 1 87  GLN 87  85  85  GLN GLN B . n 
A 1 88  SER 88  86  86  SER SER B . n 
A 1 89  PHE 89  87  87  PHE PHE B . n 
A 1 90  VAL 90  88  88  VAL VAL B . n 
A 1 91  GLU 91  89  89  GLU GLU B . n 
A 1 92  GLY 92  90  90  GLY GLY B . n 
A 1 93  LEU 93  91  91  LEU LEU B . n 
A 1 94  ARG 94  92  92  ARG ARG B . n 
A 1 95  THR 95  93  93  THR THR B . n 
A 1 96  PHE 96  94  94  PHE PHE B . n 
A 1 97  LEU 97  95  95  LEU LEU B . n 
A 1 98  LYS 98  96  96  LYS LYS B . n 
A 1 99  THR 99  97  97  THR THR B . n 
A 1 100 PHE 100 98  98  PHE PHE B . n 
A 1 101 LYS 101 99  99  LYS LYS B . n 
A 1 102 LEU 102 100 100 LEU LEU B . n 
A 1 103 PRO 103 101 101 PRO PRO B . n 
A 1 104 GLY 104 102 102 GLY GLY B . n 
A 1 105 GLU 105 103 103 GLU GLU B . n 
A 1 106 ALA 106 104 104 ALA ALA B . n 
A 1 107 GLN 107 105 105 GLN GLN B . n 
A 1 108 LYS 108 106 106 LYS LYS B . n 
A 1 109 ILE 109 107 107 ILE ILE B . n 
A 1 110 ASP 110 108 108 ASP ASP B . n 
A 1 111 ARG 111 109 109 ARG ARG B . n 
A 1 112 LEU 112 110 110 LEU LEU B . n 
A 1 113 VAL 113 111 111 VAL VAL B . n 
A 1 114 GLN 114 112 112 GLN GLN B . n 
A 1 115 SER 115 113 113 SER SER B . n 
A 1 116 PHE 116 114 114 PHE PHE B . n 
A 1 117 SER 117 115 115 SER SER B . n 
A 1 118 GLY 118 116 116 GLY GLY B . n 
A 1 119 ALA 119 117 117 ALA ALA B . n 
A 1 120 TYR 120 118 118 TYR TYR B . n 
A 1 121 PHE 121 119 119 PHE PHE B . n 
A 1 122 GLN 122 120 120 GLN GLN B . n 
A 1 123 GLN 123 121 121 GLN GLN B . n 
A 1 124 ASN 124 122 122 ASN ASN B . n 
A 1 125 PRO 125 123 123 PRO PRO B . n 
A 1 126 ASP 126 124 124 ASP ASP B . n 
A 1 127 VAL 127 125 125 VAL VAL B . n 
A 1 128 VAL 128 126 126 VAL VAL B . n 
A 1 129 SER 129 127 127 SER SER B . n 
A 1 130 ASN 130 128 128 ASN ASN B . n 
A 1 131 ALA 131 129 129 ALA ALA B . n 
A 1 132 ASP 132 130 130 ASP ASP B . n 
A 1 133 ALA 133 131 131 ALA ALA B . n 
A 1 134 ALA 134 132 132 ALA ALA B . n 
A 1 135 TYR 135 133 133 TYR TYR B . n 
A 1 136 LEU 136 134 134 LEU LEU B . n 
A 1 137 LEU 137 135 135 LEU LEU B . n 
A 1 138 ALA 138 136 136 ALA ALA B . n 
A 1 139 PHE 139 137 137 PHE PHE B . n 
A 1 140 GLN 140 138 138 GLN GLN B . n 
A 1 141 THR 141 139 139 THR THR B . n 
A 1 142 ILE 142 140 140 ILE ILE B . n 
A 1 143 MSE 143 141 141 MSE MSE B . n 
A 1 144 LEU 144 142 142 LEU LEU B . n 
A 1 145 ASN 145 143 143 ASN ASN B . n 
A 1 146 THR 146 144 144 THR THR B . n 
A 1 147 ASP 147 145 145 ASP ASP B . n 
A 1 148 LEU 148 146 146 LEU LEU B . n 
A 1 149 HIS 149 147 147 HIS HIS B . n 
A 1 150 ASN 150 148 148 ASN ASN B . n 
A 1 151 PRO 151 149 149 PRO PRO B . n 
A 1 152 SER 152 150 150 SER SER B . n 
A 1 153 ILE 153 151 151 ILE ILE B . n 
A 1 154 PRO 154 152 152 PRO PRO B . n 
A 1 155 GLU 155 153 153 GLU GLU B . n 
A 1 156 LYS 156 154 154 LYS LYS B . n 
A 1 157 ASN 157 155 155 ASN ASN B . n 
A 1 158 LYS 158 156 156 LYS LYS B . n 
A 1 159 MSE 159 157 157 MSE MSE B . n 
A 1 160 THR 160 158 158 THR THR B . n 
A 1 161 VAL 161 159 159 VAL VAL B . n 
A 1 162 ASP 162 160 160 ASP ASP B . n 
A 1 163 GLY 163 161 161 GLY GLY B . n 
A 1 164 LEU 164 162 162 LEU LEU B . n 
A 1 165 LYS 165 163 163 LYS LYS B . n 
A 1 166 ARG 166 164 164 ARG ARG B . n 
A 1 167 ASN 167 165 165 ASN ASN B . n 
A 1 168 LEU 168 166 166 LEU LEU B . n 
A 1 169 ARG 169 167 167 ARG ARG B . n 
A 1 170 GLY 170 168 168 GLY GLY B . n 
A 1 171 GLY 171 169 169 GLY GLY B . n 
A 1 172 ASN 172 170 170 ASN ASN B . n 
A 1 173 ASN 173 171 171 ASN ASN B . n 
A 1 174 GLY 174 172 172 GLY GLY B . n 
A 1 175 GLY 175 173 173 GLY GLY B . n 
A 1 176 ASP 176 174 174 ASP ASP B . n 
A 1 177 PHE 177 175 175 PHE PHE B . n 
A 1 178 ASP 178 176 176 ASP ASP B . n 
A 1 179 ALA 179 177 177 ALA ALA B . n 
A 1 180 LYS 180 178 178 LYS LYS B . n 
A 1 181 PHE 181 179 179 PHE PHE B . n 
A 1 182 LEU 182 180 180 LEU LEU B . n 
A 1 183 GLU 183 181 181 GLU GLU B . n 
A 1 184 GLU 184 182 182 GLU GLU B . n 
A 1 185 LEU 185 183 183 LEU LEU B . n 
A 1 186 TYR 186 184 184 TYR TYR B . n 
A 1 187 SER 187 185 185 SER SER B . n 
A 1 188 GLU 188 186 186 GLU GLU B . n 
A 1 189 ILE 189 187 187 ILE ILE B . n 
A 1 190 LYS 190 188 188 LYS LYS B . n 
A 1 191 ALA 191 189 189 ALA ALA B . n 
A 1 192 LYS 192 190 190 LYS LYS B . n 
A 1 193 PRO 193 191 191 PRO PRO B . n 
A 1 194 PHE 194 192 192 PHE PHE B . n 
A 1 195 GLU 195 193 193 GLU GLU B . n 
A 1 196 LEU 196 194 194 LEU LEU B . n 
A 1 197 ASN 197 195 195 ASN ASN B . n 
A 1 198 PHE 198 196 196 PHE PHE B . n 
A 1 199 VAL 199 197 197 VAL VAL B . n 
A 1 200 LYS 200 198 198 LYS LYS B . n 
A 1 201 THR 201 199 199 THR THR B . n 
A 1 202 SER 202 200 200 SER SER B . n 
A 1 203 PRO 203 201 201 PRO PRO B . n 
# 
loop_
_pdbx_nonpoly_scheme.asym_id 
_pdbx_nonpoly_scheme.entity_id 
_pdbx_nonpoly_scheme.mon_id 
_pdbx_nonpoly_scheme.ndb_seq_num 
_pdbx_nonpoly_scheme.pdb_seq_num 
_pdbx_nonpoly_scheme.auth_seq_num 
_pdbx_nonpoly_scheme.pdb_mon_id 
_pdbx_nonpoly_scheme.auth_mon_id 
_pdbx_nonpoly_scheme.pdb_strand_id 
_pdbx_nonpoly_scheme.pdb_ins_code 
B 2 HOH 1  202 1  HOH TIP B . 
B 2 HOH 2  203 2  HOH TIP B . 
B 2 HOH 3  204 3  HOH TIP B . 
B 2 HOH 4  205 4  HOH TIP B . 
B 2 HOH 5  206 5  HOH TIP B . 
B 2 HOH 6  207 6  HOH TIP B . 
B 2 HOH 7  208 7  HOH TIP B . 
B 2 HOH 8  209 8  HOH TIP B . 
B 2 HOH 9  210 9  HOH TIP B . 
B 2 HOH 10 211 10 HOH TIP B . 
B 2 HOH 11 212 11 HOH TIP B . 
B 2 HOH 12 213 12 HOH TIP B . 
B 2 HOH 13 214 13 HOH TIP B . 
B 2 HOH 14 215 14 HOH TIP B . 
B 2 HOH 15 216 15 HOH TIP B . 
B 2 HOH 16 217 16 HOH TIP B . 
B 2 HOH 17 218 17 HOH TIP B . 
B 2 HOH 18 219 18 HOH TIP B . 
B 2 HOH 19 220 19 HOH TIP B . 
B 2 HOH 20 221 20 HOH TIP B . 
B 2 HOH 21 222 21 HOH TIP B . 
B 2 HOH 22 223 22 HOH TIP B . 
B 2 HOH 23 224 23 HOH TIP B . 
B 2 HOH 24 225 24 HOH TIP B . 
B 2 HOH 25 226 25 HOH TIP B . 
B 2 HOH 26 227 26 HOH TIP B . 
B 2 HOH 27 228 27 HOH TIP B . 
B 2 HOH 28 229 28 HOH TIP B . 
B 2 HOH 29 230 29 HOH TIP B . 
B 2 HOH 30 231 30 HOH TIP B . 
B 2 HOH 31 232 31 HOH TIP B . 
B 2 HOH 32 233 32 HOH TIP B . 
B 2 HOH 33 234 33 HOH TIP B . 
B 2 HOH 34 235 34 HOH TIP B . 
B 2 HOH 35 236 35 HOH TIP B . 
B 2 HOH 36 237 36 HOH TIP B . 
B 2 HOH 37 238 37 HOH TIP B . 
B 2 HOH 38 239 38 HOH TIP B . 
B 2 HOH 39 240 39 HOH TIP B . 
B 2 HOH 40 241 40 HOH TIP B . 
B 2 HOH 41 242 41 HOH TIP B . 
B 2 HOH 42 243 42 HOH TIP B . 
B 2 HOH 43 244 43 HOH TIP B . 
B 2 HOH 44 245 44 HOH TIP B . 
B 2 HOH 45 246 45 HOH TIP B . 
B 2 HOH 46 247 46 HOH TIP B . 
B 2 HOH 47 248 47 HOH TIP B . 
B 2 HOH 48 249 48 HOH TIP B . 
B 2 HOH 49 250 49 HOH TIP B . 
B 2 HOH 50 251 50 HOH TIP B . 
B 2 HOH 51 252 51 HOH TIP B . 
B 2 HOH 52 253 52 HOH TIP B . 
B 2 HOH 53 254 53 HOH TIP B . 
B 2 HOH 54 255 54 HOH TIP B . 
B 2 HOH 55 256 55 HOH TIP B . 
B 2 HOH 56 257 56 HOH TIP B . 
B 2 HOH 57 258 57 HOH TIP B . 
B 2 HOH 58 259 58 HOH TIP B . 
B 2 HOH 59 260 59 HOH TIP B . 
B 2 HOH 60 261 60 HOH TIP B . 
B 2 HOH 61 262 61 HOH TIP B . 
B 2 HOH 62 263 62 HOH TIP B . 
B 2 HOH 63 264 63 HOH TIP B . 
B 2 HOH 64 265 64 HOH TIP B . 
B 2 HOH 65 266 65 HOH TIP B . 
B 2 HOH 66 267 66 HOH TIP B . 
B 2 HOH 67 268 67 HOH TIP B . 
B 2 HOH 68 269 68 HOH TIP B . 
B 2 HOH 69 270 69 HOH TIP B . 
B 2 HOH 70 271 70 HOH TIP B . 
B 2 HOH 71 272 71 HOH TIP B . 
B 2 HOH 72 273 72 HOH TIP B . 
B 2 HOH 73 274 73 HOH TIP B . 
# 
loop_
_software.name 
_software.classification 
_software.version 
_software.citation_id 
_software.pdbx_ordinal 
HKL-2000  'data collection' . ? 1 
SCALEPACK 'data scaling'    . ? 2 
AMoRE     phasing           . ? 3 
CNS       refinement        . ? 4 
HKL-2000  'data reduction'  . ? 5 
# 
_cell.entry_id           1XT0 
_cell.length_a           40.195 
_cell.length_b           43.244 
_cell.length_c           109.132 
_cell.angle_alpha        90.00 
_cell.angle_beta         90.00 
_cell.angle_gamma        90.00 
_cell.Z_PDB              4 
_cell.pdbx_unique_axis   ? 
# 
_symmetry.entry_id                         1XT0 
_symmetry.space_group_name_H-M             'P 21 21 21' 
_symmetry.pdbx_full_space_group_name_H-M   ? 
_symmetry.cell_setting                     ? 
_symmetry.Int_Tables_number                19 
_symmetry.space_group_name_Hall            ? 
# 
_exptl.entry_id          1XT0 
_exptl.method            'X-RAY DIFFRACTION' 
_exptl.crystals_number   1 
# 
_exptl_crystal.id                    1 
_exptl_crystal.density_meas          ? 
_exptl_crystal.density_Matthews      2.06 
_exptl_crystal.density_percent_sol   40.15 
_exptl_crystal.description           ? 
_exptl_crystal.F_000                 ? 
_exptl_crystal.preparation           ? 
# 
_exptl_crystal_grow.crystal_id      1 
_exptl_crystal_grow.method          'VAPOR DIFFUSION, SITTING DROP' 
_exptl_crystal_grow.temp            294 
_exptl_crystal_grow.temp_details    ? 
_exptl_crystal_grow.pH              8.5 
_exptl_crystal_grow.pdbx_details    'PEG2K, pH 8.5, VAPOR DIFFUSION, SITTING DROP, temperature 294K' 
_exptl_crystal_grow.pdbx_pH_range   . 
# 
_diffrn.id                     1 
_diffrn.ambient_temp           108 
_diffrn.ambient_temp_details   ? 
_diffrn.crystal_id             1 
# 
_diffrn_detector.diffrn_id              1 
_diffrn_detector.detector               CCD 
_diffrn_detector.type                   'ADSC QUANTUM 4' 
_diffrn_detector.pdbx_collection_date   2003-08-27 
_diffrn_detector.details                ? 
# 
_diffrn_radiation.diffrn_id                        1 
_diffrn_radiation.wavelength_id                    1 
_diffrn_radiation.pdbx_monochromatic_or_laue_m_l   M 
_diffrn_radiation.monochromator                    ? 
_diffrn_radiation.pdbx_diffrn_protocol             MAD 
_diffrn_radiation.pdbx_scattering_type             x-ray 
# 
_diffrn_radiation_wavelength.id           1 
_diffrn_radiation_wavelength.wavelength   0.96 
_diffrn_radiation_wavelength.wt           1.0 
# 
_diffrn_source.diffrn_id                   1 
_diffrn_source.source                      SYNCHROTRON 
_diffrn_source.type                        'NSLS BEAMLINE X26C' 
_diffrn_source.pdbx_synchrotron_site       NSLS 
_diffrn_source.pdbx_synchrotron_beamline   X26C 
_diffrn_source.pdbx_wavelength             ? 
_diffrn_source.pdbx_wavelength_list        0.96 
# 
_reflns.entry_id                     1XT0 
_reflns.observed_criterion_sigma_F   0 
_reflns.observed_criterion_sigma_I   -3 
_reflns.d_resolution_high            2.16 
_reflns.d_resolution_low             50 
_reflns.number_all                   17589 
_reflns.number_obs                   17589 
_reflns.percent_possible_obs         91.0 
_reflns.pdbx_Rmerge_I_obs            0.066 
_reflns.pdbx_Rsym_value              ? 
_reflns.pdbx_netI_over_sigmaI        12.1 
_reflns.B_iso_Wilson_estimate        17.9 
_reflns.pdbx_redundancy              4.6 
_reflns.R_free_details               ? 
_reflns.limit_h_max                  ? 
_reflns.limit_h_min                  ? 
_reflns.limit_k_max                  ? 
_reflns.limit_k_min                  ? 
_reflns.limit_l_max                  ? 
_reflns.limit_l_min                  ? 
_reflns.observed_criterion_F_max     ? 
_reflns.observed_criterion_F_min     ? 
_reflns.pdbx_chi_squared             ? 
_reflns.pdbx_scaling_rejects         ? 
_reflns.pdbx_diffrn_id               1 
_reflns.pdbx_ordinal                 1 
# 
_reflns_shell.d_res_high             2.16 
_reflns_shell.d_res_low              2.24 
_reflns_shell.percent_possible_all   92.6 
_reflns_shell.Rmerge_I_obs           0.115 
_reflns_shell.pdbx_Rsym_value        ? 
_reflns_shell.meanI_over_sigI_obs    6.1 
_reflns_shell.pdbx_redundancy        ? 
_reflns_shell.percent_possible_obs   ? 
_reflns_shell.number_unique_all      1821 
_reflns_shell.number_measured_all    ? 
_reflns_shell.number_measured_obs    ? 
_reflns_shell.number_unique_obs      ? 
_reflns_shell.pdbx_chi_squared       ? 
_reflns_shell.pdbx_diffrn_id         ? 
_reflns_shell.pdbx_ordinal           1 
# 
_refine.entry_id                                 1XT0 
_refine.ls_d_res_high                            2.16 
_refine.ls_d_res_low                             50 
_refine.pdbx_ls_sigma_F                          0.000 
_refine.pdbx_ls_sigma_I                          ? 
_refine.ls_number_reflns_all                     17589 
_refine.ls_number_reflns_obs                     17589 
_refine.ls_number_reflns_R_free                  1645 
_refine.ls_percent_reflns_obs                    91.0 
_refine.ls_R_factor_all                          ? 
_refine.ls_R_factor_obs                          ? 
_refine.ls_R_factor_R_work                       0.215 
_refine.ls_R_factor_R_free                       0.2715 
_refine.ls_redundancy_reflns_obs                 ? 
_refine.pdbx_data_cutoff_high_absF               582242.40 
_refine.pdbx_data_cutoff_low_absF                0.000000 
_refine.ls_number_parameters                     ? 
_refine.ls_number_restraints                     ? 
_refine.ls_percent_reflns_R_free                 9.4 
_refine.ls_R_factor_R_free_error                 0.007 
_refine.ls_R_factor_R_free_error_details         ? 
_refine.pdbx_method_to_determine_struct          'MOLECULAR REPLACEMENT' 
_refine.pdbx_starting_model                      1XSZ 
_refine.pdbx_ls_cross_valid_method               THROUGHOUT 
_refine.pdbx_R_Free_selection_details            RANDOM 
_refine.pdbx_stereochem_target_val_spec_case     ? 
_refine.pdbx_stereochemistry_target_values       'Engh & Huber' 
_refine.solvent_model_details                    'FLAT MODEL' 
_refine.solvent_model_param_bsol                 47.0814 
_refine.solvent_model_param_ksol                 0.381791 
_refine.occupancy_max                            ? 
_refine.occupancy_min                            ? 
_refine.pdbx_isotropic_thermal_model             Isotropic 
_refine.B_iso_mean                               30.2 
_refine.aniso_B[1][1]                            14.72800 
_refine.aniso_B[1][2]                            0.000 
_refine.aniso_B[1][3]                            0.000 
_refine.aniso_B[2][2]                            -3.58800 
_refine.aniso_B[2][3]                            0.000 
_refine.aniso_B[3][3]                            -11.14000 
_refine.details                                  ? 
_refine.B_iso_min                                ? 
_refine.B_iso_max                                ? 
_refine.correlation_coeff_Fo_to_Fc               ? 
_refine.correlation_coeff_Fo_to_Fc_free          ? 
_refine.pdbx_solvent_vdw_probe_radii             ? 
_refine.pdbx_solvent_ion_probe_radii             ? 
_refine.pdbx_solvent_shrinkage_radii             ? 
_refine.overall_SU_R_Cruickshank_DPI             ? 
_refine.overall_SU_R_free                        ? 
_refine.overall_SU_B                             ? 
_refine.overall_SU_ML                            ? 
_refine.pdbx_overall_ESU_R                       ? 
_refine.pdbx_overall_ESU_R_Free                  ? 
_refine.pdbx_data_cutoff_high_rms_absF           ? 
_refine.ls_wR_factor_R_free                      ? 
_refine.ls_wR_factor_R_work                      ? 
_refine.overall_FOM_free_R_set                   ? 
_refine.overall_FOM_work_R_set                   ? 
_refine.pdbx_refine_id                           'X-RAY DIFFRACTION' 
_refine.pdbx_diffrn_id                           1 
_refine.pdbx_TLS_residual_ADP_flag               ? 
_refine.pdbx_overall_phase_error                 ? 
_refine.pdbx_overall_SU_R_free_Cruickshank_DPI   ? 
_refine.pdbx_overall_SU_R_Blow_DPI               ? 
_refine.pdbx_overall_SU_R_free_Blow_DPI          ? 
# 
_refine_analyze.Luzzati_coordinate_error_obs    0.25 
_refine_analyze.Luzzati_sigma_a_obs             0.12 
_refine_analyze.Luzzati_d_res_low_obs           5.00 
_refine_analyze.Luzzati_coordinate_error_free   0.33 
_refine_analyze.Luzzati_sigma_a_free            0.25 
_refine_analyze.entry_id                        1XT0 
_refine_analyze.Luzzati_d_res_low_free          ? 
_refine_analyze.number_disordered_residues      ? 
_refine_analyze.occupancy_sum_non_hydrogen      ? 
_refine_analyze.occupancy_sum_hydrogen          ? 
_refine_analyze.pdbx_Luzzati_d_res_high_obs     ? 
_refine_analyze.pdbx_refine_id                  'X-RAY DIFFRACTION' 
# 
_refine_hist.pdbx_refine_id                   'X-RAY DIFFRACTION' 
_refine_hist.cycle_id                         LAST 
_refine_hist.pdbx_number_atoms_protein        1617 
_refine_hist.pdbx_number_atoms_nucleic_acid   0 
_refine_hist.pdbx_number_atoms_ligand         0 
_refine_hist.number_atoms_solvent             73 
_refine_hist.number_atoms_total               1690 
_refine_hist.d_res_high                       2.16 
_refine_hist.d_res_low                        50 
# 
loop_
_refine_ls_restr.type 
_refine_ls_restr.dev_ideal 
_refine_ls_restr.dev_ideal_target 
_refine_ls_restr.weight 
_refine_ls_restr.number 
_refine_ls_restr.pdbx_refine_id 
_refine_ls_restr.pdbx_restraint_function 
c_mcbond_it        1.397 1.5 ? ? 'X-RAY DIFFRACTION' ? 
c_mcangle_it       2.108 2.0 ? ? 'X-RAY DIFFRACTION' ? 
c_scbond_it        2.530 2.0 ? ? 'X-RAY DIFFRACTION' ? 
c_scangle_it       3.745 2.5 ? ? 'X-RAY DIFFRACTION' ? 
c_bond_d           0.006 ?   ? ? 'X-RAY DIFFRACTION' ? 
c_angle_deg        1.2   ?   ? ? 'X-RAY DIFFRACTION' ? 
c_dihedral_angle_d 18.7  ?   ? ? 'X-RAY DIFFRACTION' ? 
c_improper_angle_d 0.79  ?   ? ? 'X-RAY DIFFRACTION' ? 
# 
_refine_ls_shell.pdbx_total_number_of_bins_used   10 
_refine_ls_shell.d_res_high                       2.16 
_refine_ls_shell.d_res_low                        2.24 
_refine_ls_shell.number_reflns_R_work             1550 
_refine_ls_shell.R_factor_R_work                  0.222 
_refine_ls_shell.percent_reflns_obs               87.0 
_refine_ls_shell.R_factor_R_free                  0.309 
_refine_ls_shell.R_factor_R_free_error            0.024 
_refine_ls_shell.percent_reflns_R_free            9.7 
_refine_ls_shell.number_reflns_R_free             166 
_refine_ls_shell.number_reflns_obs                1821 
_refine_ls_shell.redundancy_reflns_obs            ? 
_refine_ls_shell.number_reflns_all                ? 
_refine_ls_shell.pdbx_refine_id                   'X-RAY DIFFRACTION' 
_refine_ls_shell.R_factor_all                     ? 
# 
loop_
_pdbx_xplor_file.serial_no 
_pdbx_xplor_file.param_file 
_pdbx_xplor_file.topol_file 
_pdbx_xplor_file.pdbx_refine_id 
1 protein_rep.param protein.top 'X-RAY DIFFRACTION' 
2 dna-rna_rep.param dna-rna.top 'X-RAY DIFFRACTION' 
3 water_rep.param   water.top   'X-RAY DIFFRACTION' 
4 ion.param         ion.top     'X-RAY DIFFRACTION' 
# 
_struct.entry_id                  1XT0 
_struct.title                     'The Structure of N-terminal Sec7 domain of RalF' 
_struct.pdbx_model_details        ? 
_struct.pdbx_CASP_flag            ? 
_struct.pdbx_model_type_details   ? 
# 
_struct_keywords.entry_id        1XT0 
_struct_keywords.pdbx_keywords   'SIGNALING PROTEIN' 
_struct_keywords.text            'The N-terminal Sec7 domain of RalF, SIGNALING PROTEIN' 
# 
loop_
_struct_asym.id 
_struct_asym.pdbx_blank_PDB_chainid_flag 
_struct_asym.pdbx_modified 
_struct_asym.entity_id 
_struct_asym.details 
A N N 1 ? 
B N N 2 ? 
# 
_struct_ref.id                         1 
_struct_ref.db_name                    UNP 
_struct_ref.db_code                    Q8RT31_LEGPN 
_struct_ref.pdbx_db_accession          Q8RT31 
_struct_ref.entity_id                  1 
_struct_ref.pdbx_seq_one_letter_code   
;HPEIEKAQREIIEAFNAKPKNGINKIKEICEQYKISPNEEIAEFFHQQRKNLDLEAVGDYLSSPEAENQQVLKAFTSQMN
FNGQSFVEGLRTFLKTFKLPGEAQKIDRLVQSFSGAYFQQNPDVVSNADAAYLLAFQTIMLNTDLHNPSIPEKNKMTVDG
LKRNLRGGNNGGDFDAKFLEELYSEIKAKPFELNFVKTSP
;
_struct_ref.pdbx_align_begin           2 
_struct_ref.pdbx_db_isoform            ? 
# 
_struct_ref_seq.align_id                      1 
_struct_ref_seq.ref_id                        1 
_struct_ref_seq.pdbx_PDB_id_code              1XT0 
_struct_ref_seq.pdbx_strand_id                B 
_struct_ref_seq.seq_align_beg                 4 
_struct_ref_seq.pdbx_seq_align_beg_ins_code   ? 
_struct_ref_seq.seq_align_end                 203 
_struct_ref_seq.pdbx_seq_align_end_ins_code   ? 
_struct_ref_seq.pdbx_db_accession             Q8RT31 
_struct_ref_seq.db_align_beg                  2 
_struct_ref_seq.pdbx_db_align_beg_ins_code    ? 
_struct_ref_seq.db_align_end                  201 
_struct_ref_seq.pdbx_db_align_end_ins_code    ? 
_struct_ref_seq.pdbx_auth_seq_align_beg       2 
_struct_ref_seq.pdbx_auth_seq_align_end       201 
# 
loop_
_struct_ref_seq_dif.align_id 
_struct_ref_seq_dif.pdbx_pdb_id_code 
_struct_ref_seq_dif.mon_id 
_struct_ref_seq_dif.pdbx_pdb_strand_id 
_struct_ref_seq_dif.seq_num 
_struct_ref_seq_dif.pdbx_pdb_ins_code 
_struct_ref_seq_dif.pdbx_seq_db_name 
_struct_ref_seq_dif.pdbx_seq_db_accession_code 
_struct_ref_seq_dif.db_mon_id 
_struct_ref_seq_dif.pdbx_seq_db_seq_num 
_struct_ref_seq_dif.details 
_struct_ref_seq_dif.pdbx_auth_seq_num 
_struct_ref_seq_dif.pdbx_ordinal 
1 1XT0 GLY B 1   ? UNP Q8RT31 ?   ?   'cloning artifact' -1  1 
1 1XT0 ALA B 2   ? UNP Q8RT31 ?   ?   'cloning artifact' 0   2 
1 1XT0 SER B 3   ? UNP Q8RT31 ?   ?   'cloning artifact' 1   3 
1 1XT0 MSE B 82  ? UNP Q8RT31 MET 80  'modified residue' 80  4 
1 1XT0 MSE B 143 ? UNP Q8RT31 MET 141 'modified residue' 141 5 
1 1XT0 MSE B 159 ? UNP Q8RT31 MET 157 'modified residue' 157 6 
# 
_pdbx_struct_assembly.id                   1 
_pdbx_struct_assembly.details              author_defined_assembly 
_pdbx_struct_assembly.method_details       ? 
_pdbx_struct_assembly.oligomeric_details   monomeric 
_pdbx_struct_assembly.oligomeric_count     1 
# 
_pdbx_struct_assembly_gen.assembly_id       1 
_pdbx_struct_assembly_gen.oper_expression   1 
_pdbx_struct_assembly_gen.asym_id_list      A,B 
# 
_pdbx_struct_oper_list.id                   1 
_pdbx_struct_oper_list.type                 'identity operation' 
_pdbx_struct_oper_list.name                 1_555 
_pdbx_struct_oper_list.symmetry_operation   x,y,z 
_pdbx_struct_oper_list.matrix[1][1]         1.0000000000 
_pdbx_struct_oper_list.matrix[1][2]         0.0000000000 
_pdbx_struct_oper_list.matrix[1][3]         0.0000000000 
_pdbx_struct_oper_list.vector[1]            0.0000000000 
_pdbx_struct_oper_list.matrix[2][1]         0.0000000000 
_pdbx_struct_oper_list.matrix[2][2]         1.0000000000 
_pdbx_struct_oper_list.matrix[2][3]         0.0000000000 
_pdbx_struct_oper_list.vector[2]            0.0000000000 
_pdbx_struct_oper_list.matrix[3][1]         0.0000000000 
_pdbx_struct_oper_list.matrix[3][2]         0.0000000000 
_pdbx_struct_oper_list.matrix[3][3]         1.0000000000 
_pdbx_struct_oper_list.vector[3]            0.0000000000 
# 
loop_
_struct_conf.conf_type_id 
_struct_conf.id 
_struct_conf.pdbx_PDB_helix_id 
_struct_conf.beg_label_comp_id 
_struct_conf.beg_label_asym_id 
_struct_conf.beg_label_seq_id 
_struct_conf.pdbx_beg_PDB_ins_code 
_struct_conf.end_label_comp_id 
_struct_conf.end_label_asym_id 
_struct_conf.end_label_seq_id 
_struct_conf.pdbx_end_PDB_ins_code 
_struct_conf.beg_auth_comp_id 
_struct_conf.beg_auth_asym_id 
_struct_conf.beg_auth_seq_id 
_struct_conf.end_auth_comp_id 
_struct_conf.end_auth_asym_id 
_struct_conf.end_auth_seq_id 
_struct_conf.pdbx_PDB_helix_class 
_struct_conf.details 
_struct_conf.pdbx_PDB_helix_length 
HELX_P HELX_P1  1  HIS A 4   ? ALA A 10  ? HIS B 2   ALA B 8   1 ? 7  
HELX_P HELX_P2  2  ALA A 10  ? LYS A 21  ? ALA B 8   LYS B 19  1 ? 12 
HELX_P HELX_P3  3  LYS A 21  ? TYR A 36  ? LYS B 19  TYR B 34  1 ? 16 
HELX_P HELX_P4  4  SER A 39  ? GLN A 51  ? SER B 37  GLN B 49  1 ? 13 
HELX_P HELX_P5  5  ARG A 52  ? LEU A 55  ? ARG B 50  LEU B 53  5 ? 4  
HELX_P HELX_P6  6  ASP A 56  ? SER A 65  ? ASP B 54  SER B 63  1 ? 10 
HELX_P HELX_P7  7  GLU A 68  ? GLN A 81  ? GLU B 66  GLN B 79  1 ? 14 
HELX_P HELX_P8  8  SER A 88  ? PHE A 100 ? SER B 86  PHE B 98  1 ? 13 
HELX_P HELX_P9  9  GLU A 105 ? ASN A 124 ? GLU B 103 ASN B 122 1 ? 20 
HELX_P HELX_P10 10 ASN A 130 ? LEU A 148 ? ASN B 128 LEU B 146 1 ? 19 
HELX_P HELX_P11 11 PRO A 154 ? LYS A 158 ? PRO B 152 LYS B 156 5 ? 5  
HELX_P HELX_P12 12 THR A 160 ? LEU A 168 ? THR B 158 LEU B 166 1 ? 9  
HELX_P HELX_P13 13 ASP A 178 ? LYS A 192 ? ASP B 176 LYS B 190 1 ? 15 
# 
_struct_conf_type.id          HELX_P 
_struct_conf_type.criteria    ? 
_struct_conf_type.reference   ? 
# 
loop_
_struct_conn.id 
_struct_conn.conn_type_id 
_struct_conn.pdbx_leaving_atom_flag 
_struct_conn.pdbx_PDB_id 
_struct_conn.ptnr1_label_asym_id 
_struct_conn.ptnr1_label_comp_id 
_struct_conn.ptnr1_label_seq_id 
_struct_conn.ptnr1_label_atom_id 
_struct_conn.pdbx_ptnr1_label_alt_id 
_struct_conn.pdbx_ptnr1_PDB_ins_code 
_struct_conn.pdbx_ptnr1_standard_comp_id 
_struct_conn.ptnr1_symmetry 
_struct_conn.ptnr2_label_asym_id 
_struct_conn.ptnr2_label_comp_id 
_struct_conn.ptnr2_label_seq_id 
_struct_conn.ptnr2_label_atom_id 
_struct_conn.pdbx_ptnr2_label_alt_id 
_struct_conn.pdbx_ptnr2_PDB_ins_code 
_struct_conn.ptnr1_auth_asym_id 
_struct_conn.ptnr1_auth_comp_id 
_struct_conn.ptnr1_auth_seq_id 
_struct_conn.ptnr2_auth_asym_id 
_struct_conn.ptnr2_auth_comp_id 
_struct_conn.ptnr2_auth_seq_id 
_struct_conn.ptnr2_symmetry 
_struct_conn.pdbx_ptnr3_label_atom_id 
_struct_conn.pdbx_ptnr3_label_seq_id 
_struct_conn.pdbx_ptnr3_label_comp_id 
_struct_conn.pdbx_ptnr3_label_asym_id 
_struct_conn.pdbx_ptnr3_label_alt_id 
_struct_conn.pdbx_ptnr3_PDB_ins_code 
_struct_conn.details 
_struct_conn.pdbx_dist_value 
_struct_conn.pdbx_value_order 
_struct_conn.pdbx_role 
covale1 covale both ? A GLN 81  C ? ? ? 1_555 A MSE 82  N ? ? B GLN 79  B MSE 80  1_555 ? ? ? ? ? ? ? 1.329 ? ? 
covale2 covale both ? A MSE 82  C ? ? ? 1_555 A ASN 83  N ? ? B MSE 80  B ASN 81  1_555 ? ? ? ? ? ? ? 1.325 ? ? 
covale3 covale both ? A ILE 142 C ? ? ? 1_555 A MSE 143 N ? ? B ILE 140 B MSE 141 1_555 ? ? ? ? ? ? ? 1.328 ? ? 
covale4 covale both ? A MSE 143 C ? ? ? 1_555 A LEU 144 N ? ? B MSE 141 B LEU 142 1_555 ? ? ? ? ? ? ? 1.328 ? ? 
covale5 covale both ? A LYS 158 C ? ? ? 1_555 A MSE 159 N ? ? B LYS 156 B MSE 157 1_555 ? ? ? ? ? ? ? 1.329 ? ? 
covale6 covale both ? A MSE 159 C ? ? ? 1_555 A THR 160 N ? ? B MSE 157 B THR 158 1_555 ? ? ? ? ? ? ? 1.329 ? ? 
# 
_struct_conn_type.id          covale 
_struct_conn_type.criteria    ? 
_struct_conn_type.reference   ? 
# 
loop_
_pdbx_modification_feature.ordinal 
_pdbx_modification_feature.label_comp_id 
_pdbx_modification_feature.label_asym_id 
_pdbx_modification_feature.label_seq_id 
_pdbx_modification_feature.label_alt_id 
_pdbx_modification_feature.modified_residue_label_comp_id 
_pdbx_modification_feature.modified_residue_label_asym_id 
_pdbx_modification_feature.modified_residue_label_seq_id 
_pdbx_modification_feature.modified_residue_label_alt_id 
_pdbx_modification_feature.auth_comp_id 
_pdbx_modification_feature.auth_asym_id 
_pdbx_modification_feature.auth_seq_id 
_pdbx_modification_feature.PDB_ins_code 
_pdbx_modification_feature.symmetry 
_pdbx_modification_feature.modified_residue_auth_comp_id 
_pdbx_modification_feature.modified_residue_auth_asym_id 
_pdbx_modification_feature.modified_residue_auth_seq_id 
_pdbx_modification_feature.modified_residue_PDB_ins_code 
_pdbx_modification_feature.modified_residue_symmetry 
_pdbx_modification_feature.comp_id_linking_atom 
_pdbx_modification_feature.modified_residue_id_linking_atom 
_pdbx_modification_feature.modified_residue_id 
_pdbx_modification_feature.ref_pcm_id 
_pdbx_modification_feature.ref_comp_id 
_pdbx_modification_feature.type 
_pdbx_modification_feature.category 
1 MSE A 82  ? . . . . MSE B 80  ? 1_555 . . . . . . . MET 1 MSE Selenomethionine 'Named protein modification' 
2 MSE A 143 ? . . . . MSE B 141 ? 1_555 . . . . . . . MET 1 MSE Selenomethionine 'Named protein modification' 
3 MSE A 159 ? . . . . MSE B 157 ? 1_555 . . . . . . . MET 1 MSE Selenomethionine 'Named protein modification' 
# 
_pdbx_entry_details.entry_id                   1XT0 
_pdbx_entry_details.compound_details           ? 
_pdbx_entry_details.source_details             ? 
_pdbx_entry_details.nonpolymer_details         ? 
_pdbx_entry_details.sequence_details           ? 
_pdbx_entry_details.has_ligand_of_interest     ? 
_pdbx_entry_details.has_protein_modification   Y 
# 
_pdbx_validate_rmsd_angle.id                         1 
_pdbx_validate_rmsd_angle.PDB_model_num              1 
_pdbx_validate_rmsd_angle.auth_atom_id_1             N 
_pdbx_validate_rmsd_angle.auth_asym_id_1             B 
_pdbx_validate_rmsd_angle.auth_comp_id_1             LYS 
_pdbx_validate_rmsd_angle.auth_seq_id_1              99 
_pdbx_validate_rmsd_angle.PDB_ins_code_1             ? 
_pdbx_validate_rmsd_angle.label_alt_id_1             ? 
_pdbx_validate_rmsd_angle.auth_atom_id_2             CA 
_pdbx_validate_rmsd_angle.auth_asym_id_2             B 
_pdbx_validate_rmsd_angle.auth_comp_id_2             LYS 
_pdbx_validate_rmsd_angle.auth_seq_id_2              99 
_pdbx_validate_rmsd_angle.PDB_ins_code_2             ? 
_pdbx_validate_rmsd_angle.label_alt_id_2             ? 
_pdbx_validate_rmsd_angle.auth_atom_id_3             C 
_pdbx_validate_rmsd_angle.auth_asym_id_3             B 
_pdbx_validate_rmsd_angle.auth_comp_id_3             LYS 
_pdbx_validate_rmsd_angle.auth_seq_id_3              99 
_pdbx_validate_rmsd_angle.PDB_ins_code_3             ? 
_pdbx_validate_rmsd_angle.label_alt_id_3             ? 
_pdbx_validate_rmsd_angle.angle_value                93.60 
_pdbx_validate_rmsd_angle.angle_target_value         111.00 
_pdbx_validate_rmsd_angle.angle_deviation            -17.40 
_pdbx_validate_rmsd_angle.angle_standard_deviation   2.70 
_pdbx_validate_rmsd_angle.linker_flag                N 
# 
loop_
_pdbx_validate_torsion.id 
_pdbx_validate_torsion.PDB_model_num 
_pdbx_validate_torsion.auth_comp_id 
_pdbx_validate_torsion.auth_asym_id 
_pdbx_validate_torsion.auth_seq_id 
_pdbx_validate_torsion.PDB_ins_code 
_pdbx_validate_torsion.label_alt_id 
_pdbx_validate_torsion.phi 
_pdbx_validate_torsion.psi 
1 1 GLN B 85  ? ? 173.86  123.87  
2 1 ASN B 122 ? ? -142.49 59.22   
3 1 ASN B 170 ? ? -103.93 69.07   
4 1 LYS B 198 ? ? -87.54  -159.63 
# 
loop_
_pdbx_struct_mod_residue.id 
_pdbx_struct_mod_residue.label_asym_id 
_pdbx_struct_mod_residue.label_comp_id 
_pdbx_struct_mod_residue.label_seq_id 
_pdbx_struct_mod_residue.auth_asym_id 
_pdbx_struct_mod_residue.auth_comp_id 
_pdbx_struct_mod_residue.auth_seq_id 
_pdbx_struct_mod_residue.PDB_ins_code 
_pdbx_struct_mod_residue.parent_comp_id 
_pdbx_struct_mod_residue.details 
1 A MSE 82  B MSE 80  ? MET SELENOMETHIONINE 
2 A MSE 143 B MSE 141 ? MET SELENOMETHIONINE 
3 A MSE 159 B MSE 157 ? MET SELENOMETHIONINE 
# 
loop_
_chem_comp_atom.comp_id 
_chem_comp_atom.atom_id 
_chem_comp_atom.type_symbol 
_chem_comp_atom.pdbx_aromatic_flag 
_chem_comp_atom.pdbx_stereo_config 
_chem_comp_atom.pdbx_ordinal 
ALA N    N  N N 1   
ALA CA   C  N S 2   
ALA C    C  N N 3   
ALA O    O  N N 4   
ALA CB   C  N N 5   
ALA OXT  O  N N 6   
ALA H    H  N N 7   
ALA H2   H  N N 8   
ALA HA   H  N N 9   
ALA HB1  H  N N 10  
ALA HB2  H  N N 11  
ALA HB3  H  N N 12  
ALA HXT  H  N N 13  
ARG N    N  N N 14  
ARG CA   C  N S 15  
ARG C    C  N N 16  
ARG O    O  N N 17  
ARG CB   C  N N 18  
ARG CG   C  N N 19  
ARG CD   C  N N 20  
ARG NE   N  N N 21  
ARG CZ   C  N N 22  
ARG NH1  N  N N 23  
ARG NH2  N  N N 24  
ARG OXT  O  N N 25  
ARG H    H  N N 26  
ARG H2   H  N N 27  
ARG HA   H  N N 28  
ARG HB2  H  N N 29  
ARG HB3  H  N N 30  
ARG HG2  H  N N 31  
ARG HG3  H  N N 32  
ARG HD2  H  N N 33  
ARG HD3  H  N N 34  
ARG HE   H  N N 35  
ARG HH11 H  N N 36  
ARG HH12 H  N N 37  
ARG HH21 H  N N 38  
ARG HH22 H  N N 39  
ARG HXT  H  N N 40  
ASN N    N  N N 41  
ASN CA   C  N S 42  
ASN C    C  N N 43  
ASN O    O  N N 44  
ASN CB   C  N N 45  
ASN CG   C  N N 46  
ASN OD1  O  N N 47  
ASN ND2  N  N N 48  
ASN OXT  O  N N 49  
ASN H    H  N N 50  
ASN H2   H  N N 51  
ASN HA   H  N N 52  
ASN HB2  H  N N 53  
ASN HB3  H  N N 54  
ASN HD21 H  N N 55  
ASN HD22 H  N N 56  
ASN HXT  H  N N 57  
ASP N    N  N N 58  
ASP CA   C  N S 59  
ASP C    C  N N 60  
ASP O    O  N N 61  
ASP CB   C  N N 62  
ASP CG   C  N N 63  
ASP OD1  O  N N 64  
ASP OD2  O  N N 65  
ASP OXT  O  N N 66  
ASP H    H  N N 67  
ASP H2   H  N N 68  
ASP HA   H  N N 69  
ASP HB2  H  N N 70  
ASP HB3  H  N N 71  
ASP HD2  H  N N 72  
ASP HXT  H  N N 73  
CYS N    N  N N 74  
CYS CA   C  N R 75  
CYS C    C  N N 76  
CYS O    O  N N 77  
CYS CB   C  N N 78  
CYS SG   S  N N 79  
CYS OXT  O  N N 80  
CYS H    H  N N 81  
CYS H2   H  N N 82  
CYS HA   H  N N 83  
CYS HB2  H  N N 84  
CYS HB3  H  N N 85  
CYS HG   H  N N 86  
CYS HXT  H  N N 87  
GLN N    N  N N 88  
GLN CA   C  N S 89  
GLN C    C  N N 90  
GLN O    O  N N 91  
GLN CB   C  N N 92  
GLN CG   C  N N 93  
GLN CD   C  N N 94  
GLN OE1  O  N N 95  
GLN NE2  N  N N 96  
GLN OXT  O  N N 97  
GLN H    H  N N 98  
GLN H2   H  N N 99  
GLN HA   H  N N 100 
GLN HB2  H  N N 101 
GLN HB3  H  N N 102 
GLN HG2  H  N N 103 
GLN HG3  H  N N 104 
GLN HE21 H  N N 105 
GLN HE22 H  N N 106 
GLN HXT  H  N N 107 
GLU N    N  N N 108 
GLU CA   C  N S 109 
GLU C    C  N N 110 
GLU O    O  N N 111 
GLU CB   C  N N 112 
GLU CG   C  N N 113 
GLU CD   C  N N 114 
GLU OE1  O  N N 115 
GLU OE2  O  N N 116 
GLU OXT  O  N N 117 
GLU H    H  N N 118 
GLU H2   H  N N 119 
GLU HA   H  N N 120 
GLU HB2  H  N N 121 
GLU HB3  H  N N 122 
GLU HG2  H  N N 123 
GLU HG3  H  N N 124 
GLU HE2  H  N N 125 
GLU HXT  H  N N 126 
GLY N    N  N N 127 
GLY CA   C  N N 128 
GLY C    C  N N 129 
GLY O    O  N N 130 
GLY OXT  O  N N 131 
GLY H    H  N N 132 
GLY H2   H  N N 133 
GLY HA2  H  N N 134 
GLY HA3  H  N N 135 
GLY HXT  H  N N 136 
HIS N    N  N N 137 
HIS CA   C  N S 138 
HIS C    C  N N 139 
HIS O    O  N N 140 
HIS CB   C  N N 141 
HIS CG   C  Y N 142 
HIS ND1  N  Y N 143 
HIS CD2  C  Y N 144 
HIS CE1  C  Y N 145 
HIS NE2  N  Y N 146 
HIS OXT  O  N N 147 
HIS H    H  N N 148 
HIS H2   H  N N 149 
HIS HA   H  N N 150 
HIS HB2  H  N N 151 
HIS HB3  H  N N 152 
HIS HD1  H  N N 153 
HIS HD2  H  N N 154 
HIS HE1  H  N N 155 
HIS HE2  H  N N 156 
HIS HXT  H  N N 157 
HOH O    O  N N 158 
HOH H1   H  N N 159 
HOH H2   H  N N 160 
ILE N    N  N N 161 
ILE CA   C  N S 162 
ILE C    C  N N 163 
ILE O    O  N N 164 
ILE CB   C  N S 165 
ILE CG1  C  N N 166 
ILE CG2  C  N N 167 
ILE CD1  C  N N 168 
ILE OXT  O  N N 169 
ILE H    H  N N 170 
ILE H2   H  N N 171 
ILE HA   H  N N 172 
ILE HB   H  N N 173 
ILE HG12 H  N N 174 
ILE HG13 H  N N 175 
ILE HG21 H  N N 176 
ILE HG22 H  N N 177 
ILE HG23 H  N N 178 
ILE HD11 H  N N 179 
ILE HD12 H  N N 180 
ILE HD13 H  N N 181 
ILE HXT  H  N N 182 
LEU N    N  N N 183 
LEU CA   C  N S 184 
LEU C    C  N N 185 
LEU O    O  N N 186 
LEU CB   C  N N 187 
LEU CG   C  N N 188 
LEU CD1  C  N N 189 
LEU CD2  C  N N 190 
LEU OXT  O  N N 191 
LEU H    H  N N 192 
LEU H2   H  N N 193 
LEU HA   H  N N 194 
LEU HB2  H  N N 195 
LEU HB3  H  N N 196 
LEU HG   H  N N 197 
LEU HD11 H  N N 198 
LEU HD12 H  N N 199 
LEU HD13 H  N N 200 
LEU HD21 H  N N 201 
LEU HD22 H  N N 202 
LEU HD23 H  N N 203 
LEU HXT  H  N N 204 
LYS N    N  N N 205 
LYS CA   C  N S 206 
LYS C    C  N N 207 
LYS O    O  N N 208 
LYS CB   C  N N 209 
LYS CG   C  N N 210 
LYS CD   C  N N 211 
LYS CE   C  N N 212 
LYS NZ   N  N N 213 
LYS OXT  O  N N 214 
LYS H    H  N N 215 
LYS H2   H  N N 216 
LYS HA   H  N N 217 
LYS HB2  H  N N 218 
LYS HB3  H  N N 219 
LYS HG2  H  N N 220 
LYS HG3  H  N N 221 
LYS HD2  H  N N 222 
LYS HD3  H  N N 223 
LYS HE2  H  N N 224 
LYS HE3  H  N N 225 
LYS HZ1  H  N N 226 
LYS HZ2  H  N N 227 
LYS HZ3  H  N N 228 
LYS HXT  H  N N 229 
MET N    N  N N 230 
MET CA   C  N S 231 
MET C    C  N N 232 
MET O    O  N N 233 
MET CB   C  N N 234 
MET CG   C  N N 235 
MET SD   S  N N 236 
MET CE   C  N N 237 
MET OXT  O  N N 238 
MET H    H  N N 239 
MET H2   H  N N 240 
MET HA   H  N N 241 
MET HB2  H  N N 242 
MET HB3  H  N N 243 
MET HG2  H  N N 244 
MET HG3  H  N N 245 
MET HE1  H  N N 246 
MET HE2  H  N N 247 
MET HE3  H  N N 248 
MET HXT  H  N N 249 
MSE N    N  N N 250 
MSE CA   C  N S 251 
MSE C    C  N N 252 
MSE O    O  N N 253 
MSE OXT  O  N N 254 
MSE CB   C  N N 255 
MSE CG   C  N N 256 
MSE SE   SE N N 257 
MSE CE   C  N N 258 
MSE H    H  N N 259 
MSE H2   H  N N 260 
MSE HA   H  N N 261 
MSE HXT  H  N N 262 
MSE HB2  H  N N 263 
MSE HB3  H  N N 264 
MSE HG2  H  N N 265 
MSE HG3  H  N N 266 
MSE HE1  H  N N 267 
MSE HE2  H  N N 268 
MSE HE3  H  N N 269 
PHE N    N  N N 270 
PHE CA   C  N S 271 
PHE C    C  N N 272 
PHE O    O  N N 273 
PHE CB   C  N N 274 
PHE CG   C  Y N 275 
PHE CD1  C  Y N 276 
PHE CD2  C  Y N 277 
PHE CE1  C  Y N 278 
PHE CE2  C  Y N 279 
PHE CZ   C  Y N 280 
PHE OXT  O  N N 281 
PHE H    H  N N 282 
PHE H2   H  N N 283 
PHE HA   H  N N 284 
PHE HB2  H  N N 285 
PHE HB3  H  N N 286 
PHE HD1  H  N N 287 
PHE HD2  H  N N 288 
PHE HE1  H  N N 289 
PHE HE2  H  N N 290 
PHE HZ   H  N N 291 
PHE HXT  H  N N 292 
PRO N    N  N N 293 
PRO CA   C  N S 294 
PRO C    C  N N 295 
PRO O    O  N N 296 
PRO CB   C  N N 297 
PRO CG   C  N N 298 
PRO CD   C  N N 299 
PRO OXT  O  N N 300 
PRO H    H  N N 301 
PRO HA   H  N N 302 
PRO HB2  H  N N 303 
PRO HB3  H  N N 304 
PRO HG2  H  N N 305 
PRO HG3  H  N N 306 
PRO HD2  H  N N 307 
PRO HD3  H  N N 308 
PRO HXT  H  N N 309 
SER N    N  N N 310 
SER CA   C  N S 311 
SER C    C  N N 312 
SER O    O  N N 313 
SER CB   C  N N 314 
SER OG   O  N N 315 
SER OXT  O  N N 316 
SER H    H  N N 317 
SER H2   H  N N 318 
SER HA   H  N N 319 
SER HB2  H  N N 320 
SER HB3  H  N N 321 
SER HG   H  N N 322 
SER HXT  H  N N 323 
THR N    N  N N 324 
THR CA   C  N S 325 
THR C    C  N N 326 
THR O    O  N N 327 
THR CB   C  N R 328 
THR OG1  O  N N 329 
THR CG2  C  N N 330 
THR OXT  O  N N 331 
THR H    H  N N 332 
THR H2   H  N N 333 
THR HA   H  N N 334 
THR HB   H  N N 335 
THR HG1  H  N N 336 
THR HG21 H  N N 337 
THR HG22 H  N N 338 
THR HG23 H  N N 339 
THR HXT  H  N N 340 
TYR N    N  N N 341 
TYR CA   C  N S 342 
TYR C    C  N N 343 
TYR O    O  N N 344 
TYR CB   C  N N 345 
TYR CG   C  Y N 346 
TYR CD1  C  Y N 347 
TYR CD2  C  Y N 348 
TYR CE1  C  Y N 349 
TYR CE2  C  Y N 350 
TYR CZ   C  Y N 351 
TYR OH   O  N N 352 
TYR OXT  O  N N 353 
TYR H    H  N N 354 
TYR H2   H  N N 355 
TYR HA   H  N N 356 
TYR HB2  H  N N 357 
TYR HB3  H  N N 358 
TYR HD1  H  N N 359 
TYR HD2  H  N N 360 
TYR HE1  H  N N 361 
TYR HE2  H  N N 362 
TYR HH   H  N N 363 
TYR HXT  H  N N 364 
VAL N    N  N N 365 
VAL CA   C  N S 366 
VAL C    C  N N 367 
VAL O    O  N N 368 
VAL CB   C  N N 369 
VAL CG1  C  N N 370 
VAL CG2  C  N N 371 
VAL OXT  O  N N 372 
VAL H    H  N N 373 
VAL H2   H  N N 374 
VAL HA   H  N N 375 
VAL HB   H  N N 376 
VAL HG11 H  N N 377 
VAL HG12 H  N N 378 
VAL HG13 H  N N 379 
VAL HG21 H  N N 380 
VAL HG22 H  N N 381 
VAL HG23 H  N N 382 
VAL HXT  H  N N 383 
# 
loop_
_chem_comp_bond.comp_id 
_chem_comp_bond.atom_id_1 
_chem_comp_bond.atom_id_2 
_chem_comp_bond.value_order 
_chem_comp_bond.pdbx_aromatic_flag 
_chem_comp_bond.pdbx_stereo_config 
_chem_comp_bond.pdbx_ordinal 
ALA N   CA   sing N N 1   
ALA N   H    sing N N 2   
ALA N   H2   sing N N 3   
ALA CA  C    sing N N 4   
ALA CA  CB   sing N N 5   
ALA CA  HA   sing N N 6   
ALA C   O    doub N N 7   
ALA C   OXT  sing N N 8   
ALA CB  HB1  sing N N 9   
ALA CB  HB2  sing N N 10  
ALA CB  HB3  sing N N 11  
ALA OXT HXT  sing N N 12  
ARG N   CA   sing N N 13  
ARG N   H    sing N N 14  
ARG N   H2   sing N N 15  
ARG CA  C    sing N N 16  
ARG CA  CB   sing N N 17  
ARG CA  HA   sing N N 18  
ARG C   O    doub N N 19  
ARG C   OXT  sing N N 20  
ARG CB  CG   sing N N 21  
ARG CB  HB2  sing N N 22  
ARG CB  HB3  sing N N 23  
ARG CG  CD   sing N N 24  
ARG CG  HG2  sing N N 25  
ARG CG  HG3  sing N N 26  
ARG CD  NE   sing N N 27  
ARG CD  HD2  sing N N 28  
ARG CD  HD3  sing N N 29  
ARG NE  CZ   sing N N 30  
ARG NE  HE   sing N N 31  
ARG CZ  NH1  sing N N 32  
ARG CZ  NH2  doub N N 33  
ARG NH1 HH11 sing N N 34  
ARG NH1 HH12 sing N N 35  
ARG NH2 HH21 sing N N 36  
ARG NH2 HH22 sing N N 37  
ARG OXT HXT  sing N N 38  
ASN N   CA   sing N N 39  
ASN N   H    sing N N 40  
ASN N   H2   sing N N 41  
ASN CA  C    sing N N 42  
ASN CA  CB   sing N N 43  
ASN CA  HA   sing N N 44  
ASN C   O    doub N N 45  
ASN C   OXT  sing N N 46  
ASN CB  CG   sing N N 47  
ASN CB  HB2  sing N N 48  
ASN CB  HB3  sing N N 49  
ASN CG  OD1  doub N N 50  
ASN CG  ND2  sing N N 51  
ASN ND2 HD21 sing N N 52  
ASN ND2 HD22 sing N N 53  
ASN OXT HXT  sing N N 54  
ASP N   CA   sing N N 55  
ASP N   H    sing N N 56  
ASP N   H2   sing N N 57  
ASP CA  C    sing N N 58  
ASP CA  CB   sing N N 59  
ASP CA  HA   sing N N 60  
ASP C   O    doub N N 61  
ASP C   OXT  sing N N 62  
ASP CB  CG   sing N N 63  
ASP CB  HB2  sing N N 64  
ASP CB  HB3  sing N N 65  
ASP CG  OD1  doub N N 66  
ASP CG  OD2  sing N N 67  
ASP OD2 HD2  sing N N 68  
ASP OXT HXT  sing N N 69  
CYS N   CA   sing N N 70  
CYS N   H    sing N N 71  
CYS N   H2   sing N N 72  
CYS CA  C    sing N N 73  
CYS CA  CB   sing N N 74  
CYS CA  HA   sing N N 75  
CYS C   O    doub N N 76  
CYS C   OXT  sing N N 77  
CYS CB  SG   sing N N 78  
CYS CB  HB2  sing N N 79  
CYS CB  HB3  sing N N 80  
CYS SG  HG   sing N N 81  
CYS OXT HXT  sing N N 82  
GLN N   CA   sing N N 83  
GLN N   H    sing N N 84  
GLN N   H2   sing N N 85  
GLN CA  C    sing N N 86  
GLN CA  CB   sing N N 87  
GLN CA  HA   sing N N 88  
GLN C   O    doub N N 89  
GLN C   OXT  sing N N 90  
GLN CB  CG   sing N N 91  
GLN CB  HB2  sing N N 92  
GLN CB  HB3  sing N N 93  
GLN CG  CD   sing N N 94  
GLN CG  HG2  sing N N 95  
GLN CG  HG3  sing N N 96  
GLN CD  OE1  doub N N 97  
GLN CD  NE2  sing N N 98  
GLN NE2 HE21 sing N N 99  
GLN NE2 HE22 sing N N 100 
GLN OXT HXT  sing N N 101 
GLU N   CA   sing N N 102 
GLU N   H    sing N N 103 
GLU N   H2   sing N N 104 
GLU CA  C    sing N N 105 
GLU CA  CB   sing N N 106 
GLU CA  HA   sing N N 107 
GLU C   O    doub N N 108 
GLU C   OXT  sing N N 109 
GLU CB  CG   sing N N 110 
GLU CB  HB2  sing N N 111 
GLU CB  HB3  sing N N 112 
GLU CG  CD   sing N N 113 
GLU CG  HG2  sing N N 114 
GLU CG  HG3  sing N N 115 
GLU CD  OE1  doub N N 116 
GLU CD  OE2  sing N N 117 
GLU OE2 HE2  sing N N 118 
GLU OXT HXT  sing N N 119 
GLY N   CA   sing N N 120 
GLY N   H    sing N N 121 
GLY N   H2   sing N N 122 
GLY CA  C    sing N N 123 
GLY CA  HA2  sing N N 124 
GLY CA  HA3  sing N N 125 
GLY C   O    doub N N 126 
GLY C   OXT  sing N N 127 
GLY OXT HXT  sing N N 128 
HIS N   CA   sing N N 129 
HIS N   H    sing N N 130 
HIS N   H2   sing N N 131 
HIS CA  C    sing N N 132 
HIS CA  CB   sing N N 133 
HIS CA  HA   sing N N 134 
HIS C   O    doub N N 135 
HIS C   OXT  sing N N 136 
HIS CB  CG   sing N N 137 
HIS CB  HB2  sing N N 138 
HIS CB  HB3  sing N N 139 
HIS CG  ND1  sing Y N 140 
HIS CG  CD2  doub Y N 141 
HIS ND1 CE1  doub Y N 142 
HIS ND1 HD1  sing N N 143 
HIS CD2 NE2  sing Y N 144 
HIS CD2 HD2  sing N N 145 
HIS CE1 NE2  sing Y N 146 
HIS CE1 HE1  sing N N 147 
HIS NE2 HE2  sing N N 148 
HIS OXT HXT  sing N N 149 
HOH O   H1   sing N N 150 
HOH O   H2   sing N N 151 
ILE N   CA   sing N N 152 
ILE N   H    sing N N 153 
ILE N   H2   sing N N 154 
ILE CA  C    sing N N 155 
ILE CA  CB   sing N N 156 
ILE CA  HA   sing N N 157 
ILE C   O    doub N N 158 
ILE C   OXT  sing N N 159 
ILE CB  CG1  sing N N 160 
ILE CB  CG2  sing N N 161 
ILE CB  HB   sing N N 162 
ILE CG1 CD1  sing N N 163 
ILE CG1 HG12 sing N N 164 
ILE CG1 HG13 sing N N 165 
ILE CG2 HG21 sing N N 166 
ILE CG2 HG22 sing N N 167 
ILE CG2 HG23 sing N N 168 
ILE CD1 HD11 sing N N 169 
ILE CD1 HD12 sing N N 170 
ILE CD1 HD13 sing N N 171 
ILE OXT HXT  sing N N 172 
LEU N   CA   sing N N 173 
LEU N   H    sing N N 174 
LEU N   H2   sing N N 175 
LEU CA  C    sing N N 176 
LEU CA  CB   sing N N 177 
LEU CA  HA   sing N N 178 
LEU C   O    doub N N 179 
LEU C   OXT  sing N N 180 
LEU CB  CG   sing N N 181 
LEU CB  HB2  sing N N 182 
LEU CB  HB3  sing N N 183 
LEU CG  CD1  sing N N 184 
LEU CG  CD2  sing N N 185 
LEU CG  HG   sing N N 186 
LEU CD1 HD11 sing N N 187 
LEU CD1 HD12 sing N N 188 
LEU CD1 HD13 sing N N 189 
LEU CD2 HD21 sing N N 190 
LEU CD2 HD22 sing N N 191 
LEU CD2 HD23 sing N N 192 
LEU OXT HXT  sing N N 193 
LYS N   CA   sing N N 194 
LYS N   H    sing N N 195 
LYS N   H2   sing N N 196 
LYS CA  C    sing N N 197 
LYS CA  CB   sing N N 198 
LYS CA  HA   sing N N 199 
LYS C   O    doub N N 200 
LYS C   OXT  sing N N 201 
LYS CB  CG   sing N N 202 
LYS CB  HB2  sing N N 203 
LYS CB  HB3  sing N N 204 
LYS CG  CD   sing N N 205 
LYS CG  HG2  sing N N 206 
LYS CG  HG3  sing N N 207 
LYS CD  CE   sing N N 208 
LYS CD  HD2  sing N N 209 
LYS CD  HD3  sing N N 210 
LYS CE  NZ   sing N N 211 
LYS CE  HE2  sing N N 212 
LYS CE  HE3  sing N N 213 
LYS NZ  HZ1  sing N N 214 
LYS NZ  HZ2  sing N N 215 
LYS NZ  HZ3  sing N N 216 
LYS OXT HXT  sing N N 217 
MET N   CA   sing N N 218 
MET N   H    sing N N 219 
MET N   H2   sing N N 220 
MET CA  C    sing N N 221 
MET CA  CB   sing N N 222 
MET CA  HA   sing N N 223 
MET C   O    doub N N 224 
MET C   OXT  sing N N 225 
MET CB  CG   sing N N 226 
MET CB  HB2  sing N N 227 
MET CB  HB3  sing N N 228 
MET CG  SD   sing N N 229 
MET CG  HG2  sing N N 230 
MET CG  HG3  sing N N 231 
MET SD  CE   sing N N 232 
MET CE  HE1  sing N N 233 
MET CE  HE2  sing N N 234 
MET CE  HE3  sing N N 235 
MET OXT HXT  sing N N 236 
MSE N   CA   sing N N 237 
MSE N   H    sing N N 238 
MSE N   H2   sing N N 239 
MSE CA  C    sing N N 240 
MSE CA  CB   sing N N 241 
MSE CA  HA   sing N N 242 
MSE C   O    doub N N 243 
MSE C   OXT  sing N N 244 
MSE OXT HXT  sing N N 245 
MSE CB  CG   sing N N 246 
MSE CB  HB2  sing N N 247 
MSE CB  HB3  sing N N 248 
MSE CG  SE   sing N N 249 
MSE CG  HG2  sing N N 250 
MSE CG  HG3  sing N N 251 
MSE SE  CE   sing N N 252 
MSE CE  HE1  sing N N 253 
MSE CE  HE2  sing N N 254 
MSE CE  HE3  sing N N 255 
PHE N   CA   sing N N 256 
PHE N   H    sing N N 257 
PHE N   H2   sing N N 258 
PHE CA  C    sing N N 259 
PHE CA  CB   sing N N 260 
PHE CA  HA   sing N N 261 
PHE C   O    doub N N 262 
PHE C   OXT  sing N N 263 
PHE CB  CG   sing N N 264 
PHE CB  HB2  sing N N 265 
PHE CB  HB3  sing N N 266 
PHE CG  CD1  doub Y N 267 
PHE CG  CD2  sing Y N 268 
PHE CD1 CE1  sing Y N 269 
PHE CD1 HD1  sing N N 270 
PHE CD2 CE2  doub Y N 271 
PHE CD2 HD2  sing N N 272 
PHE CE1 CZ   doub Y N 273 
PHE CE1 HE1  sing N N 274 
PHE CE2 CZ   sing Y N 275 
PHE CE2 HE2  sing N N 276 
PHE CZ  HZ   sing N N 277 
PHE OXT HXT  sing N N 278 
PRO N   CA   sing N N 279 
PRO N   CD   sing N N 280 
PRO N   H    sing N N 281 
PRO CA  C    sing N N 282 
PRO CA  CB   sing N N 283 
PRO CA  HA   sing N N 284 
PRO C   O    doub N N 285 
PRO C   OXT  sing N N 286 
PRO CB  CG   sing N N 287 
PRO CB  HB2  sing N N 288 
PRO CB  HB3  sing N N 289 
PRO CG  CD   sing N N 290 
PRO CG  HG2  sing N N 291 
PRO CG  HG3  sing N N 292 
PRO CD  HD2  sing N N 293 
PRO CD  HD3  sing N N 294 
PRO OXT HXT  sing N N 295 
SER N   CA   sing N N 296 
SER N   H    sing N N 297 
SER N   H2   sing N N 298 
SER CA  C    sing N N 299 
SER CA  CB   sing N N 300 
SER CA  HA   sing N N 301 
SER C   O    doub N N 302 
SER C   OXT  sing N N 303 
SER CB  OG   sing N N 304 
SER CB  HB2  sing N N 305 
SER CB  HB3  sing N N 306 
SER OG  HG   sing N N 307 
SER OXT HXT  sing N N 308 
THR N   CA   sing N N 309 
THR N   H    sing N N 310 
THR N   H2   sing N N 311 
THR CA  C    sing N N 312 
THR CA  CB   sing N N 313 
THR CA  HA   sing N N 314 
THR C   O    doub N N 315 
THR C   OXT  sing N N 316 
THR CB  OG1  sing N N 317 
THR CB  CG2  sing N N 318 
THR CB  HB   sing N N 319 
THR OG1 HG1  sing N N 320 
THR CG2 HG21 sing N N 321 
THR CG2 HG22 sing N N 322 
THR CG2 HG23 sing N N 323 
THR OXT HXT  sing N N 324 
TYR N   CA   sing N N 325 
TYR N   H    sing N N 326 
TYR N   H2   sing N N 327 
TYR CA  C    sing N N 328 
TYR CA  CB   sing N N 329 
TYR CA  HA   sing N N 330 
TYR C   O    doub N N 331 
TYR C   OXT  sing N N 332 
TYR CB  CG   sing N N 333 
TYR CB  HB2  sing N N 334 
TYR CB  HB3  sing N N 335 
TYR CG  CD1  doub Y N 336 
TYR CG  CD2  sing Y N 337 
TYR CD1 CE1  sing Y N 338 
TYR CD1 HD1  sing N N 339 
TYR CD2 CE2  doub Y N 340 
TYR CD2 HD2  sing N N 341 
TYR CE1 CZ   doub Y N 342 
TYR CE1 HE1  sing N N 343 
TYR CE2 CZ   sing Y N 344 
TYR CE2 HE2  sing N N 345 
TYR CZ  OH   sing N N 346 
TYR OH  HH   sing N N 347 
TYR OXT HXT  sing N N 348 
VAL N   CA   sing N N 349 
VAL N   H    sing N N 350 
VAL N   H2   sing N N 351 
VAL CA  C    sing N N 352 
VAL CA  CB   sing N N 353 
VAL CA  HA   sing N N 354 
VAL C   O    doub N N 355 
VAL C   OXT  sing N N 356 
VAL CB  CG1  sing N N 357 
VAL CB  CG2  sing N N 358 
VAL CB  HB   sing N N 359 
VAL CG1 HG11 sing N N 360 
VAL CG1 HG12 sing N N 361 
VAL CG1 HG13 sing N N 362 
VAL CG2 HG21 sing N N 363 
VAL CG2 HG22 sing N N 364 
VAL CG2 HG23 sing N N 365 
VAL OXT HXT  sing N N 366 
# 
_pdbx_initial_refinement_model.id               1 
_pdbx_initial_refinement_model.entity_id_list   ? 
_pdbx_initial_refinement_model.type             'experimental model' 
_pdbx_initial_refinement_model.source_name      PDB 
_pdbx_initial_refinement_model.accession_code   1XSZ 
_pdbx_initial_refinement_model.details          ? 
# 
_atom_sites.entry_id                    1XT0 
_atom_sites.fract_transf_matrix[1][1]   -0.01448233 
_atom_sites.fract_transf_matrix[1][2]   -0.00277093 
_atom_sites.fract_transf_matrix[1][3]   -0.02003868 
_atom_sites.fract_transf_matrix[2][1]   0.01132129 
_atom_sites.fract_transf_matrix[2][2]   0.01717935 
_atom_sites.fract_transf_matrix[2][3]   -0.01055765 
_atom_sites.fract_transf_matrix[3][1]   0.00594868 
_atom_sites.fract_transf_matrix[3][2]   -0.00604833 
_atom_sites.fract_transf_matrix[3][3]   -0.00346286 
_atom_sites.fract_transf_vector[1]      -0.204127 
_atom_sites.fract_transf_vector[2]      0.595839 
_atom_sites.fract_transf_vector[3]      0.917400 
# 
loop_
_atom_type.symbol 
C  
N  
O  
S  
SE 
# 
loop_
_atom_site.group_PDB 
_atom_site.id 
_atom_site.type_symbol 
_atom_site.label_atom_id 
_atom_site.label_alt_id 
_atom_site.label_comp_id 
_atom_site.label_asym_id 
_atom_site.label_entity_id 
_atom_site.label_seq_id 
_atom_site.pdbx_PDB_ins_code 
_atom_site.Cartn_x 
_atom_site.Cartn_y 
_atom_site.Cartn_z 
_atom_site.occupancy 
_atom_site.B_iso_or_equiv 
_atom_site.pdbx_formal_charge 
_atom_site.auth_seq_id 
_atom_site.auth_comp_id 
_atom_site.auth_asym_id 
_atom_site.auth_atom_id 
_atom_site.pdbx_PDB_model_num 
ATOM   1    N  N   . GLY A 1 1   ? 6.188   -11.748 13.577  1.00 42.05 ? -1  GLY B N   1 
ATOM   2    C  CA  . GLY A 1 1   ? 6.481   -11.679 12.110  1.00 41.86 ? -1  GLY B CA  1 
ATOM   3    C  C   . GLY A 1 1   ? 7.528   -12.687 11.663  1.00 41.04 ? -1  GLY B C   1 
ATOM   4    O  O   . GLY A 1 1   ? 8.718   -12.360 11.567  1.00 42.54 ? -1  GLY B O   1 
ATOM   5    N  N   . ALA A 1 2   ? 7.090   -13.911 11.379  1.00 37.16 ? 0   ALA B N   1 
ATOM   6    C  CA  . ALA A 1 2   ? 8.008   -14.957 10.944  1.00 34.69 ? 0   ALA B CA  1 
ATOM   7    C  C   . ALA A 1 2   ? 7.334   -15.955 10.005  1.00 32.03 ? 0   ALA B C   1 
ATOM   8    O  O   . ALA A 1 2   ? 6.116   -16.120 10.012  1.00 31.82 ? 0   ALA B O   1 
ATOM   9    C  CB  . ALA A 1 2   ? 8.581   -15.685 12.158  1.00 34.51 ? 0   ALA B CB  1 
ATOM   10   N  N   . SER A 1 3   ? 8.142   -16.608 9.183   1.00 30.01 ? 1   SER B N   1 
ATOM   11   C  CA  . SER A 1 3   ? 7.644   -17.591 8.240   1.00 28.48 ? 1   SER B CA  1 
ATOM   12   C  C   . SER A 1 3   ? 7.653   -18.968 8.887   1.00 27.44 ? 1   SER B C   1 
ATOM   13   O  O   . SER A 1 3   ? 8.358   -19.196 9.875   1.00 27.76 ? 1   SER B O   1 
ATOM   14   C  CB  . SER A 1 3   ? 8.526   -17.611 6.989   1.00 27.15 ? 1   SER B CB  1 
ATOM   15   O  OG  . SER A 1 3   ? 8.424   -16.386 6.288   1.00 30.64 ? 1   SER B OG  1 
ATOM   16   N  N   . HIS A 1 4   ? 6.861   -19.879 8.336   1.00 23.82 ? 2   HIS B N   1 
ATOM   17   C  CA  . HIS A 1 4   ? 6.822   -21.237 8.849   1.00 23.32 ? 2   HIS B CA  1 
ATOM   18   C  C   . HIS A 1 4   ? 8.251   -21.785 8.744   1.00 23.34 ? 2   HIS B C   1 
ATOM   19   O  O   . HIS A 1 4   ? 8.949   -21.538 7.760   1.00 23.15 ? 2   HIS B O   1 
ATOM   20   C  CB  . HIS A 1 4   ? 5.858   -22.081 8.017   1.00 21.80 ? 2   HIS B CB  1 
ATOM   21   C  CG  . HIS A 1 4   ? 5.689   -23.478 8.524   1.00 21.78 ? 2   HIS B CG  1 
ATOM   22   N  ND1 . HIS A 1 4   ? 6.695   -24.422 8.461   1.00 21.59 ? 2   HIS B ND1 1 
ATOM   23   C  CD2 . HIS A 1 4   ? 4.640   -24.087 9.126   1.00 20.87 ? 2   HIS B CD2 1 
ATOM   24   C  CE1 . HIS A 1 4   ? 6.269   -25.547 9.005   1.00 20.82 ? 2   HIS B CE1 1 
ATOM   25   N  NE2 . HIS A 1 4   ? 5.026   -25.371 9.418   1.00 19.65 ? 2   HIS B NE2 1 
ATOM   26   N  N   . PRO A 1 5   ? 8.710   -22.523 9.767   1.00 22.85 ? 3   PRO B N   1 
ATOM   27   C  CA  . PRO A 1 5   ? 10.066  -23.085 9.754   1.00 21.42 ? 3   PRO B CA  1 
ATOM   28   C  C   . PRO A 1 5   ? 10.483  -23.798 8.459   1.00 21.87 ? 3   PRO B C   1 
ATOM   29   O  O   . PRO A 1 5   ? 11.647  -23.737 8.078   1.00 22.25 ? 3   PRO B O   1 
ATOM   30   C  CB  . PRO A 1 5   ? 10.059  -24.018 10.965  1.00 24.23 ? 3   PRO B CB  1 
ATOM   31   C  CG  . PRO A 1 5   ? 9.176   -23.262 11.940  1.00 23.74 ? 3   PRO B CG  1 
ATOM   32   C  CD  . PRO A 1 5   ? 8.020   -22.834 11.035  1.00 21.85 ? 3   PRO B CD  1 
ATOM   33   N  N   . GLU A 1 6   ? 9.547   -24.468 7.791   1.00 21.70 ? 4   GLU B N   1 
ATOM   34   C  CA  . GLU A 1 6   ? 9.863   -25.167 6.540   1.00 21.82 ? 4   GLU B CA  1 
ATOM   35   C  C   . GLU A 1 6   ? 10.116  -24.187 5.393   1.00 21.23 ? 4   GLU B C   1 
ATOM   36   O  O   . GLU A 1 6   ? 10.963  -24.438 4.536   1.00 19.89 ? 4   GLU B O   1 
ATOM   37   C  CB  . GLU A 1 6   ? 8.729   -26.118 6.142   1.00 24.62 ? 4   GLU B CB  1 
ATOM   38   C  CG  . GLU A 1 6   ? 8.548   -27.275 7.093   1.00 30.55 ? 4   GLU B CG  1 
ATOM   39   C  CD  . GLU A 1 6   ? 9.847   -28.011 7.336   1.00 34.94 ? 4   GLU B CD  1 
ATOM   40   O  OE1 . GLU A 1 6   ? 10.526  -28.376 6.349   1.00 36.64 ? 4   GLU B OE1 1 
ATOM   41   O  OE2 . GLU A 1 6   ? 10.191  -28.219 8.515   1.00 39.71 ? 4   GLU B OE2 1 
ATOM   42   N  N   . ILE A 1 7   ? 9.370   -23.084 5.371   1.00 19.23 ? 5   ILE B N   1 
ATOM   43   C  CA  . ILE A 1 7   ? 9.543   -22.070 4.335   1.00 21.42 ? 5   ILE B CA  1 
ATOM   44   C  C   . ILE A 1 7   ? 10.908  -21.445 4.559   1.00 22.06 ? 5   ILE B C   1 
ATOM   45   O  O   . ILE A 1 7   ? 11.665  -21.199 3.619   1.00 21.40 ? 5   ILE B O   1 
ATOM   46   C  CB  . ILE A 1 7   ? 8.455   -20.968 4.429   1.00 19.92 ? 5   ILE B CB  1 
ATOM   47   C  CG1 . ILE A 1 7   ? 7.073   -21.566 4.128   1.00 21.85 ? 5   ILE B CG1 1 
ATOM   48   C  CG2 . ILE A 1 7   ? 8.766   -19.841 3.454   1.00 20.84 ? 5   ILE B CG2 1 
ATOM   49   C  CD1 . ILE A 1 7   ? 6.952   -22.189 2.732   1.00 19.63 ? 5   ILE B CD1 1 
ATOM   50   N  N   . GLU A 1 8   ? 11.211  -21.202 5.828   1.00 24.09 ? 6   GLU B N   1 
ATOM   51   C  CA  . GLU A 1 8   ? 12.483  -20.617 6.236   1.00 26.84 ? 6   GLU B CA  1 
ATOM   52   C  C   . GLU A 1 8   ? 13.669  -21.495 5.780   1.00 27.43 ? 6   GLU B C   1 
ATOM   53   O  O   . GLU A 1 8   ? 14.690  -20.982 5.319   1.00 26.88 ? 6   GLU B O   1 
ATOM   54   C  CB  . GLU A 1 8   ? 12.458  -20.450 7.756   1.00 30.26 ? 6   GLU B CB  1 
ATOM   55   C  CG  . GLU A 1 8   ? 13.693  -19.881 8.409   1.00 34.58 ? 6   GLU B CG  1 
ATOM   56   C  CD  . GLU A 1 8   ? 13.410  -19.474 9.853   1.00 37.49 ? 6   GLU B CD  1 
ATOM   57   O  OE1 . GLU A 1 8   ? 12.897  -18.353 10.066  1.00 39.61 ? 6   GLU B OE1 1 
ATOM   58   O  OE2 . GLU A 1 8   ? 13.676  -20.277 10.771  1.00 35.65 ? 6   GLU B OE2 1 
ATOM   59   N  N   . LYS A 1 9   ? 13.520  -22.814 5.880   1.00 26.16 ? 7   LYS B N   1 
ATOM   60   C  CA  . LYS A 1 9   ? 14.581  -23.732 5.470   1.00 26.76 ? 7   LYS B CA  1 
ATOM   61   C  C   . LYS A 1 9   ? 14.770  -23.794 3.951   1.00 25.08 ? 7   LYS B C   1 
ATOM   62   O  O   . LYS A 1 9   ? 15.873  -24.054 3.466   1.00 24.39 ? 7   LYS B O   1 
ATOM   63   C  CB  . LYS A 1 9   ? 14.285  -25.146 5.975   1.00 29.32 ? 7   LYS B CB  1 
ATOM   64   C  CG  . LYS A 1 9   ? 14.358  -25.313 7.475   1.00 33.59 ? 7   LYS B CG  1 
ATOM   65   C  CD  . LYS A 1 9   ? 14.017  -26.741 7.896   1.00 36.13 ? 7   LYS B CD  1 
ATOM   66   C  CE  . LYS A 1 9   ? 14.974  -27.769 7.304   1.00 38.54 ? 7   LYS B CE  1 
ATOM   67   N  NZ  . LYS A 1 9   ? 14.824  -27.949 5.828   1.00 41.52 ? 7   LYS B NZ  1 
ATOM   68   N  N   . ALA A 1 10  ? 13.689  -23.569 3.210   1.00 21.44 ? 8   ALA B N   1 
ATOM   69   C  CA  . ALA A 1 10  ? 13.737  -23.628 1.756   1.00 20.15 ? 8   ALA B CA  1 
ATOM   70   C  C   . ALA A 1 10  ? 13.795  -22.251 1.101   1.00 19.04 ? 8   ALA B C   1 
ATOM   71   O  O   . ALA A 1 10  ? 13.639  -22.132 -0.112  1.00 19.91 ? 8   ALA B O   1 
ATOM   72   C  CB  . ALA A 1 10  ? 12.520  -24.398 1.245   1.00 19.52 ? 8   ALA B CB  1 
ATOM   73   N  N   . GLN A 1 11  ? 14.030  -21.218 1.900   1.00 21.58 ? 9   GLN B N   1 
ATOM   74   C  CA  . GLN A 1 11  ? 14.083  -19.839 1.400   1.00 22.26 ? 9   GLN B CA  1 
ATOM   75   C  C   . GLN A 1 11  ? 14.984  -19.605 0.188   1.00 22.85 ? 9   GLN B C   1 
ATOM   76   O  O   . GLN A 1 11  ? 14.608  -18.883 -0.736  1.00 22.99 ? 9   GLN B O   1 
ATOM   77   C  CB  . GLN A 1 11  ? 14.488  -18.881 2.530   1.00 22.67 ? 9   GLN B CB  1 
ATOM   78   C  CG  . GLN A 1 11  ? 15.879  -19.115 3.111   1.00 26.62 ? 9   GLN B CG  1 
ATOM   79   C  CD  . GLN A 1 11  ? 16.180  -18.193 4.286   1.00 28.22 ? 9   GLN B CD  1 
ATOM   80   O  OE1 . GLN A 1 11  ? 16.305  -16.976 4.126   1.00 28.79 ? 9   GLN B OE1 1 
ATOM   81   N  NE2 . GLN A 1 11  ? 16.294  -18.773 5.473   1.00 27.26 ? 9   GLN B NE2 1 
ATOM   82   N  N   . ARG A 1 12  ? 16.172  -20.203 0.185   1.00 23.36 ? 10  ARG B N   1 
ATOM   83   C  CA  . ARG A 1 12  ? 17.095  -20.027 -0.934  1.00 24.81 ? 10  ARG B CA  1 
ATOM   84   C  C   . ARG A 1 12  ? 16.489  -20.486 -2.259  1.00 23.75 ? 10  ARG B C   1 
ATOM   85   O  O   . ARG A 1 12  ? 16.552  -19.775 -3.265  1.00 21.87 ? 10  ARG B O   1 
ATOM   86   C  CB  . ARG A 1 12  ? 18.405  -20.775 -0.664  1.00 26.89 ? 10  ARG B CB  1 
ATOM   87   C  CG  . ARG A 1 12  ? 19.465  -19.911 0.006   1.00 33.40 ? 10  ARG B CG  1 
ATOM   88   C  CD  . ARG A 1 12  ? 20.634  -20.727 0.546   1.00 37.82 ? 10  ARG B CD  1 
ATOM   89   N  NE  . ARG A 1 12  ? 20.461  -21.044 1.961   1.00 42.29 ? 10  ARG B NE  1 
ATOM   90   C  CZ  . ARG A 1 12  ? 20.093  -22.230 2.437   1.00 41.82 ? 10  ARG B CZ  1 
ATOM   91   N  NH1 . ARG A 1 12  ? 19.864  -23.242 1.611   1.00 41.35 ? 10  ARG B NH1 1 
ATOM   92   N  NH2 . ARG A 1 12  ? 19.941  -22.396 3.743   1.00 42.92 ? 10  ARG B NH2 1 
ATOM   93   N  N   . GLU A 1 13  ? 15.885  -21.667 -2.250  1.00 21.25 ? 11  GLU B N   1 
ATOM   94   C  CA  . GLU A 1 13  ? 15.274  -22.208 -3.456  1.00 20.64 ? 11  GLU B CA  1 
ATOM   95   C  C   . GLU A 1 13  ? 14.092  -21.339 -3.890  1.00 21.11 ? 11  GLU B C   1 
ATOM   96   O  O   . GLU A 1 13  ? 13.887  -21.086 -5.081  1.00 22.39 ? 11  GLU B O   1 
ATOM   97   C  CB  . GLU A 1 13  ? 14.792  -23.634 -3.201  1.00 18.68 ? 11  GLU B CB  1 
ATOM   98   C  CG  . GLU A 1 13  ? 14.323  -24.353 -4.446  1.00 21.33 ? 11  GLU B CG  1 
ATOM   99   C  CD  . GLU A 1 13  ? 13.526  -25.600 -4.125  1.00 21.04 ? 11  GLU B CD  1 
ATOM   100  O  OE1 . GLU A 1 13  ? 13.777  -26.216 -3.065  1.00 20.36 ? 11  GLU B OE1 1 
ATOM   101  O  OE2 . GLU A 1 13  ? 12.662  -25.973 -4.940  1.00 22.57 ? 11  GLU B OE2 1 
ATOM   102  N  N   . ILE A 1 14  ? 13.314  -20.885 -2.915  1.00 20.81 ? 12  ILE B N   1 
ATOM   103  C  CA  . ILE A 1 14  ? 12.154  -20.055 -3.195  1.00 20.73 ? 12  ILE B CA  1 
ATOM   104  C  C   . ILE A 1 14  ? 12.558  -18.714 -3.805  1.00 20.28 ? 12  ILE B C   1 
ATOM   105  O  O   . ILE A 1 14  ? 11.933  -18.237 -4.753  1.00 21.27 ? 12  ILE B O   1 
ATOM   106  C  CB  . ILE A 1 14  ? 11.335  -19.815 -1.908  1.00 22.69 ? 12  ILE B CB  1 
ATOM   107  C  CG1 . ILE A 1 14  ? 10.840  -21.162 -1.354  1.00 23.42 ? 12  ILE B CG1 1 
ATOM   108  C  CG2 . ILE A 1 14  ? 10.170  -18.894 -2.201  1.00 22.41 ? 12  ILE B CG2 1 
ATOM   109  C  CD1 . ILE A 1 14  ? 10.091  -21.065 -0.035  1.00 20.79 ? 12  ILE B CD1 1 
ATOM   110  N  N   . ILE A 1 15  ? 13.609  -18.113 -3.257  1.00 18.41 ? 13  ILE B N   1 
ATOM   111  C  CA  . ILE A 1 15  ? 14.104  -16.835 -3.744  1.00 20.53 ? 13  ILE B CA  1 
ATOM   112  C  C   . ILE A 1 15  ? 14.637  -16.929 -5.179  1.00 21.18 ? 13  ILE B C   1 
ATOM   113  O  O   . ILE A 1 15  ? 14.249  -16.136 -6.038  1.00 20.49 ? 13  ILE B O   1 
ATOM   114  C  CB  . ILE A 1 15  ? 15.212  -16.293 -2.812  1.00 20.77 ? 13  ILE B CB  1 
ATOM   115  C  CG1 . ILE A 1 15  ? 14.587  -15.861 -1.480  1.00 19.02 ? 13  ILE B CG1 1 
ATOM   116  C  CG2 . ILE A 1 15  ? 15.958  -15.154 -3.494  1.00 19.78 ? 13  ILE B CG2 1 
ATOM   117  C  CD1 . ILE A 1 15  ? 15.579  -15.693 -0.351  1.00 18.96 ? 13  ILE B CD1 1 
ATOM   118  N  N   . GLU A 1 16  ? 15.518  -17.896 -5.435  1.00 21.05 ? 14  GLU B N   1 
ATOM   119  C  CA  . GLU A 1 16  ? 16.077  -18.085 -6.778  1.00 22.33 ? 14  GLU B CA  1 
ATOM   120  C  C   . GLU A 1 16  ? 14.966  -18.356 -7.792  1.00 22.69 ? 14  GLU B C   1 
ATOM   121  O  O   . GLU A 1 16  ? 14.994  -17.840 -8.913  1.00 23.39 ? 14  GLU B O   1 
ATOM   122  C  CB  . GLU A 1 16  ? 17.067  -19.251 -6.796  1.00 26.45 ? 14  GLU B CB  1 
ATOM   123  C  CG  . GLU A 1 16  ? 17.871  -19.368 -8.093  1.00 31.45 ? 14  GLU B CG  1 
ATOM   124  C  CD  . GLU A 1 16  ? 18.873  -20.515 -8.071  1.00 36.44 ? 14  GLU B CD  1 
ATOM   125  O  OE1 . GLU A 1 16  ? 19.528  -20.705 -7.025  1.00 36.95 ? 14  GLU B OE1 1 
ATOM   126  O  OE2 . GLU A 1 16  ? 19.017  -21.220 -9.098  1.00 38.60 ? 14  GLU B OE2 1 
ATOM   127  N  N   . ALA A 1 17  ? 13.989  -19.169 -7.397  1.00 22.36 ? 15  ALA B N   1 
ATOM   128  C  CA  . ALA A 1 17  ? 12.870  -19.495 -8.272  1.00 21.43 ? 15  ALA B CA  1 
ATOM   129  C  C   . ALA A 1 17  ? 12.004  -18.267 -8.527  1.00 21.69 ? 15  ALA B C   1 
ATOM   130  O  O   . ALA A 1 17  ? 11.642  -17.986 -9.667  1.00 21.72 ? 15  ALA B O   1 
ATOM   131  C  CB  . ALA A 1 17  ? 12.025  -20.599 -7.661  1.00 19.86 ? 15  ALA B CB  1 
ATOM   132  N  N   . PHE A 1 18  ? 11.675  -17.535 -7.465  1.00 20.66 ? 16  PHE B N   1 
ATOM   133  C  CA  . PHE A 1 18  ? 10.834  -16.353 -7.617  1.00 20.63 ? 16  PHE B CA  1 
ATOM   134  C  C   . PHE A 1 18  ? 11.478  -15.360 -8.566  1.00 22.26 ? 16  PHE B C   1 
ATOM   135  O  O   . PHE A 1 18  ? 10.828  -14.866 -9.483  1.00 20.29 ? 16  PHE B O   1 
ATOM   136  C  CB  . PHE A 1 18  ? 10.592  -15.646 -6.276  1.00 20.26 ? 16  PHE B CB  1 
ATOM   137  C  CG  . PHE A 1 18  ? 9.697   -14.432 -6.388  1.00 19.98 ? 16  PHE B CG  1 
ATOM   138  C  CD1 . PHE A 1 18  ? 8.309   -14.565 -6.399  1.00 20.49 ? 16  PHE B CD1 1 
ATOM   139  C  CD2 . PHE A 1 18  ? 10.243  -13.161 -6.530  1.00 20.05 ? 16  PHE B CD2 1 
ATOM   140  C  CE1 . PHE A 1 18  ? 7.478   -13.447 -6.552  1.00 20.29 ? 16  PHE B CE1 1 
ATOM   141  C  CE2 . PHE A 1 18  ? 9.420   -12.036 -6.683  1.00 21.58 ? 16  PHE B CE2 1 
ATOM   142  C  CZ  . PHE A 1 18  ? 8.037   -12.182 -6.695  1.00 20.47 ? 16  PHE B CZ  1 
ATOM   143  N  N   . ASN A 1 19  ? 12.756  -15.072 -8.329  1.00 21.08 ? 17  ASN B N   1 
ATOM   144  C  CA  . ASN A 1 19  ? 13.497  -14.123 -9.147  1.00 24.67 ? 17  ASN B CA  1 
ATOM   145  C  C   . ASN A 1 19  ? 13.639  -14.497 -10.616 1.00 25.06 ? 17  ASN B C   1 
ATOM   146  O  O   . ASN A 1 19  ? 13.778  -13.621 -11.460 1.00 25.09 ? 17  ASN B O   1 
ATOM   147  C  CB  . ASN A 1 19  ? 14.875  -13.861 -8.537  1.00 22.34 ? 17  ASN B CB  1 
ATOM   148  C  CG  . ASN A 1 19  ? 14.787  -13.086 -7.237  1.00 22.57 ? 17  ASN B CG  1 
ATOM   149  O  OD1 . ASN A 1 19  ? 13.757  -12.481 -6.936  1.00 21.16 ? 17  ASN B OD1 1 
ATOM   150  N  ND2 . ASN A 1 19  ? 15.868  -13.091 -6.465  1.00 20.07 ? 17  ASN B ND2 1 
ATOM   151  N  N   . ALA A 1 20  ? 13.601  -15.786 -10.931 1.00 26.44 ? 18  ALA B N   1 
ATOM   152  C  CA  . ALA A 1 20  ? 13.709  -16.202 -12.327 1.00 26.64 ? 18  ALA B CA  1 
ATOM   153  C  C   . ALA A 1 20  ? 12.310  -16.256 -12.934 1.00 28.22 ? 18  ALA B C   1 
ATOM   154  O  O   . ALA A 1 20  ? 12.103  -15.882 -14.089 1.00 27.41 ? 18  ALA B O   1 
ATOM   155  C  CB  . ALA A 1 20  ? 14.379  -17.568 -12.419 1.00 27.64 ? 18  ALA B CB  1 
ATOM   156  N  N   . LYS A 1 21  ? 11.347  -16.707 -12.131 1.00 27.89 ? 19  LYS B N   1 
ATOM   157  C  CA  . LYS A 1 21  ? 9.956   -16.828 -12.565 1.00 27.40 ? 19  LYS B CA  1 
ATOM   158  C  C   . LYS A 1 21  ? 9.068   -16.745 -11.322 1.00 25.72 ? 19  LYS B C   1 
ATOM   159  O  O   . LYS A 1 21  ? 8.928   -17.715 -10.575 1.00 26.26 ? 19  LYS B O   1 
ATOM   160  C  CB  . LYS A 1 21  ? 9.756   -18.172 -13.276 1.00 27.58 ? 19  LYS B CB  1 
ATOM   161  C  CG  . LYS A 1 21  ? 8.340   -18.443 -13.742 1.00 29.83 ? 19  LYS B CG  1 
ATOM   162  C  CD  . LYS A 1 21  ? 8.226   -19.850 -14.303 1.00 31.06 ? 19  LYS B CD  1 
ATOM   163  C  CE  . LYS A 1 21  ? 6.843   -20.123 -14.845 1.00 32.40 ? 19  LYS B CE  1 
ATOM   164  N  NZ  . LYS A 1 21  ? 6.768   -21.485 -15.438 1.00 35.73 ? 19  LYS B NZ  1 
ATOM   165  N  N   . PRO A 1 22  ? 8.450   -15.579 -11.089 1.00 26.29 ? 20  PRO B N   1 
ATOM   166  C  CA  . PRO A 1 22  ? 7.582   -15.377 -9.925  1.00 26.29 ? 20  PRO B CA  1 
ATOM   167  C  C   . PRO A 1 22  ? 6.593   -16.486 -9.595  1.00 26.40 ? 20  PRO B C   1 
ATOM   168  O  O   . PRO A 1 22  ? 6.557   -16.952 -8.458  1.00 25.55 ? 20  PRO B O   1 
ATOM   169  C  CB  . PRO A 1 22  ? 6.898   -14.053 -10.240 1.00 25.63 ? 20  PRO B CB  1 
ATOM   170  C  CG  . PRO A 1 22  ? 7.998   -13.299 -10.918 1.00 25.47 ? 20  PRO B CG  1 
ATOM   171  C  CD  . PRO A 1 22  ? 8.551   -14.337 -11.881 1.00 24.17 ? 20  PRO B CD  1 
ATOM   172  N  N   . LYS A 1 23  ? 5.803   -16.920 -10.574 1.00 26.19 ? 21  LYS B N   1 
ATOM   173  C  CA  . LYS A 1 23  ? 4.816   -17.966 -10.315 1.00 28.12 ? 21  LYS B CA  1 
ATOM   174  C  C   . LYS A 1 23  ? 5.418   -19.279 -9.804  1.00 27.06 ? 21  LYS B C   1 
ATOM   175  O  O   . LYS A 1 23  ? 4.769   -20.006 -9.054  1.00 26.66 ? 21  LYS B O   1 
ATOM   176  C  CB  . LYS A 1 23  ? 3.975   -18.235 -11.568 1.00 31.10 ? 21  LYS B CB  1 
ATOM   177  C  CG  . LYS A 1 23  ? 3.411   -16.979 -12.214 1.00 35.28 ? 21  LYS B CG  1 
ATOM   178  C  CD  . LYS A 1 23  ? 2.147   -17.264 -13.002 1.00 37.47 ? 21  LYS B CD  1 
ATOM   179  C  CE  . LYS A 1 23  ? 0.947   -17.364 -12.081 1.00 39.47 ? 21  LYS B CE  1 
ATOM   180  N  NZ  . LYS A 1 23  ? 0.706   -16.064 -11.377 1.00 41.89 ? 21  LYS B NZ  1 
ATOM   181  N  N   . ASN A 1 24  ? 6.650   -19.578 -10.206 1.00 26.49 ? 22  ASN B N   1 
ATOM   182  C  CA  . ASN A 1 24  ? 7.315   -20.805 -9.772  1.00 26.02 ? 22  ASN B CA  1 
ATOM   183  C  C   . ASN A 1 24  ? 7.676   -20.704 -8.297  1.00 24.34 ? 22  ASN B C   1 
ATOM   184  O  O   . ASN A 1 24  ? 7.474   -21.647 -7.541  1.00 25.42 ? 22  ASN B O   1 
ATOM   185  C  CB  . ASN A 1 24  ? 8.585   -21.047 -10.575 1.00 27.02 ? 22  ASN B CB  1 
ATOM   186  C  CG  . ASN A 1 24  ? 9.174   -22.423 -10.323 1.00 30.63 ? 22  ASN B CG  1 
ATOM   187  O  OD1 . ASN A 1 24  ? 10.365  -22.648 -10.528 1.00 33.48 ? 22  ASN B OD1 1 
ATOM   188  N  ND2 . ASN A 1 24  ? 8.335   -23.358 -9.891  1.00 29.26 ? 22  ASN B ND2 1 
ATOM   189  N  N   . GLY A 1 25  ? 8.235   -19.563 -7.903  1.00 24.48 ? 23  GLY B N   1 
ATOM   190  C  CA  . GLY A 1 25  ? 8.583   -19.349 -6.508  1.00 23.72 ? 23  GLY B CA  1 
ATOM   191  C  C   . GLY A 1 25  ? 7.318   -19.375 -5.665  1.00 22.81 ? 23  GLY B C   1 
ATOM   192  O  O   . GLY A 1 25  ? 7.306   -19.908 -4.564  1.00 23.82 ? 23  GLY B O   1 
ATOM   193  N  N   . ILE A 1 26  ? 6.235   -18.803 -6.182  1.00 24.09 ? 24  ILE B N   1 
ATOM   194  C  CA  . ILE A 1 26  ? 4.976   -18.799 -5.446  1.00 22.95 ? 24  ILE B CA  1 
ATOM   195  C  C   . ILE A 1 26  ? 4.449   -20.233 -5.283  1.00 22.16 ? 24  ILE B C   1 
ATOM   196  O  O   . ILE A 1 26  ? 4.007   -20.618 -4.202  1.00 19.96 ? 24  ILE B O   1 
ATOM   197  C  CB  . ILE A 1 26  ? 3.907   -17.924 -6.164  1.00 24.18 ? 24  ILE B CB  1 
ATOM   198  C  CG1 . ILE A 1 26  ? 4.353   -16.459 -6.181  1.00 23.63 ? 24  ILE B CG1 1 
ATOM   199  C  CG2 . ILE A 1 26  ? 2.558   -18.054 -5.465  1.00 24.29 ? 24  ILE B CG2 1 
ATOM   200  C  CD1 . ILE A 1 26  ? 4.513   -15.835 -4.806  1.00 25.74 ? 24  ILE B CD1 1 
ATOM   201  N  N   . ASN A 1 27  ? 4.506   -21.026 -6.348  1.00 20.19 ? 25  ASN B N   1 
ATOM   202  C  CA  . ASN A 1 27  ? 4.020   -22.398 -6.265  1.00 22.33 ? 25  ASN B CA  1 
ATOM   203  C  C   . ASN A 1 27  ? 4.823   -23.218 -5.261  1.00 20.91 ? 25  ASN B C   1 
ATOM   204  O  O   . ASN A 1 27  ? 4.289   -24.133 -4.635  1.00 19.54 ? 25  ASN B O   1 
ATOM   205  C  CB  . ASN A 1 27  ? 4.042   -23.074 -7.645  1.00 26.73 ? 25  ASN B CB  1 
ATOM   206  C  CG  . ASN A 1 27  ? 2.988   -22.505 -8.589  1.00 32.36 ? 25  ASN B CG  1 
ATOM   207  O  OD1 . ASN A 1 27  ? 1.818   -22.368 -8.224  1.00 35.27 ? 25  ASN B OD1 1 
ATOM   208  N  ND2 . ASN A 1 27  ? 3.398   -22.177 -9.804  1.00 35.07 ? 25  ASN B ND2 1 
ATOM   209  N  N   . LYS A 1 28  ? 6.104   -22.892 -5.106  1.00 20.18 ? 26  LYS B N   1 
ATOM   210  C  CA  . LYS A 1 28  ? 6.942   -23.605 -4.144  1.00 21.10 ? 26  LYS B CA  1 
ATOM   211  C  C   . LYS A 1 28  ? 6.471   -23.324 -2.726  1.00 20.92 ? 26  LYS B C   1 
ATOM   212  O  O   . LYS A 1 28  ? 6.505   -24.202 -1.862  1.00 21.65 ? 26  LYS B O   1 
ATOM   213  C  CB  . LYS A 1 28  ? 8.407   -23.190 -4.289  1.00 21.50 ? 26  LYS B CB  1 
ATOM   214  C  CG  . LYS A 1 28  ? 9.048   -23.693 -5.572  1.00 24.99 ? 26  LYS B CG  1 
ATOM   215  C  CD  . LYS A 1 28  ? 10.552  -23.447 -5.595  1.00 26.18 ? 26  LYS B CD  1 
ATOM   216  C  CE  . LYS A 1 28  ? 11.159  -24.013 -6.864  1.00 27.29 ? 26  LYS B CE  1 
ATOM   217  N  NZ  . LYS A 1 28  ? 10.927  -25.479 -6.967  1.00 32.35 ? 26  LYS B NZ  1 
ATOM   218  N  N   . ILE A 1 29  ? 6.031   -22.092 -2.484  1.00 21.35 ? 27  ILE B N   1 
ATOM   219  C  CA  . ILE A 1 29  ? 5.545   -21.719 -1.161  1.00 20.52 ? 27  ILE B CA  1 
ATOM   220  C  C   . ILE A 1 29  ? 4.221   -22.434 -0.917  1.00 22.12 ? 27  ILE B C   1 
ATOM   221  O  O   . ILE A 1 29  ? 3.965   -22.961 0.177   1.00 20.90 ? 27  ILE B O   1 
ATOM   222  C  CB  . ILE A 1 29  ? 5.323   -20.193 -1.061  1.00 20.66 ? 27  ILE B CB  1 
ATOM   223  C  CG1 . ILE A 1 29  ? 6.672   -19.467 -1.138  1.00 19.66 ? 27  ILE B CG1 1 
ATOM   224  C  CG2 . ILE A 1 29  ? 4.596   -19.851 0.233   1.00 19.92 ? 27  ILE B CG2 1 
ATOM   225  C  CD1 . ILE A 1 29  ? 6.547   -17.970 -1.254  1.00 16.58 ? 27  ILE B CD1 1 
ATOM   226  N  N   . LYS A 1 30  ? 3.385   -22.444 -1.949  1.00 21.52 ? 28  LYS B N   1 
ATOM   227  C  CA  . LYS A 1 30  ? 2.078   -23.080 -1.883  1.00 23.11 ? 28  LYS B CA  1 
ATOM   228  C  C   . LYS A 1 30  ? 2.187   -24.592 -1.696  1.00 22.65 ? 28  LYS B C   1 
ATOM   229  O  O   . LYS A 1 30  ? 1.390   -25.183 -0.980  1.00 23.41 ? 28  LYS B O   1 
ATOM   230  C  CB  . LYS A 1 30  ? 1.280   -22.760 -3.151  1.00 24.80 ? 28  LYS B CB  1 
ATOM   231  C  CG  . LYS A 1 30  ? 1.006   -21.275 -3.338  1.00 27.11 ? 28  LYS B CG  1 
ATOM   232  C  CD  . LYS A 1 30  ? 0.299   -20.996 -4.660  1.00 29.36 ? 28  LYS B CD  1 
ATOM   233  C  CE  . LYS A 1 30  ? -1.042  -21.709 -4.728  1.00 32.13 ? 28  LYS B CE  1 
ATOM   234  N  NZ  . LYS A 1 30  ? -1.701  -21.515 -6.045  1.00 33.81 ? 28  LYS B NZ  1 
ATOM   235  N  N   . GLU A 1 31  ? 3.175   -25.218 -2.325  1.00 23.34 ? 29  GLU B N   1 
ATOM   236  C  CA  . GLU A 1 31  ? 3.339   -26.657 -2.179  1.00 25.71 ? 29  GLU B CA  1 
ATOM   237  C  C   . GLU A 1 31  ? 3.752   -27.013 -0.750  1.00 24.23 ? 29  GLU B C   1 
ATOM   238  O  O   . GLU A 1 31  ? 3.265   -27.986 -0.186  1.00 23.01 ? 29  GLU B O   1 
ATOM   239  C  CB  . GLU A 1 31  ? 4.370   -27.190 -3.176  1.00 28.60 ? 29  GLU B CB  1 
ATOM   240  C  CG  . GLU A 1 31  ? 3.932   -27.057 -4.623  1.00 34.15 ? 29  GLU B CG  1 
ATOM   241  C  CD  . GLU A 1 31  ? 4.985   -27.534 -5.603  1.00 39.00 ? 29  GLU B CD  1 
ATOM   242  O  OE1 . GLU A 1 31  ? 6.150   -27.087 -5.495  1.00 43.11 ? 29  GLU B OE1 1 
ATOM   243  O  OE2 . GLU A 1 31  ? 4.646   -28.351 -6.490  1.00 42.40 ? 29  GLU B OE2 1 
ATOM   244  N  N   . ILE A 1 32  ? 4.639   -26.223 -0.158  1.00 24.60 ? 30  ILE B N   1 
ATOM   245  C  CA  . ILE A 1 32  ? 5.058   -26.504 1.206   1.00 23.87 ? 30  ILE B CA  1 
ATOM   246  C  C   . ILE A 1 32  ? 3.922   -26.246 2.188   1.00 23.72 ? 30  ILE B C   1 
ATOM   247  O  O   . ILE A 1 32  ? 3.755   -26.987 3.160   1.00 25.65 ? 30  ILE B O   1 
ATOM   248  C  CB  . ILE A 1 32  ? 6.271   -25.658 1.611   1.00 22.27 ? 30  ILE B CB  1 
ATOM   249  C  CG1 . ILE A 1 32  ? 7.495   -26.110 0.814   1.00 19.68 ? 30  ILE B CG1 1 
ATOM   250  C  CG2 . ILE A 1 32  ? 6.527   -25.806 3.114   1.00 20.50 ? 30  ILE B CG2 1 
ATOM   251  C  CD1 . ILE A 1 32  ? 8.687   -25.211 0.974   1.00 22.21 ? 30  ILE B CD1 1 
ATOM   252  N  N   . CYS A 1 33  ? 3.148   -25.197 1.929   1.00 24.42 ? 31  CYS B N   1 
ATOM   253  C  CA  . CYS A 1 33  ? 2.017   -24.836 2.777   1.00 25.85 ? 31  CYS B CA  1 
ATOM   254  C  C   . CYS A 1 33  ? 0.968   -25.943 2.762   1.00 27.76 ? 31  CYS B C   1 
ATOM   255  O  O   . CYS A 1 33  ? 0.352   -26.238 3.783   1.00 26.38 ? 31  CYS B O   1 
ATOM   256  C  CB  . CYS A 1 33  ? 1.369   -23.531 2.296   1.00 25.03 ? 31  CYS B CB  1 
ATOM   257  S  SG  . CYS A 1 33  ? 2.329   -22.028 2.597   1.00 27.11 ? 31  CYS B SG  1 
ATOM   258  N  N   . GLU A 1 34  ? 0.750   -26.536 1.592   1.00 28.77 ? 32  GLU B N   1 
ATOM   259  C  CA  . GLU A 1 34  ? -0.221  -27.615 1.472   1.00 30.27 ? 32  GLU B CA  1 
ATOM   260  C  C   . GLU A 1 34  ? 0.240   -28.775 2.352   1.00 30.04 ? 32  GLU B C   1 
ATOM   261  O  O   . GLU A 1 34  ? -0.539  -29.347 3.111   1.00 28.10 ? 32  GLU B O   1 
ATOM   262  C  CB  . GLU A 1 34  ? -0.326  -28.076 0.020   1.00 32.78 ? 32  GLU B CB  1 
ATOM   263  C  CG  . GLU A 1 34  ? -1.138  -29.356 -0.162  1.00 39.38 ? 32  GLU B CG  1 
ATOM   264  C  CD  . GLU A 1 34  ? -1.295  -29.745 -1.618  1.00 42.31 ? 32  GLU B CD  1 
ATOM   265  O  OE1 . GLU A 1 34  ? -1.952  -28.987 -2.367  1.00 45.45 ? 32  GLU B OE1 1 
ATOM   266  O  OE2 . GLU A 1 34  ? -0.757  -30.800 -2.012  1.00 42.84 ? 32  GLU B OE2 1 
ATOM   267  N  N   . GLN A 1 35  ? 1.526   -29.088 2.253   1.00 29.50 ? 33  GLN B N   1 
ATOM   268  C  CA  . GLN A 1 35  ? 2.123   -30.170 3.010   1.00 31.13 ? 33  GLN B CA  1 
ATOM   269  C  C   . GLN A 1 35  ? 2.022   -29.977 4.519   1.00 29.60 ? 33  GLN B C   1 
ATOM   270  O  O   . GLN A 1 35  ? 1.762   -30.928 5.245   1.00 29.73 ? 33  GLN B O   1 
ATOM   271  C  CB  . GLN A 1 35  ? 3.589   -30.327 2.608   1.00 33.85 ? 33  GLN B CB  1 
ATOM   272  C  CG  . GLN A 1 35  ? 4.263   -31.547 3.190   1.00 40.32 ? 33  GLN B CG  1 
ATOM   273  C  CD  . GLN A 1 35  ? 5.702   -31.680 2.736   1.00 43.45 ? 33  GLN B CD  1 
ATOM   274  O  OE1 . GLN A 1 35  ? 6.327   -32.724 2.919   1.00 44.69 ? 33  GLN B OE1 1 
ATOM   275  N  NE2 . GLN A 1 35  ? 6.238   -30.615 2.145   1.00 43.80 ? 33  GLN B NE2 1 
ATOM   276  N  N   . TYR A 1 36  ? 2.223   -28.755 4.999   1.00 28.71 ? 34  TYR B N   1 
ATOM   277  C  CA  . TYR A 1 36  ? 2.154   -28.509 6.437   1.00 28.27 ? 34  TYR B CA  1 
ATOM   278  C  C   . TYR A 1 36  ? 0.846   -27.891 6.907   1.00 28.31 ? 34  TYR B C   1 
ATOM   279  O  O   . TYR A 1 36  ? 0.748   -27.375 8.022   1.00 28.43 ? 34  TYR B O   1 
ATOM   280  C  CB  . TYR A 1 36  ? 3.349   -27.663 6.878   1.00 27.71 ? 34  TYR B CB  1 
ATOM   281  C  CG  . TYR A 1 36  ? 4.635   -28.421 6.704   1.00 30.11 ? 34  TYR B CG  1 
ATOM   282  C  CD1 . TYR A 1 36  ? 5.275   -28.469 5.467   1.00 29.99 ? 34  TYR B CD1 1 
ATOM   283  C  CD2 . TYR A 1 36  ? 5.163   -29.178 7.750   1.00 29.23 ? 34  TYR B CD2 1 
ATOM   284  C  CE1 . TYR A 1 36  ? 6.397   -29.249 5.274   1.00 29.64 ? 34  TYR B CE1 1 
ATOM   285  C  CE2 . TYR A 1 36  ? 6.284   -29.964 7.564   1.00 30.24 ? 34  TYR B CE2 1 
ATOM   286  C  CZ  . TYR A 1 36  ? 6.895   -29.995 6.325   1.00 31.20 ? 34  TYR B CZ  1 
ATOM   287  O  OH  . TYR A 1 36  ? 8.003   -30.778 6.132   1.00 36.17 ? 34  TYR B OH  1 
ATOM   288  N  N   . LYS A 1 37  ? -0.158  -27.962 6.038   1.00 29.90 ? 35  LYS B N   1 
ATOM   289  C  CA  . LYS A 1 37  ? -1.501  -27.460 6.312   1.00 30.69 ? 35  LYS B CA  1 
ATOM   290  C  C   . LYS A 1 37  ? -1.589  -26.018 6.808   1.00 29.80 ? 35  LYS B C   1 
ATOM   291  O  O   . LYS A 1 37  ? -2.279  -25.735 7.784   1.00 29.09 ? 35  LYS B O   1 
ATOM   292  C  CB  . LYS A 1 37  ? -2.194  -28.394 7.310   1.00 31.54 ? 35  LYS B CB  1 
ATOM   293  C  CG  . LYS A 1 37  ? -2.188  -29.863 6.884   1.00 34.27 ? 35  LYS B CG  1 
ATOM   294  C  CD  . LYS A 1 37  ? -2.948  -30.731 7.877   1.00 36.65 ? 35  LYS B CD  1 
ATOM   295  C  CE  . LYS A 1 37  ? -2.793  -32.210 7.572   1.00 37.00 ? 35  LYS B CE  1 
ATOM   296  N  NZ  . LYS A 1 37  ? -1.392  -32.682 7.767   1.00 39.09 ? 35  LYS B NZ  1 
ATOM   297  N  N   . ILE A 1 38  ? -0.904  -25.103 6.131   1.00 30.46 ? 36  ILE B N   1 
ATOM   298  C  CA  . ILE A 1 38  ? -0.949  -23.700 6.530   1.00 30.30 ? 36  ILE B CA  1 
ATOM   299  C  C   . ILE A 1 38  ? -1.474  -22.828 5.400   1.00 30.78 ? 36  ILE B C   1 
ATOM   300  O  O   . ILE A 1 38  ? -1.418  -23.213 4.228   1.00 29.44 ? 36  ILE B O   1 
ATOM   301  C  CB  . ILE A 1 38  ? 0.440   -23.180 6.966   1.00 31.68 ? 36  ILE B CB  1 
ATOM   302  C  CG1 . ILE A 1 38  ? 1.440   -23.296 5.816   1.00 32.43 ? 36  ILE B CG1 1 
ATOM   303  C  CG2 . ILE A 1 38  ? 0.933   -23.973 8.176   1.00 32.88 ? 36  ILE B CG2 1 
ATOM   304  C  CD1 . ILE A 1 38  ? 2.800   -22.683 6.138   1.00 35.02 ? 36  ILE B CD1 1 
ATOM   305  N  N   . SER A 1 39  ? -2.002  -21.663 5.769   1.00 30.16 ? 37  SER B N   1 
ATOM   306  C  CA  . SER A 1 39  ? -2.557  -20.707 4.817   1.00 31.29 ? 37  SER B CA  1 
ATOM   307  C  C   . SER A 1 39  ? -1.453  -20.082 3.965   1.00 30.06 ? 37  SER B C   1 
ATOM   308  O  O   . SER A 1 39  ? -0.597  -19.360 4.471   1.00 32.30 ? 37  SER B O   1 
ATOM   309  C  CB  . SER A 1 39  ? -3.316  -19.606 5.572   1.00 32.02 ? 37  SER B CB  1 
ATOM   310  O  OG  . SER A 1 39  ? -3.838  -18.637 4.681   1.00 33.92 ? 37  SER B OG  1 
ATOM   311  N  N   . PRO A 1 40  ? -1.460  -20.353 2.654   1.00 29.75 ? 38  PRO B N   1 
ATOM   312  C  CA  . PRO A 1 40  ? -0.425  -19.785 1.783   1.00 29.81 ? 38  PRO B CA  1 
ATOM   313  C  C   . PRO A 1 40  ? -0.479  -18.264 1.596   1.00 29.54 ? 38  PRO B C   1 
ATOM   314  O  O   . PRO A 1 40  ? 0.560   -17.623 1.461   1.00 31.52 ? 38  PRO B O   1 
ATOM   315  C  CB  . PRO A 1 40  ? -0.617  -20.552 0.475   1.00 27.76 ? 38  PRO B CB  1 
ATOM   316  C  CG  . PRO A 1 40  ? -2.089  -20.863 0.481   1.00 29.56 ? 38  PRO B CG  1 
ATOM   317  C  CD  . PRO A 1 40  ? -2.328  -21.283 1.908   1.00 28.36 ? 38  PRO B CD  1 
ATOM   318  N  N   . ASN A 1 41  ? -1.679  -17.692 1.590   1.00 28.76 ? 39  ASN B N   1 
ATOM   319  C  CA  . ASN A 1 41  ? -1.842  -16.248 1.423   1.00 29.03 ? 39  ASN B CA  1 
ATOM   320  C  C   . ASN A 1 41  ? -0.981  -15.473 2.414   1.00 26.83 ? 39  ASN B C   1 
ATOM   321  O  O   . ASN A 1 41  ? -0.187  -14.616 2.023   1.00 25.89 ? 39  ASN B O   1 
ATOM   322  C  CB  . ASN A 1 41  ? -3.311  -15.856 1.606   1.00 32.04 ? 39  ASN B CB  1 
ATOM   323  C  CG  . ASN A 1 41  ? -4.202  -16.406 0.512   1.00 34.83 ? 39  ASN B CG  1 
ATOM   324  O  OD1 . ASN A 1 41  ? -5.411  -16.534 0.696   1.00 38.01 ? 39  ASN B OD1 1 
ATOM   325  N  ND2 . ASN A 1 41  ? -3.612  -16.725 -0.636  1.00 32.98 ? 39  ASN B ND2 1 
ATOM   326  N  N   . GLU A 1 42  ? -1.151  -15.766 3.699   1.00 24.51 ? 40  GLU B N   1 
ATOM   327  C  CA  . GLU A 1 42  ? -0.363  -15.109 4.728   1.00 23.69 ? 40  GLU B CA  1 
ATOM   328  C  C   . GLU A 1 42  ? 1.111   -15.485 4.583   1.00 19.78 ? 40  GLU B C   1 
ATOM   329  O  O   . GLU A 1 42  ? 1.987   -14.653 4.788   1.00 20.01 ? 40  GLU B O   1 
ATOM   330  C  CB  . GLU A 1 42  ? -0.839  -15.508 6.133   1.00 28.44 ? 40  GLU B CB  1 
ATOM   331  C  CG  . GLU A 1 42  ? -2.125  -14.823 6.610   1.00 35.44 ? 40  GLU B CG  1 
ATOM   332  C  CD  . GLU A 1 42  ? -3.374  -15.398 5.969   1.00 39.80 ? 40  GLU B CD  1 
ATOM   333  O  OE1 . GLU A 1 42  ? -4.478  -14.874 6.238   1.00 43.51 ? 40  GLU B OE1 1 
ATOM   334  O  OE2 . GLU A 1 42  ? -3.258  -16.375 5.198   1.00 40.93 ? 40  GLU B OE2 1 
ATOM   335  N  N   . GLU A 1 43  ? 1.378   -16.736 4.224   1.00 18.52 ? 41  GLU B N   1 
ATOM   336  C  CA  . GLU A 1 43  ? 2.753   -17.214 4.086   1.00 19.83 ? 41  GLU B CA  1 
ATOM   337  C  C   . GLU A 1 43  ? 3.501   -16.473 2.975   1.00 18.02 ? 41  GLU B C   1 
ATOM   338  O  O   . GLU A 1 43  ? 4.644   -16.051 3.153   1.00 19.29 ? 41  GLU B O   1 
ATOM   339  C  CB  . GLU A 1 43  ? 2.750   -18.721 3.818   1.00 20.24 ? 41  GLU B CB  1 
ATOM   340  C  CG  . GLU A 1 43  ? 4.055   -19.418 4.164   1.00 22.53 ? 41  GLU B CG  1 
ATOM   341  C  CD  . GLU A 1 43  ? 4.481   -19.192 5.607   1.00 20.38 ? 41  GLU B CD  1 
ATOM   342  O  OE1 . GLU A 1 43  ? 3.603   -19.116 6.489   1.00 21.93 ? 41  GLU B OE1 1 
ATOM   343  O  OE2 . GLU A 1 43  ? 5.698   -19.108 5.858   1.00 22.32 ? 41  GLU B OE2 1 
ATOM   344  N  N   . ILE A 1 44  ? 2.847   -16.307 1.832   1.00 18.13 ? 42  ILE B N   1 
ATOM   345  C  CA  . ILE A 1 44  ? 3.443   -15.591 0.714   1.00 15.95 ? 42  ILE B CA  1 
ATOM   346  C  C   . ILE A 1 44  ? 3.680   -14.135 1.115   1.00 16.54 ? 42  ILE B C   1 
ATOM   347  O  O   . ILE A 1 44  ? 4.734   -13.559 0.823   1.00 18.29 ? 42  ILE B O   1 
ATOM   348  C  CB  . ILE A 1 44  ? 2.522   -15.632 -0.522  1.00 17.03 ? 42  ILE B CB  1 
ATOM   349  C  CG1 . ILE A 1 44  ? 2.326   -17.080 -0.974  1.00 16.71 ? 42  ILE B CG1 1 
ATOM   350  C  CG2 . ILE A 1 44  ? 3.118   -14.802 -1.644  1.00 14.61 ? 42  ILE B CG2 1 
ATOM   351  C  CD1 . ILE A 1 44  ? 1.234   -17.258 -2.008  1.00 16.99 ? 42  ILE B CD1 1 
ATOM   352  N  N   . ALA A 1 45  ? 2.707   -13.547 1.801   1.00 17.06 ? 43  ALA B N   1 
ATOM   353  C  CA  . ALA A 1 45  ? 2.812   -12.147 2.232   1.00 20.39 ? 43  ALA B CA  1 
ATOM   354  C  C   . ALA A 1 45  ? 3.987   -11.941 3.180   1.00 20.91 ? 43  ALA B C   1 
ATOM   355  O  O   . ALA A 1 45  ? 4.723   -10.946 3.089   1.00 17.98 ? 43  ALA B O   1 
ATOM   356  C  CB  . ALA A 1 45  ? 1.513   -11.714 2.919   1.00 18.52 ? 43  ALA B CB  1 
ATOM   357  N  N   . GLU A 1 46  ? 4.142   -12.892 4.099   1.00 21.88 ? 44  GLU B N   1 
ATOM   358  C  CA  . GLU A 1 46  ? 5.200   -12.858 5.092   1.00 22.31 ? 44  GLU B CA  1 
ATOM   359  C  C   . GLU A 1 46  ? 6.547   -12.980 4.397   1.00 20.73 ? 44  GLU B C   1 
ATOM   360  O  O   . GLU A 1 46  ? 7.506   -12.287 4.741   1.00 19.24 ? 44  GLU B O   1 
ATOM   361  C  CB  . GLU A 1 46  ? 5.020   -14.006 6.091   1.00 24.72 ? 44  GLU B CB  1 
ATOM   362  C  CG  . GLU A 1 46  ? 5.841   -13.860 7.361   1.00 30.71 ? 44  GLU B CG  1 
ATOM   363  C  CD  . GLU A 1 46  ? 5.494   -12.599 8.143   1.00 34.89 ? 44  GLU B CD  1 
ATOM   364  O  OE1 . GLU A 1 46  ? 4.304   -12.411 8.483   1.00 38.95 ? 44  GLU B OE1 1 
ATOM   365  O  OE2 . GLU A 1 46  ? 6.408   -11.796 8.421   1.00 37.84 ? 44  GLU B OE2 1 
ATOM   366  N  N   . PHE A 1 47  ? 6.607   -13.855 3.401   1.00 20.03 ? 45  PHE B N   1 
ATOM   367  C  CA  . PHE A 1 47  ? 7.837   -14.053 2.656   1.00 19.65 ? 45  PHE B CA  1 
ATOM   368  C  C   . PHE A 1 47  ? 8.260   -12.739 1.989   1.00 18.64 ? 45  PHE B C   1 
ATOM   369  O  O   . PHE A 1 47  ? 9.435   -12.357 2.045   1.00 16.71 ? 45  PHE B O   1 
ATOM   370  C  CB  . PHE A 1 47  ? 7.650   -15.144 1.596   1.00 21.06 ? 45  PHE B CB  1 
ATOM   371  C  CG  . PHE A 1 47  ? 8.936   -15.785 1.159   1.00 22.89 ? 45  PHE B CG  1 
ATOM   372  C  CD1 . PHE A 1 47  ? 9.516   -16.797 1.920   1.00 23.91 ? 45  PHE B CD1 1 
ATOM   373  C  CD2 . PHE A 1 47  ? 9.589   -15.351 0.007   1.00 24.80 ? 45  PHE B CD2 1 
ATOM   374  C  CE1 . PHE A 1 47  ? 10.734  -17.373 1.542   1.00 25.29 ? 45  PHE B CE1 1 
ATOM   375  C  CE2 . PHE A 1 47  ? 10.801  -15.913 -0.381  1.00 25.40 ? 45  PHE B CE2 1 
ATOM   376  C  CZ  . PHE A 1 47  ? 11.376  -16.928 0.389   1.00 26.64 ? 45  PHE B CZ  1 
ATOM   377  N  N   . PHE A 1 48  ? 7.303   -12.048 1.369   1.00 18.70 ? 46  PHE B N   1 
ATOM   378  C  CA  . PHE A 1 48  ? 7.593   -10.776 0.701   1.00 18.84 ? 46  PHE B CA  1 
ATOM   379  C  C   . PHE A 1 48  ? 8.181   -9.768  1.688   1.00 20.69 ? 46  PHE B C   1 
ATOM   380  O  O   . PHE A 1 48  ? 9.127   -9.039  1.363   1.00 19.07 ? 46  PHE B O   1 
ATOM   381  C  CB  . PHE A 1 48  ? 6.326   -10.194 0.057   1.00 17.49 ? 46  PHE B CB  1 
ATOM   382  C  CG  . PHE A 1 48  ? 5.909   -10.887 -1.219  1.00 17.09 ? 46  PHE B CG  1 
ATOM   383  C  CD1 . PHE A 1 48  ? 4.595   -10.782 -1.683  1.00 14.37 ? 46  PHE B CD1 1 
ATOM   384  C  CD2 . PHE A 1 48  ? 6.828   -11.625 -1.971  1.00 13.48 ? 46  PHE B CD2 1 
ATOM   385  C  CE1 . PHE A 1 48  ? 4.205   -11.401 -2.876  1.00 13.70 ? 46  PHE B CE1 1 
ATOM   386  C  CE2 . PHE A 1 48  ? 6.446   -12.241 -3.156  1.00 14.75 ? 46  PHE B CE2 1 
ATOM   387  C  CZ  . PHE A 1 48  ? 5.124   -12.129 -3.612  1.00 11.17 ? 46  PHE B CZ  1 
ATOM   388  N  N   . HIS A 1 49  ? 7.632   -9.731  2.898   1.00 20.11 ? 47  HIS B N   1 
ATOM   389  C  CA  . HIS A 1 49  ? 8.151   -8.817  3.907   1.00 24.00 ? 47  HIS B CA  1 
ATOM   390  C  C   . HIS A 1 49  ? 9.532   -9.239  4.412   1.00 23.89 ? 47  HIS B C   1 
ATOM   391  O  O   . HIS A 1 49  ? 10.438  -8.420  4.516   1.00 26.68 ? 47  HIS B O   1 
ATOM   392  C  CB  . HIS A 1 49  ? 7.195   -8.719  5.100   1.00 23.56 ? 47  HIS B CB  1 
ATOM   393  C  CG  . HIS A 1 49  ? 6.087   -7.730  4.910   1.00 26.09 ? 47  HIS B CG  1 
ATOM   394  N  ND1 . HIS A 1 49  ? 4.766   -8.105  4.789   1.00 26.99 ? 47  HIS B ND1 1 
ATOM   395  C  CD2 . HIS A 1 49  ? 6.101   -6.377  4.863   1.00 24.79 ? 47  HIS B CD2 1 
ATOM   396  C  CE1 . HIS A 1 49  ? 4.012   -7.024  4.682   1.00 25.26 ? 47  HIS B CE1 1 
ATOM   397  N  NE2 . HIS A 1 49  ? 4.796   -5.962  4.724   1.00 24.90 ? 47  HIS B NE2 1 
ATOM   398  N  N   . GLN A 1 50  ? 9.689   -10.521 4.699   1.00 24.67 ? 48  GLN B N   1 
ATOM   399  C  CA  . GLN A 1 50  ? 10.933  -11.044 5.245   1.00 26.82 ? 48  GLN B CA  1 
ATOM   400  C  C   . GLN A 1 50  ? 12.126  -11.123 4.295   1.00 25.99 ? 48  GLN B C   1 
ATOM   401  O  O   . GLN A 1 50  ? 13.254  -10.859 4.708   1.00 25.70 ? 48  GLN B O   1 
ATOM   402  C  CB  . GLN A 1 50  ? 10.689  -12.433 5.847   1.00 28.30 ? 48  GLN B CB  1 
ATOM   403  C  CG  . GLN A 1 50  ? 9.649   -12.481 6.954   1.00 36.81 ? 48  GLN B CG  1 
ATOM   404  C  CD  . GLN A 1 50  ? 10.145  -11.885 8.260   1.00 40.39 ? 48  GLN B CD  1 
ATOM   405  O  OE1 . GLN A 1 50  ? 11.142  -12.343 8.825   1.00 42.85 ? 48  GLN B OE1 1 
ATOM   406  N  NE2 . GLN A 1 50  ? 9.446   -10.864 8.750   1.00 41.39 ? 48  GLN B NE2 1 
ATOM   407  N  N   . GLN A 1 51  ? 11.877  -11.486 3.039   1.00 24.57 ? 49  GLN B N   1 
ATOM   408  C  CA  . GLN A 1 51  ? 12.943  -11.634 2.049   1.00 24.82 ? 49  GLN B CA  1 
ATOM   409  C  C   . GLN A 1 51  ? 12.996  -10.485 1.061   1.00 23.71 ? 49  GLN B C   1 
ATOM   410  O  O   . GLN A 1 51  ? 13.493  -10.631 -0.059  1.00 22.55 ? 49  GLN B O   1 
ATOM   411  C  CB  . GLN A 1 51  ? 12.766  -12.948 1.279   1.00 25.47 ? 49  GLN B CB  1 
ATOM   412  C  CG  . GLN A 1 51  ? 12.716  -14.186 2.165   1.00 29.79 ? 49  GLN B CG  1 
ATOM   413  C  CD  . GLN A 1 51  ? 13.991  -14.402 2.961   1.00 31.30 ? 49  GLN B CD  1 
ATOM   414  O  OE1 . GLN A 1 51  ? 14.053  -15.276 3.824   1.00 36.76 ? 49  GLN B OE1 1 
ATOM   415  N  NE2 . GLN A 1 51  ? 15.015  -13.613 2.671   1.00 31.71 ? 49  GLN B NE2 1 
ATOM   416  N  N   . ARG A 1 52  ? 12.479  -9.344  1.487   1.00 22.91 ? 50  ARG B N   1 
ATOM   417  C  CA  . ARG A 1 52  ? 12.451  -8.155  0.656   1.00 22.22 ? 50  ARG B CA  1 
ATOM   418  C  C   . ARG A 1 52  ? 13.830  -7.796  0.086   1.00 23.03 ? 50  ARG B C   1 
ATOM   419  O  O   . ARG A 1 52  ? 13.948  -7.486  -1.097  1.00 21.82 ? 50  ARG B O   1 
ATOM   420  C  CB  . ARG A 1 52  ? 11.898  -6.990  1.477   1.00 23.97 ? 50  ARG B CB  1 
ATOM   421  C  CG  . ARG A 1 52  ? 11.693  -5.709  0.701   1.00 27.06 ? 50  ARG B CG  1 
ATOM   422  C  CD  . ARG A 1 52  ? 11.444  -4.544  1.644   1.00 28.76 ? 50  ARG B CD  1 
ATOM   423  N  NE  . ARG A 1 52  ? 11.634  -3.280  0.951   1.00 32.04 ? 50  ARG B NE  1 
ATOM   424  C  CZ  . ARG A 1 52  ? 10.782  -2.790  0.067   1.00 32.83 ? 50  ARG B CZ  1 
ATOM   425  N  NH1 . ARG A 1 52  ? 9.673   -3.462  -0.213  1.00 37.88 ? 50  ARG B NH1 1 
ATOM   426  N  NH2 . ARG A 1 52  ? 11.049  -1.652  -0.556  1.00 32.90 ? 50  ARG B NH2 1 
ATOM   427  N  N   . LYS A 1 53  ? 14.869  -7.859  0.912   1.00 22.50 ? 51  LYS B N   1 
ATOM   428  C  CA  . LYS A 1 53  ? 16.218  -7.507  0.461   1.00 25.01 ? 51  LYS B CA  1 
ATOM   429  C  C   . LYS A 1 53  ? 16.817  -8.458  -0.575  1.00 24.39 ? 51  LYS B C   1 
ATOM   430  O  O   . LYS A 1 53  ? 17.838  -8.140  -1.186  1.00 26.65 ? 51  LYS B O   1 
ATOM   431  C  CB  . LYS A 1 53  ? 17.180  -7.433  1.649   1.00 25.81 ? 51  LYS B CB  1 
ATOM   432  C  CG  . LYS A 1 53  ? 17.624  -8.799  2.158   1.00 29.89 ? 51  LYS B CG  1 
ATOM   433  C  CD  . LYS A 1 53  ? 18.681  -8.672  3.242   1.00 31.57 ? 51  LYS B CD  1 
ATOM   434  C  CE  . LYS A 1 53  ? 19.148  -10.042 3.726   1.00 36.25 ? 51  LYS B CE  1 
ATOM   435  N  NZ  . LYS A 1 53  ? 19.909  -10.797 2.685   1.00 35.92 ? 51  LYS B NZ  1 
ATOM   436  N  N   . ASN A 1 54  ? 16.185  -9.611  -0.778  1.00 21.99 ? 52  ASN B N   1 
ATOM   437  C  CA  . ASN A 1 54  ? 16.685  -10.615 -1.714  1.00 22.46 ? 52  ASN B CA  1 
ATOM   438  C  C   . ASN A 1 54  ? 15.824  -10.809 -2.953  1.00 22.69 ? 52  ASN B C   1 
ATOM   439  O  O   . ASN A 1 54  ? 16.182  -11.582 -3.852  1.00 21.63 ? 52  ASN B O   1 
ATOM   440  C  CB  . ASN A 1 54  ? 16.794  -11.968 -1.006  1.00 23.84 ? 52  ASN B CB  1 
ATOM   441  C  CG  . ASN A 1 54  ? 17.805  -11.958 0.130   1.00 27.43 ? 52  ASN B CG  1 
ATOM   442  O  OD1 . ASN A 1 54  ? 17.538  -12.468 1.222   1.00 27.86 ? 52  ASN B OD1 1 
ATOM   443  N  ND2 . ASN A 1 54  ? 18.977  -11.389 -0.128  1.00 25.38 ? 52  ASN B ND2 1 
ATOM   444  N  N   . LEU A 1 55  ? 14.697  -10.113 -3.007  1.00 20.32 ? 53  LEU B N   1 
ATOM   445  C  CA  . LEU A 1 55  ? 13.767  -10.288 -4.107  1.00 21.44 ? 53  LEU B CA  1 
ATOM   446  C  C   . LEU A 1 55  ? 13.795  -9.227  -5.195  1.00 21.76 ? 53  LEU B C   1 
ATOM   447  O  O   . LEU A 1 55  ? 14.375  -8.156  -5.025  1.00 20.87 ? 53  LEU B O   1 
ATOM   448  C  CB  . LEU A 1 55  ? 12.341  -10.400 -3.546  1.00 19.82 ? 53  LEU B CB  1 
ATOM   449  C  CG  . LEU A 1 55  ? 12.061  -11.625 -2.663  1.00 22.63 ? 53  LEU B CG  1 
ATOM   450  C  CD1 . LEU A 1 55  ? 10.753  -11.445 -1.913  1.00 20.15 ? 53  LEU B CD1 1 
ATOM   451  C  CD2 . LEU A 1 55  ? 12.041  -12.891 -3.519  1.00 19.07 ? 53  LEU B CD2 1 
ATOM   452  N  N   . ASP A 1 56  ? 13.180  -9.560  -6.327  1.00 21.28 ? 54  ASP B N   1 
ATOM   453  C  CA  . ASP A 1 56  ? 13.061  -8.627  -7.441  1.00 22.82 ? 54  ASP B CA  1 
ATOM   454  C  C   . ASP A 1 56  ? 11.848  -7.788  -7.045  1.00 21.24 ? 54  ASP B C   1 
ATOM   455  O  O   . ASP A 1 56  ? 10.708  -8.177  -7.288  1.00 20.86 ? 54  ASP B O   1 
ATOM   456  C  CB  . ASP A 1 56  ? 12.782  -9.375  -8.748  1.00 24.26 ? 54  ASP B CB  1 
ATOM   457  C  CG  . ASP A 1 56  ? 12.586  -8.440  -9.934  1.00 26.58 ? 54  ASP B CG  1 
ATOM   458  O  OD1 . ASP A 1 56  ? 11.968  -7.367  -9.776  1.00 27.05 ? 54  ASP B OD1 1 
ATOM   459  O  OD2 . ASP A 1 56  ? 13.036  -8.791  -11.039 1.00 32.27 ? 54  ASP B OD2 1 
ATOM   460  N  N   . LEU A 1 57  ? 12.109  -6.650  -6.411  1.00 21.49 ? 55  LEU B N   1 
ATOM   461  C  CA  . LEU A 1 57  ? 11.057  -5.757  -5.939  1.00 23.59 ? 55  LEU B CA  1 
ATOM   462  C  C   . LEU A 1 57  ? 10.035  -5.378  -7.002  1.00 23.43 ? 55  LEU B C   1 
ATOM   463  O  O   . LEU A 1 57  ? 8.864   -5.192  -6.693  1.00 24.73 ? 55  LEU B O   1 
ATOM   464  C  CB  . LEU A 1 57  ? 11.678  -4.491  -5.349  1.00 25.52 ? 55  LEU B CB  1 
ATOM   465  C  CG  . LEU A 1 57  ? 12.642  -4.700  -4.178  1.00 28.61 ? 55  LEU B CG  1 
ATOM   466  C  CD1 . LEU A 1 57  ? 13.545  -3.489  -4.018  1.00 31.19 ? 55  LEU B CD1 1 
ATOM   467  C  CD2 . LEU A 1 57  ? 11.860  -4.952  -2.914  1.00 30.12 ? 55  LEU B CD2 1 
ATOM   468  N  N   . GLU A 1 58  ? 10.465  -5.253  -8.252  1.00 23.09 ? 56  GLU B N   1 
ATOM   469  C  CA  . GLU A 1 58  ? 9.521   -4.906  -9.303  1.00 23.35 ? 56  GLU B CA  1 
ATOM   470  C  C   . GLU A 1 58  ? 8.552   -6.069  -9.491  1.00 21.22 ? 56  GLU B C   1 
ATOM   471  O  O   . GLU A 1 58  ? 7.344   -5.868  -9.634  1.00 21.38 ? 56  GLU B O   1 
ATOM   472  C  CB  . GLU A 1 58  ? 10.262  -4.570  -10.606 1.00 23.48 ? 56  GLU B CB  1 
ATOM   473  C  CG  . GLU A 1 58  ? 11.248  -3.414  -10.416 1.00 29.99 ? 56  GLU B CG  1 
ATOM   474  C  CD  . GLU A 1 58  ? 11.768  -2.830  -11.720 1.00 33.24 ? 56  GLU B CD  1 
ATOM   475  O  OE1 . GLU A 1 58  ? 12.387  -3.573  -12.509 1.00 36.44 ? 56  GLU B OE1 1 
ATOM   476  O  OE2 . GLU A 1 58  ? 11.562  -1.619  -11.950 1.00 36.83 ? 56  GLU B OE2 1 
ATOM   477  N  N   . ALA A 1 59  ? 9.085   -7.286  -9.455  1.00 19.02 ? 57  ALA B N   1 
ATOM   478  C  CA  . ALA A 1 59  ? 8.263   -8.485  -9.600  1.00 19.92 ? 57  ALA B CA  1 
ATOM   479  C  C   . ALA A 1 59  ? 7.265   -8.576  -8.451  1.00 19.71 ? 57  ALA B C   1 
ATOM   480  O  O   . ALA A 1 59  ? 6.117   -8.976  -8.646  1.00 20.48 ? 57  ALA B O   1 
ATOM   481  C  CB  . ALA A 1 59  ? 9.145   -9.734  -9.620  1.00 16.42 ? 57  ALA B CB  1 
ATOM   482  N  N   . VAL A 1 60  ? 7.697   -8.204  -7.249  1.00 20.45 ? 58  VAL B N   1 
ATOM   483  C  CA  . VAL A 1 60  ? 6.801   -8.266  -6.098  1.00 20.27 ? 58  VAL B CA  1 
ATOM   484  C  C   . VAL A 1 60  ? 5.657   -7.276  -6.290  1.00 21.33 ? 58  VAL B C   1 
ATOM   485  O  O   . VAL A 1 60  ? 4.484   -7.633  -6.170  1.00 19.89 ? 58  VAL B O   1 
ATOM   486  C  CB  . VAL A 1 60  ? 7.535   -7.934  -4.767  1.00 19.66 ? 58  VAL B CB  1 
ATOM   487  C  CG1 . VAL A 1 60  ? 6.539   -7.936  -3.615  1.00 19.05 ? 58  VAL B CG1 1 
ATOM   488  C  CG2 . VAL A 1 60  ? 8.628   -8.956  -4.500  1.00 16.29 ? 58  VAL B CG2 1 
ATOM   489  N  N   . GLY A 1 61  ? 6.010   -6.031  -6.589  1.00 22.51 ? 59  GLY B N   1 
ATOM   490  C  CA  . GLY A 1 61  ? 5.002   -5.011  -6.790  1.00 21.94 ? 59  GLY B CA  1 
ATOM   491  C  C   . GLY A 1 61  ? 4.007   -5.423  -7.857  1.00 22.73 ? 59  GLY B C   1 
ATOM   492  O  O   . GLY A 1 61  ? 2.797   -5.200  -7.715  1.00 22.64 ? 59  GLY B O   1 
ATOM   493  N  N   . ASP A 1 62  ? 4.513   -6.039  -8.921  1.00 22.01 ? 60  ASP B N   1 
ATOM   494  C  CA  . ASP A 1 62  ? 3.662   -6.466  -10.022 1.00 22.46 ? 60  ASP B CA  1 
ATOM   495  C  C   . ASP A 1 62  ? 2.715   -7.573  -9.574  1.00 21.47 ? 60  ASP B C   1 
ATOM   496  O  O   . ASP A 1 62  ? 1.515   -7.545  -9.877  1.00 21.08 ? 60  ASP B O   1 
ATOM   497  C  CB  . ASP A 1 62  ? 4.516   -6.948  -11.195 1.00 26.01 ? 60  ASP B CB  1 
ATOM   498  C  CG  . ASP A 1 62  ? 3.693   -7.226  -12.433 1.00 30.24 ? 60  ASP B CG  1 
ATOM   499  O  OD1 . ASP A 1 62  ? 2.962   -6.313  -12.867 1.00 35.72 ? 60  ASP B OD1 1 
ATOM   500  O  OD2 . ASP A 1 62  ? 3.773   -8.351  -12.968 1.00 33.64 ? 60  ASP B OD2 1 
ATOM   501  N  N   . TYR A 1 63  ? 3.253   -8.544  -8.844  1.00 19.08 ? 61  TYR B N   1 
ATOM   502  C  CA  . TYR A 1 63  ? 2.445   -9.650  -8.343  1.00 18.64 ? 61  TYR B CA  1 
ATOM   503  C  C   . TYR A 1 63  ? 1.366   -9.171  -7.356  1.00 17.94 ? 61  TYR B C   1 
ATOM   504  O  O   . TYR A 1 63  ? 0.231   -9.613  -7.421  1.00 17.34 ? 61  TYR B O   1 
ATOM   505  C  CB  . TYR A 1 63  ? 3.339   -10.687 -7.658  1.00 19.92 ? 61  TYR B CB  1 
ATOM   506  C  CG  . TYR A 1 63  ? 2.562   -11.828 -7.047  1.00 21.18 ? 61  TYR B CG  1 
ATOM   507  C  CD1 . TYR A 1 63  ? 2.259   -12.971 -7.786  1.00 19.25 ? 61  TYR B CD1 1 
ATOM   508  C  CD2 . TYR A 1 63  ? 2.084   -11.741 -5.735  1.00 22.22 ? 61  TYR B CD2 1 
ATOM   509  C  CE1 . TYR A 1 63  ? 1.495   -13.999 -7.234  1.00 21.02 ? 61  TYR B CE1 1 
ATOM   510  C  CE2 . TYR A 1 63  ? 1.323   -12.762 -5.174  1.00 22.47 ? 61  TYR B CE2 1 
ATOM   511  C  CZ  . TYR A 1 63  ? 1.029   -13.884 -5.926  1.00 20.33 ? 61  TYR B CZ  1 
ATOM   512  O  OH  . TYR A 1 63  ? 0.248   -14.868 -5.379  1.00 22.23 ? 61  TYR B OH  1 
ATOM   513  N  N   . LEU A 1 64  ? 1.734   -8.267  -6.448  1.00 16.91 ? 62  LEU B N   1 
ATOM   514  C  CA  . LEU A 1 64  ? 0.811   -7.753  -5.438  1.00 16.54 ? 62  LEU B CA  1 
ATOM   515  C  C   . LEU A 1 64  ? -0.268  -6.828  -6.011  1.00 17.48 ? 62  LEU B C   1 
ATOM   516  O  O   . LEU A 1 64  ? -1.348  -6.698  -5.432  1.00 14.74 ? 62  LEU B O   1 
ATOM   517  C  CB  . LEU A 1 64  ? 1.573   -7.000  -4.337  1.00 12.55 ? 62  LEU B CB  1 
ATOM   518  C  CG  . LEU A 1 64  ? 2.472   -7.774  -3.356  1.00 15.92 ? 62  LEU B CG  1 
ATOM   519  C  CD1 . LEU A 1 64  ? 3.252   -6.777  -2.517  1.00 14.55 ? 62  LEU B CD1 1 
ATOM   520  C  CD2 . LEU A 1 64  ? 1.643   -8.713  -2.458  1.00 12.72 ? 62  LEU B CD2 1 
ATOM   521  N  N   . SER A 1 65  ? 0.025   -6.175  -7.131  1.00 16.18 ? 63  SER B N   1 
ATOM   522  C  CA  . SER A 1 65  ? -0.960  -5.271  -7.726  1.00 18.49 ? 63  SER B CA  1 
ATOM   523  C  C   . SER A 1 65  ? -1.819  -5.939  -8.795  1.00 19.86 ? 63  SER B C   1 
ATOM   524  O  O   . SER A 1 65  ? -2.611  -5.271  -9.449  1.00 21.94 ? 63  SER B O   1 
ATOM   525  C  CB  . SER A 1 65  ? -0.269  -4.031  -8.321  1.00 16.70 ? 63  SER B CB  1 
ATOM   526  O  OG  . SER A 1 65  ? 0.574   -4.370  -9.403  1.00 18.41 ? 63  SER B OG  1 
ATOM   527  N  N   . SER A 1 66  ? -1.666  -7.256  -8.961  1.00 21.41 ? 64  SER B N   1 
ATOM   528  C  CA  . SER A 1 66  ? -2.441  -8.006  -9.947  1.00 22.65 ? 64  SER B CA  1 
ATOM   529  C  C   . SER A 1 66  ? -3.873  -8.249  -9.466  1.00 22.67 ? 64  SER B C   1 
ATOM   530  O  O   . SER A 1 66  ? -4.122  -8.334  -8.271  1.00 21.99 ? 64  SER B O   1 
ATOM   531  C  CB  . SER A 1 66  ? -1.748  -9.330  -10.260 1.00 23.32 ? 64  SER B CB  1 
ATOM   532  O  OG  . SER A 1 66  ? -0.557  -9.075  -10.982 1.00 28.03 ? 64  SER B OG  1 
ATOM   533  N  N   . PRO A 1 67  ? -4.829  -8.372  -10.401 1.00 23.72 ? 65  PRO B N   1 
ATOM   534  C  CA  . PRO A 1 67  ? -6.243  -8.592  -10.070 1.00 24.17 ? 65  PRO B CA  1 
ATOM   535  C  C   . PRO A 1 67  ? -6.683  -9.984  -9.625  1.00 23.27 ? 65  PRO B C   1 
ATOM   536  O  O   . PRO A 1 67  ? -7.763  -10.130 -9.047  1.00 24.71 ? 65  PRO B O   1 
ATOM   537  C  CB  . PRO A 1 67  ? -6.957  -8.160  -11.347 1.00 23.96 ? 65  PRO B CB  1 
ATOM   538  C  CG  . PRO A 1 67  ? -6.008  -8.661  -12.407 1.00 24.13 ? 65  PRO B CG  1 
ATOM   539  C  CD  . PRO A 1 67  ? -4.647  -8.248  -11.862 1.00 23.51 ? 65  PRO B CD  1 
ATOM   540  N  N   . GLU A 1 68  ? -5.869  -10.999 -9.896  1.00 23.06 ? 66  GLU B N   1 
ATOM   541  C  CA  . GLU A 1 68  ? -6.225  -12.370 -9.531  1.00 24.21 ? 66  GLU B CA  1 
ATOM   542  C  C   . GLU A 1 68  ? -6.559  -12.522 -8.044  1.00 23.32 ? 66  GLU B C   1 
ATOM   543  O  O   . GLU A 1 68  ? -5.983  -11.845 -7.191  1.00 23.14 ? 66  GLU B O   1 
ATOM   544  C  CB  . GLU A 1 68  ? -5.095  -13.325 -9.920  1.00 28.13 ? 66  GLU B CB  1 
ATOM   545  C  CG  . GLU A 1 68  ? -4.666  -13.183 -11.373 1.00 37.16 ? 66  GLU B CG  1 
ATOM   546  C  CD  . GLU A 1 68  ? -5.675  -13.762 -12.341 1.00 39.50 ? 66  GLU B CD  1 
ATOM   547  O  OE1 . GLU A 1 68  ? -6.892  -13.661 -12.074 1.00 42.87 ? 66  GLU B OE1 1 
ATOM   548  O  OE2 . GLU A 1 68  ? -5.250  -14.312 -13.382 1.00 44.04 ? 66  GLU B OE2 1 
ATOM   549  N  N   . ALA A 1 69  ? -7.499  -13.418 -7.760  1.00 20.06 ? 67  ALA B N   1 
ATOM   550  C  CA  . ALA A 1 69  ? -7.966  -13.697 -6.404  1.00 18.76 ? 67  ALA B CA  1 
ATOM   551  C  C   . ALA A 1 69  ? -6.834  -13.980 -5.409  1.00 19.68 ? 67  ALA B C   1 
ATOM   552  O  O   . ALA A 1 69  ? -6.772  -13.380 -4.333  1.00 19.06 ? 67  ALA B O   1 
ATOM   553  C  CB  . ALA A 1 69  ? -8.940  -14.877 -6.440  1.00 18.14 ? 67  ALA B CB  1 
ATOM   554  N  N   . GLU A 1 70  ? -5.955  -14.911 -5.767  1.00 17.25 ? 68  GLU B N   1 
ATOM   555  C  CA  . GLU A 1 70  ? -4.825  -15.273 -4.918  1.00 19.99 ? 68  GLU B CA  1 
ATOM   556  C  C   . GLU A 1 70  ? -3.964  -14.035 -4.638  1.00 20.16 ? 68  GLU B C   1 
ATOM   557  O  O   . GLU A 1 70  ? -3.606  -13.762 -3.492  1.00 20.67 ? 68  GLU B O   1 
ATOM   558  C  CB  . GLU A 1 70  ? -4.003  -16.365 -5.613  1.00 20.87 ? 68  GLU B CB  1 
ATOM   559  C  CG  . GLU A 1 70  ? -2.658  -16.676 -4.996  1.00 25.65 ? 68  GLU B CG  1 
ATOM   560  C  CD  . GLU A 1 70  ? -1.834  -17.607 -5.876  1.00 29.71 ? 68  GLU B CD  1 
ATOM   561  O  OE1 . GLU A 1 70  ? -2.227  -18.786 -6.006  1.00 30.83 ? 68  GLU B OE1 1 
ATOM   562  O  OE2 . GLU A 1 70  ? -0.804  -17.158 -6.447  1.00 29.63 ? 68  GLU B OE2 1 
ATOM   563  N  N   . ASN A 1 71  ? -3.650  -13.285 -5.692  1.00 20.52 ? 69  ASN B N   1 
ATOM   564  C  CA  . ASN A 1 71  ? -2.839  -12.078 -5.569  1.00 19.61 ? 69  ASN B CA  1 
ATOM   565  C  C   . ASN A 1 71  ? -3.490  -11.075 -4.616  1.00 19.75 ? 69  ASN B C   1 
ATOM   566  O  O   . ASN A 1 71  ? -2.832  -10.514 -3.730  1.00 19.48 ? 69  ASN B O   1 
ATOM   567  C  CB  . ASN A 1 71  ? -2.656  -11.428 -6.944  1.00 21.82 ? 69  ASN B CB  1 
ATOM   568  C  CG  . ASN A 1 71  ? -1.967  -12.351 -7.946  1.00 21.69 ? 69  ASN B CG  1 
ATOM   569  O  OD1 . ASN A 1 71  ? -2.524  -13.364 -8.367  1.00 21.99 ? 69  ASN B OD1 1 
ATOM   570  N  ND2 . ASN A 1 71  ? -0.750  -11.998 -8.326  1.00 21.32 ? 69  ASN B ND2 1 
ATOM   571  N  N   . GLN A 1 72  ? -4.787  -10.857 -4.810  1.00 18.01 ? 70  GLN B N   1 
ATOM   572  C  CA  . GLN A 1 72  ? -5.547  -9.926  -3.991  1.00 17.27 ? 70  GLN B CA  1 
ATOM   573  C  C   . GLN A 1 72  ? -5.552  -10.335 -2.520  1.00 17.96 ? 70  GLN B C   1 
ATOM   574  O  O   . GLN A 1 72  ? -5.465  -9.486  -1.631  1.00 17.44 ? 70  GLN B O   1 
ATOM   575  C  CB  . GLN A 1 72  ? -6.981  -9.835  -4.508  1.00 16.49 ? 70  GLN B CB  1 
ATOM   576  C  CG  . GLN A 1 72  ? -7.144  -8.942  -5.722  1.00 16.45 ? 70  GLN B CG  1 
ATOM   577  C  CD  . GLN A 1 72  ? -7.421  -7.509  -5.327  1.00 17.85 ? 70  GLN B CD  1 
ATOM   578  O  OE1 . GLN A 1 72  ? -6.500  -6.732  -5.092  1.00 18.07 ? 70  GLN B OE1 1 
ATOM   579  N  NE2 . GLN A 1 72  ? -8.709  -7.159  -5.226  1.00 16.35 ? 70  GLN B NE2 1 
ATOM   580  N  N   . GLN A 1 73  ? -5.645  -11.637 -2.269  1.00 16.79 ? 71  GLN B N   1 
ATOM   581  C  CA  . GLN A 1 73  ? -5.646  -12.130 -0.901  1.00 19.79 ? 71  GLN B CA  1 
ATOM   582  C  C   . GLN A 1 73  ? -4.250  -11.960 -0.303  1.00 18.89 ? 71  GLN B C   1 
ATOM   583  O  O   . GLN A 1 73  ? -4.117  -11.623 0.875   1.00 18.75 ? 71  GLN B O   1 
ATOM   584  C  CB  . GLN A 1 73  ? -6.070  -13.598 -0.860  1.00 19.66 ? 71  GLN B CB  1 
ATOM   585  C  CG  . GLN A 1 73  ? -6.518  -14.052 0.501   1.00 27.99 ? 71  GLN B CG  1 
ATOM   586  C  CD  . GLN A 1 73  ? -7.804  -13.393 0.947   1.00 24.88 ? 71  GLN B CD  1 
ATOM   587  O  OE1 . GLN A 1 73  ? -8.829  -13.482 0.274   1.00 30.06 ? 71  GLN B OE1 1 
ATOM   588  N  NE2 . GLN A 1 73  ? -7.761  -12.739 2.093   1.00 29.94 ? 71  GLN B NE2 1 
ATOM   589  N  N   . VAL A 1 74  ? -3.211  -12.183 -1.107  1.00 17.27 ? 72  VAL B N   1 
ATOM   590  C  CA  . VAL A 1 74  ? -1.842  -12.006 -0.611  1.00 17.74 ? 72  VAL B CA  1 
ATOM   591  C  C   . VAL A 1 74  ? -1.629  -10.537 -0.238  1.00 17.11 ? 72  VAL B C   1 
ATOM   592  O  O   . VAL A 1 74  ? -1.059  -10.236 0.804   1.00 15.25 ? 72  VAL B O   1 
ATOM   593  C  CB  . VAL A 1 74  ? -0.780  -12.403 -1.659  1.00 18.58 ? 72  VAL B CB  1 
ATOM   594  C  CG1 . VAL A 1 74  ? 0.626   -12.078 -1.129  1.00 16.54 ? 72  VAL B CG1 1 
ATOM   595  C  CG2 . VAL A 1 74  ? -0.890  -13.899 -1.965  1.00 19.61 ? 72  VAL B CG2 1 
ATOM   596  N  N   . LEU A 1 75  ? -2.108  -9.634  -1.093  1.00 17.65 ? 73  LEU B N   1 
ATOM   597  C  CA  . LEU A 1 75  ? -1.984  -8.199  -0.850  1.00 16.65 ? 73  LEU B CA  1 
ATOM   598  C  C   . LEU A 1 75  ? -2.692  -7.816  0.446   1.00 17.13 ? 73  LEU B C   1 
ATOM   599  O  O   . LEU A 1 75  ? -2.160  -7.062  1.253   1.00 19.43 ? 73  LEU B O   1 
ATOM   600  C  CB  . LEU A 1 75  ? -2.599  -7.390  -2.000  1.00 15.26 ? 73  LEU B CB  1 
ATOM   601  C  CG  . LEU A 1 75  ? -2.651  -5.874  -1.738  1.00 16.94 ? 73  LEU B CG  1 
ATOM   602  C  CD1 . LEU A 1 75  ? -1.222  -5.338  -1.653  1.00 11.65 ? 73  LEU B CD1 1 
ATOM   603  C  CD2 . LEU A 1 75  ? -3.426  -5.147  -2.838  1.00 17.42 ? 73  LEU B CD2 1 
ATOM   604  N  N   . LYS A 1 76  ? -3.899  -8.327  0.635   1.00 16.84 ? 74  LYS B N   1 
ATOM   605  C  CA  . LYS A 1 76  ? -4.658  -8.026  1.843   1.00 18.88 ? 74  LYS B CA  1 
ATOM   606  C  C   . LYS A 1 76  ? -3.847  -8.437  3.068   1.00 18.97 ? 74  LYS B C   1 
ATOM   607  O  O   . LYS A 1 76  ? -3.712  -7.670  4.014   1.00 18.49 ? 74  LYS B O   1 
ATOM   608  C  CB  . LYS A 1 76  ? -6.000  -8.760  1.819   1.00 20.07 ? 74  LYS B CB  1 
ATOM   609  C  CG  . LYS A 1 76  ? -6.903  -8.485  3.019   1.00 24.99 ? 74  LYS B CG  1 
ATOM   610  C  CD  . LYS A 1 76  ? -8.320  -8.945  2.720   1.00 27.51 ? 74  LYS B CD  1 
ATOM   611  C  CE  . LYS A 1 76  ? -9.215  -8.897  3.944   1.00 29.54 ? 74  LYS B CE  1 
ATOM   612  N  NZ  . LYS A 1 76  ? -8.856  -9.971  4.909   1.00 31.14 ? 74  LYS B NZ  1 
ATOM   613  N  N   . ALA A 1 77  ? -3.292  -9.646  3.030   1.00 18.62 ? 75  ALA B N   1 
ATOM   614  C  CA  . ALA A 1 77  ? -2.489  -10.150 4.135   1.00 19.07 ? 75  ALA B CA  1 
ATOM   615  C  C   . ALA A 1 77  ? -1.224  -9.308  4.301   1.00 18.44 ? 75  ALA B C   1 
ATOM   616  O  O   . ALA A 1 77  ? -0.818  -8.984  5.415   1.00 19.14 ? 75  ALA B O   1 
ATOM   617  C  CB  . ALA A 1 77  ? -2.114  -11.622 3.884   1.00 17.70 ? 75  ALA B CB  1 
ATOM   618  N  N   . PHE A 1 78  ? -0.617  -8.951  3.179   1.00 18.39 ? 76  PHE B N   1 
ATOM   619  C  CA  . PHE A 1 78  ? 0.611   -8.172  3.177   1.00 17.97 ? 76  PHE B CA  1 
ATOM   620  C  C   . PHE A 1 78  ? 0.464   -6.790  3.817   1.00 19.05 ? 76  PHE B C   1 
ATOM   621  O  O   . PHE A 1 78  ? 1.326   -6.344  4.571   1.00 16.10 ? 76  PHE B O   1 
ATOM   622  C  CB  . PHE A 1 78  ? 1.114   -8.039  1.741   1.00 18.73 ? 76  PHE B CB  1 
ATOM   623  C  CG  . PHE A 1 78  ? 2.369   -7.223  1.603   1.00 19.18 ? 76  PHE B CG  1 
ATOM   624  C  CD1 . PHE A 1 78  ? 2.302   -5.843  1.428   1.00 20.28 ? 76  PHE B CD1 1 
ATOM   625  C  CD2 . PHE A 1 78  ? 3.615   -7.835  1.622   1.00 19.20 ? 76  PHE B CD2 1 
ATOM   626  C  CE1 . PHE A 1 78  ? 3.460   -5.083  1.267   1.00 21.87 ? 76  PHE B CE1 1 
ATOM   627  C  CE2 . PHE A 1 78  ? 4.792   -7.083  1.462   1.00 22.83 ? 76  PHE B CE2 1 
ATOM   628  C  CZ  . PHE A 1 78  ? 4.713   -5.706  1.283   1.00 23.21 ? 76  PHE B CZ  1 
ATOM   629  N  N   . THR A 1 79  ? -0.637  -6.121  3.517   1.00 18.92 ? 77  THR B N   1 
ATOM   630  C  CA  . THR A 1 79  ? -0.887  -4.789  4.033   1.00 20.10 ? 77  THR B CA  1 
ATOM   631  C  C   . THR A 1 79  ? -1.384  -4.810  5.481   1.00 22.04 ? 77  THR B C   1 
ATOM   632  O  O   . THR A 1 79  ? -1.049  -3.931  6.279   1.00 22.08 ? 77  THR B O   1 
ATOM   633  C  CB  . THR A 1 79  ? -1.906  -4.076  3.138   1.00 19.55 ? 77  THR B CB  1 
ATOM   634  O  OG1 . THR A 1 79  ? -1.496  -4.210  1.772   1.00 19.69 ? 77  THR B OG1 1 
ATOM   635  C  CG2 . THR A 1 79  ? -2.007  -2.603  3.497   1.00 19.67 ? 77  THR B CG2 1 
ATOM   636  N  N   . SER A 1 80  ? -2.182  -5.814  5.823   1.00 21.86 ? 78  SER B N   1 
ATOM   637  C  CA  . SER A 1 80  ? -2.698  -5.918  7.184   1.00 26.42 ? 78  SER B CA  1 
ATOM   638  C  C   . SER A 1 80  ? -1.577  -6.217  8.184   1.00 27.12 ? 78  SER B C   1 
ATOM   639  O  O   . SER A 1 80  ? -1.731  -5.981  9.376   1.00 28.09 ? 78  SER B O   1 
ATOM   640  C  CB  . SER A 1 80  ? -3.764  -7.013  7.268   1.00 24.54 ? 78  SER B CB  1 
ATOM   641  O  OG  . SER A 1 80  ? -3.212  -8.265  6.907   1.00 29.71 ? 78  SER B OG  1 
ATOM   642  N  N   . GLN A 1 81  ? -0.459  -6.737  7.690   1.00 28.51 ? 79  GLN B N   1 
ATOM   643  C  CA  . GLN A 1 81  ? 0.685   -7.062  8.538   1.00 31.98 ? 79  GLN B CA  1 
ATOM   644  C  C   . GLN A 1 81  ? 1.497   -5.814  8.870   1.00 32.77 ? 79  GLN B C   1 
ATOM   645  O  O   . GLN A 1 81  ? 2.412   -5.856  9.688   1.00 34.57 ? 79  GLN B O   1 
ATOM   646  C  CB  . GLN A 1 81  ? 1.584   -8.103  7.850   1.00 33.26 ? 79  GLN B CB  1 
ATOM   647  C  CG  . GLN A 1 81  ? 0.926   -9.488  7.685   1.00 34.77 ? 79  GLN B CG  1 
ATOM   648  C  CD  . GLN A 1 81  ? 1.847   -10.534 7.051   1.00 35.66 ? 79  GLN B CD  1 
ATOM   649  O  OE1 . GLN A 1 81  ? 1.437   -11.678 6.808   1.00 36.44 ? 79  GLN B OE1 1 
ATOM   650  N  NE2 . GLN A 1 81  ? 3.089   -10.149 6.787   1.00 33.47 ? 79  GLN B NE2 1 
HETATM 651  N  N   . MSE A 1 82  ? 1.157   -4.699  8.231   1.00 33.69 ? 80  MSE B N   1 
HETATM 652  C  CA  . MSE A 1 82  ? 1.857   -3.438  8.465   1.00 32.59 ? 80  MSE B CA  1 
HETATM 653  C  C   . MSE A 1 82  ? 1.149   -2.670  9.577   1.00 32.00 ? 80  MSE B C   1 
HETATM 654  O  O   . MSE A 1 82  ? -0.055  -2.827  9.784   1.00 31.83 ? 80  MSE B O   1 
HETATM 655  C  CB  . MSE A 1 82  ? 1.895   -2.611  7.173   1.00 33.86 ? 80  MSE B CB  1 
HETATM 656  C  CG  . MSE A 1 82  ? 2.702   -3.256  6.051   1.00 35.56 ? 80  MSE B CG  1 
HETATM 657  SE SE  . MSE A 1 82  ? 2.693   -2.243  4.395   1.00 41.54 ? 80  MSE B SE  1 
HETATM 658  C  CE  . MSE A 1 82  ? 3.396   -0.579  5.061   1.00 35.49 ? 80  MSE B CE  1 
ATOM   659  N  N   . ASN A 1 83  ? 1.890   -1.839  10.296  1.00 32.29 ? 81  ASN B N   1 
ATOM   660  C  CA  . ASN A 1 83  ? 1.301   -1.088  11.397  1.00 35.10 ? 81  ASN B CA  1 
ATOM   661  C  C   . ASN A 1 83  ? 0.863   0.318   10.988  1.00 35.07 ? 81  ASN B C   1 
ATOM   662  O  O   . ASN A 1 83  ? 1.689   1.161   10.639  1.00 36.14 ? 81  ASN B O   1 
ATOM   663  C  CB  . ASN A 1 83  ? 2.294   -1.024  12.563  1.00 37.93 ? 81  ASN B CB  1 
ATOM   664  C  CG  . ASN A 1 83  ? 1.702   -0.391  13.805  1.00 41.05 ? 81  ASN B CG  1 
ATOM   665  O  OD1 . ASN A 1 83  ? 0.663   -0.825  14.308  1.00 41.40 ? 81  ASN B OD1 1 
ATOM   666  N  ND2 . ASN A 1 83  ? 2.365   0.638   14.312  1.00 42.56 ? 81  ASN B ND2 1 
ATOM   667  N  N   . PHE A 1 84  ? -0.445  0.557   11.031  1.00 33.59 ? 82  PHE B N   1 
ATOM   668  C  CA  . PHE A 1 84  ? -1.004  1.857   10.670  1.00 34.08 ? 82  PHE B CA  1 
ATOM   669  C  C   . PHE A 1 84  ? -1.595  2.552   11.891  1.00 35.29 ? 82  PHE B C   1 
ATOM   670  O  O   . PHE A 1 84  ? -2.126  3.665   11.804  1.00 33.63 ? 82  PHE B O   1 
ATOM   671  C  CB  . PHE A 1 84  ? -2.066  1.687   9.577   1.00 29.19 ? 82  PHE B CB  1 
ATOM   672  C  CG  . PHE A 1 84  ? -1.504  1.189   8.271   1.00 28.31 ? 82  PHE B CG  1 
ATOM   673  C  CD1 . PHE A 1 84  ? -0.569  1.950   7.567   1.00 24.86 ? 82  PHE B CD1 1 
ATOM   674  C  CD2 . PHE A 1 84  ? -1.878  -0.053  7.761   1.00 25.75 ? 82  PHE B CD2 1 
ATOM   675  C  CE1 . PHE A 1 84  ? -0.013  1.479   6.379   1.00 24.57 ? 82  PHE B CE1 1 
ATOM   676  C  CE2 . PHE A 1 84  ? -1.325  -0.532  6.570   1.00 25.32 ? 82  PHE B CE2 1 
ATOM   677  C  CZ  . PHE A 1 84  ? -0.390  0.235   5.880   1.00 23.55 ? 82  PHE B CZ  1 
ATOM   678  N  N   . ASN A 1 85  ? -1.504  1.872   13.027  1.00 38.42 ? 83  ASN B N   1 
ATOM   679  C  CA  . ASN A 1 85  ? -1.992  2.408   14.287  1.00 42.56 ? 83  ASN B CA  1 
ATOM   680  C  C   . ASN A 1 85  ? -0.773  3.101   14.892  1.00 44.26 ? 83  ASN B C   1 
ATOM   681  O  O   . ASN A 1 85  ? 0.363   2.674   14.665  1.00 45.18 ? 83  ASN B O   1 
ATOM   682  C  CB  . ASN A 1 85  ? -2.461  1.273   15.203  1.00 44.09 ? 83  ASN B CB  1 
ATOM   683  C  CG  . ASN A 1 85  ? -3.433  1.746   16.273  1.00 48.14 ? 83  ASN B CG  1 
ATOM   684  O  OD1 . ASN A 1 85  ? -3.678  1.046   17.261  1.00 51.07 ? 83  ASN B OD1 1 
ATOM   685  N  ND2 . ASN A 1 85  ? -4.001  2.930   16.075  1.00 47.73 ? 83  ASN B ND2 1 
ATOM   686  N  N   . GLY A 1 86  ? -0.993  4.172   15.646  1.00 44.85 ? 84  GLY B N   1 
ATOM   687  C  CA  . GLY A 1 86  ? 0.139   4.865   16.236  1.00 45.86 ? 84  GLY B CA  1 
ATOM   688  C  C   . GLY A 1 86  ? 1.111   5.339   15.169  1.00 44.64 ? 84  GLY B C   1 
ATOM   689  O  O   . GLY A 1 86  ? 2.291   4.987   15.164  1.00 44.04 ? 84  GLY B O   1 
ATOM   690  N  N   . GLN A 1 87  ? 0.590   6.157   14.263  1.00 44.21 ? 85  GLN B N   1 
ATOM   691  C  CA  . GLN A 1 87  ? 1.345   6.719   13.152  1.00 41.18 ? 85  GLN B CA  1 
ATOM   692  C  C   . GLN A 1 87  ? 0.264   7.438   12.347  1.00 37.67 ? 85  GLN B C   1 
ATOM   693  O  O   . GLN A 1 87  ? -0.725  6.823   11.968  1.00 37.71 ? 85  GLN B O   1 
ATOM   694  C  CB  . GLN A 1 87  ? 1.965   5.588   12.328  1.00 44.11 ? 85  GLN B CB  1 
ATOM   695  C  CG  . GLN A 1 87  ? 2.960   6.020   11.275  1.00 44.57 ? 85  GLN B CG  1 
ATOM   696  C  CD  . GLN A 1 87  ? 3.270   4.901   10.301  1.00 46.92 ? 85  GLN B CD  1 
ATOM   697  O  OE1 . GLN A 1 87  ? 4.174   5.009   9.471   1.00 47.40 ? 85  GLN B OE1 1 
ATOM   698  N  NE2 . GLN A 1 87  ? 2.509   3.817   10.391  1.00 47.64 ? 85  GLN B NE2 1 
ATOM   699  N  N   . SER A 1 88  ? 0.439   8.732   12.106  1.00 34.52 ? 86  SER B N   1 
ATOM   700  C  CA  . SER A 1 88  ? -0.558  9.512   11.370  1.00 32.06 ? 86  SER B CA  1 
ATOM   701  C  C   . SER A 1 88  ? -0.959  8.893   10.033  1.00 30.83 ? 86  SER B C   1 
ATOM   702  O  O   . SER A 1 88  ? -0.228  8.072   9.467   1.00 28.54 ? 86  SER B O   1 
ATOM   703  C  CB  . SER A 1 88  ? -0.039  10.917  11.107  1.00 30.00 ? 86  SER B CB  1 
ATOM   704  O  OG  . SER A 1 88  ? 0.876   10.883  10.035  1.00 31.08 ? 86  SER B OG  1 
ATOM   705  N  N   . PHE A 1 89  ? -2.121  9.310   9.530   1.00 27.71 ? 87  PHE B N   1 
ATOM   706  C  CA  . PHE A 1 89  ? -2.639  8.827   8.257   1.00 25.71 ? 87  PHE B CA  1 
ATOM   707  C  C   . PHE A 1 89  ? -1.593  9.051   7.158   1.00 25.84 ? 87  PHE B C   1 
ATOM   708  O  O   . PHE A 1 89  ? -1.278  8.143   6.394   1.00 25.27 ? 87  PHE B O   1 
ATOM   709  C  CB  . PHE A 1 89  ? -3.924  9.582   7.898   1.00 24.58 ? 87  PHE B CB  1 
ATOM   710  C  CG  . PHE A 1 89  ? -4.506  9.195   6.566   1.00 21.95 ? 87  PHE B CG  1 
ATOM   711  C  CD1 . PHE A 1 89  ? -5.308  8.068   6.442   1.00 19.10 ? 87  PHE B CD1 1 
ATOM   712  C  CD2 . PHE A 1 89  ? -4.238  9.951   5.432   1.00 23.29 ? 87  PHE B CD2 1 
ATOM   713  C  CE1 . PHE A 1 89  ? -5.835  7.701   5.216   1.00 18.95 ? 87  PHE B CE1 1 
ATOM   714  C  CE2 . PHE A 1 89  ? -4.762  9.589   4.192   1.00 21.59 ? 87  PHE B CE2 1 
ATOM   715  C  CZ  . PHE A 1 89  ? -5.562  8.461   4.084   1.00 19.61 ? 87  PHE B CZ  1 
ATOM   716  N  N   . VAL A 1 90  ? -1.066  10.272  7.092   1.00 25.11 ? 88  VAL B N   1 
ATOM   717  C  CA  . VAL A 1 90  ? -0.061  10.638  6.098   1.00 24.65 ? 88  VAL B CA  1 
ATOM   718  C  C   . VAL A 1 90  ? 1.212   9.794   6.231   1.00 26.09 ? 88  VAL B C   1 
ATOM   719  O  O   . VAL A 1 90  ? 1.746   9.309   5.236   1.00 24.59 ? 88  VAL B O   1 
ATOM   720  C  CB  . VAL A 1 90  ? 0.291   12.153  6.208   1.00 23.75 ? 88  VAL B CB  1 
ATOM   721  C  CG1 . VAL A 1 90  ? 1.461   12.502  5.287   1.00 22.88 ? 88  VAL B CG1 1 
ATOM   722  C  CG2 . VAL A 1 90  ? -0.936  12.999  5.834   1.00 21.65 ? 88  VAL B CG2 1 
ATOM   723  N  N   . GLU A 1 91  ? 1.688   9.616   7.461   1.00 26.90 ? 89  GLU B N   1 
ATOM   724  C  CA  . GLU A 1 91  ? 2.885   8.822   7.710   1.00 28.49 ? 89  GLU B CA  1 
ATOM   725  C  C   . GLU A 1 91  ? 2.627   7.390   7.262   1.00 28.22 ? 89  GLU B C   1 
ATOM   726  O  O   . GLU A 1 91  ? 3.498   6.738   6.694   1.00 30.61 ? 89  GLU B O   1 
ATOM   727  C  CB  . GLU A 1 91  ? 3.247   8.853   9.204   1.00 29.48 ? 89  GLU B CB  1 
ATOM   728  C  CG  . GLU A 1 91  ? 3.735   10.217  9.683   1.00 36.74 ? 89  GLU B CG  1 
ATOM   729  C  CD  . GLU A 1 91  ? 3.429   10.512  11.152  1.00 39.08 ? 89  GLU B CD  1 
ATOM   730  O  OE1 . GLU A 1 91  ? 3.678   11.661  11.576  1.00 44.74 ? 89  GLU B OE1 1 
ATOM   731  O  OE2 . GLU A 1 91  ? 2.942   9.622   11.883  1.00 39.14 ? 89  GLU B OE2 1 
ATOM   732  N  N   . GLY A 1 92  ? 1.417   6.909   7.516   1.00 27.84 ? 90  GLY B N   1 
ATOM   733  C  CA  . GLY A 1 92  ? 1.065   5.557   7.131   1.00 26.40 ? 90  GLY B CA  1 
ATOM   734  C  C   . GLY A 1 92  ? 1.032   5.386   5.625   1.00 26.06 ? 90  GLY B C   1 
ATOM   735  O  O   . GLY A 1 92  ? 1.572   4.409   5.094   1.00 26.89 ? 90  GLY B O   1 
ATOM   736  N  N   . LEU A 1 93  ? 0.403   6.332   4.933   1.00 22.61 ? 91  LEU B N   1 
ATOM   737  C  CA  . LEU A 1 93  ? 0.320   6.258   3.485   1.00 21.72 ? 91  LEU B CA  1 
ATOM   738  C  C   . LEU A 1 93  ? 1.719   6.375   2.880   1.00 23.59 ? 91  LEU B C   1 
ATOM   739  O  O   . LEU A 1 93  ? 2.057   5.660   1.938   1.00 22.40 ? 91  LEU B O   1 
ATOM   740  C  CB  . LEU A 1 93  ? -0.597  7.363   2.953   1.00 21.30 ? 91  LEU B CB  1 
ATOM   741  C  CG  . LEU A 1 93  ? -0.834  7.384   1.440   1.00 20.08 ? 91  LEU B CG  1 
ATOM   742  C  CD1 . LEU A 1 93  ? -1.251  6.003   0.935   1.00 20.40 ? 91  LEU B CD1 1 
ATOM   743  C  CD2 . LEU A 1 93  ? -1.900  8.406   1.132   1.00 20.74 ? 91  LEU B CD2 1 
ATOM   744  N  N   . ARG A 1 94  ? 2.532   7.267   3.441   1.00 24.59 ? 92  ARG B N   1 
ATOM   745  C  CA  . ARG A 1 94  ? 3.901   7.470   2.968   1.00 26.31 ? 92  ARG B CA  1 
ATOM   746  C  C   . ARG A 1 94  ? 4.667   6.154   3.046   1.00 26.42 ? 92  ARG B C   1 
ATOM   747  O  O   . ARG A 1 94  ? 5.270   5.714   2.067   1.00 27.90 ? 92  ARG B O   1 
ATOM   748  C  CB  . ARG A 1 94  ? 4.610   8.519   3.833   1.00 26.46 ? 92  ARG B CB  1 
ATOM   749  C  CG  . ARG A 1 94  ? 6.076   8.755   3.465   1.00 27.02 ? 92  ARG B CG  1 
ATOM   750  C  CD  . ARG A 1 94  ? 6.782   9.607   4.524   1.00 28.19 ? 92  ARG B CD  1 
ATOM   751  N  NE  . ARG A 1 94  ? 6.017   10.807  4.867   1.00 28.14 ? 92  ARG B NE  1 
ATOM   752  C  CZ  . ARG A 1 94  ? 5.763   11.795  4.019   1.00 26.03 ? 92  ARG B CZ  1 
ATOM   753  N  NH1 . ARG A 1 94  ? 6.220   11.731  2.775   1.00 28.76 ? 92  ARG B NH1 1 
ATOM   754  N  NH2 . ARG A 1 94  ? 5.049   12.845  4.412   1.00 28.65 ? 92  ARG B NH2 1 
ATOM   755  N  N   . THR A 1 95  ? 4.633   5.533   4.220   1.00 25.48 ? 93  THR B N   1 
ATOM   756  C  CA  . THR A 1 95  ? 5.317   4.265   4.442   1.00 26.95 ? 93  THR B CA  1 
ATOM   757  C  C   . THR A 1 95  ? 4.824   3.174   3.498   1.00 25.01 ? 93  THR B C   1 
ATOM   758  O  O   . THR A 1 95  ? 5.623   2.479   2.874   1.00 25.66 ? 93  THR B O   1 
ATOM   759  C  CB  . THR A 1 95  ? 5.133   3.798   5.893   1.00 28.01 ? 93  THR B CB  1 
ATOM   760  O  OG1 . THR A 1 95  ? 5.720   4.763   6.773   1.00 32.09 ? 93  THR B OG1 1 
ATOM   761  C  CG2 . THR A 1 95  ? 5.799   2.452   6.113   1.00 32.06 ? 93  THR B CG2 1 
ATOM   762  N  N   . PHE A 1 96  ? 3.511   3.018   3.399   1.00 23.43 ? 94  PHE B N   1 
ATOM   763  C  CA  . PHE A 1 96  ? 2.948   2.015   2.504   1.00 22.89 ? 94  PHE B CA  1 
ATOM   764  C  C   . PHE A 1 96  ? 3.491   2.195   1.077   1.00 23.23 ? 94  PHE B C   1 
ATOM   765  O  O   . PHE A 1 96  ? 4.036   1.263   0.496   1.00 23.21 ? 94  PHE B O   1 
ATOM   766  C  CB  . PHE A 1 96  ? 1.420   2.115   2.507   1.00 21.14 ? 94  PHE B CB  1 
ATOM   767  C  CG  . PHE A 1 96  ? 0.746   1.269   1.459   1.00 22.41 ? 94  PHE B CG  1 
ATOM   768  C  CD1 . PHE A 1 96  ? 0.474   1.784   0.194   1.00 24.68 ? 94  PHE B CD1 1 
ATOM   769  C  CD2 . PHE A 1 96  ? 0.354   -0.036  1.745   1.00 23.81 ? 94  PHE B CD2 1 
ATOM   770  C  CE1 . PHE A 1 96  ? -0.184  1.009   -0.770  1.00 23.95 ? 94  PHE B CE1 1 
ATOM   771  C  CE2 . PHE A 1 96  ? -0.305  -0.817  0.787   1.00 22.27 ? 94  PHE B CE2 1 
ATOM   772  C  CZ  . PHE A 1 96  ? -0.572  -0.291  -0.467  1.00 23.38 ? 94  PHE B CZ  1 
ATOM   773  N  N   . LEU A 1 97  ? 3.351   3.395   0.525   1.00 22.86 ? 95  LEU B N   1 
ATOM   774  C  CA  . LEU A 1 97  ? 3.814   3.663   -0.831  1.00 25.41 ? 95  LEU B CA  1 
ATOM   775  C  C   . LEU A 1 97  ? 5.314   3.398   -1.023  1.00 26.97 ? 95  LEU B C   1 
ATOM   776  O  O   . LEU A 1 97  ? 5.721   2.834   -2.037  1.00 26.21 ? 95  LEU B O   1 
ATOM   777  C  CB  . LEU A 1 97  ? 3.471   5.107   -1.218  1.00 24.07 ? 95  LEU B CB  1 
ATOM   778  C  CG  . LEU A 1 97  ? 1.968   5.393   -1.355  1.00 24.93 ? 95  LEU B CG  1 
ATOM   779  C  CD1 . LEU A 1 97  ? 1.728   6.864   -1.634  1.00 22.83 ? 95  LEU B CD1 1 
ATOM   780  C  CD2 . LEU A 1 97  ? 1.390   4.538   -2.467  1.00 22.92 ? 95  LEU B CD2 1 
ATOM   781  N  N   . LYS A 1 98  ? 6.125   3.801   -0.047  1.00 28.23 ? 96  LYS B N   1 
ATOM   782  C  CA  . LYS A 1 98  ? 7.576   3.603   -0.102  1.00 30.93 ? 96  LYS B CA  1 
ATOM   783  C  C   . LYS A 1 98  ? 7.973   2.126   -0.098  1.00 30.51 ? 96  LYS B C   1 
ATOM   784  O  O   . LYS A 1 98  ? 9.095   1.768   -0.464  1.00 30.54 ? 96  LYS B O   1 
ATOM   785  C  CB  . LYS A 1 98  ? 8.249   4.288   1.090   1.00 32.47 ? 96  LYS B CB  1 
ATOM   786  C  CG  . LYS A 1 98  ? 9.025   5.539   0.746   1.00 36.85 ? 96  LYS B CG  1 
ATOM   787  C  CD  . LYS A 1 98  ? 9.522   6.246   2.008   1.00 39.87 ? 96  LYS B CD  1 
ATOM   788  C  CE  . LYS A 1 98  ? 10.413  5.347   2.861   1.00 41.96 ? 96  LYS B CE  1 
ATOM   789  N  NZ  . LYS A 1 98  ? 11.673  4.940   2.164   1.00 44.18 ? 96  LYS B NZ  1 
ATOM   790  N  N   . THR A 1 99  ? 7.061   1.273   0.338   1.00 29.55 ? 97  THR B N   1 
ATOM   791  C  CA  . THR A 1 99  ? 7.343   -0.149  0.390   1.00 29.87 ? 97  THR B CA  1 
ATOM   792  C  C   . THR A 1 99  ? 7.489   -0.747  -1.008  1.00 29.22 ? 97  THR B C   1 
ATOM   793  O  O   . THR A 1 99  ? 8.283   -1.657  -1.218  1.00 27.63 ? 97  THR B O   1 
ATOM   794  C  CB  . THR A 1 99  ? 6.219   -0.908  1.144   1.00 29.83 ? 97  THR B CB  1 
ATOM   795  O  OG1 . THR A 1 99  ? 6.105   -0.400  2.478   1.00 29.65 ? 97  THR B OG1 1 
ATOM   796  C  CG2 . THR A 1 99  ? 6.524   -2.386  1.210   1.00 33.01 ? 97  THR B CG2 1 
ATOM   797  N  N   . PHE A 1 100 ? 6.750   -0.205  -1.970  1.00 28.36 ? 98  PHE B N   1 
ATOM   798  C  CA  . PHE A 1 100 ? 6.759   -0.742  -3.327  1.00 27.98 ? 98  PHE B CA  1 
ATOM   799  C  C   . PHE A 1 100 ? 7.630   -0.103  -4.394  1.00 28.54 ? 98  PHE B C   1 
ATOM   800  O  O   . PHE A 1 100 ? 8.085   1.033   -4.275  1.00 30.01 ? 98  PHE B O   1 
ATOM   801  C  CB  . PHE A 1 100 ? 5.338   -0.736  -3.910  1.00 26.20 ? 98  PHE B CB  1 
ATOM   802  C  CG  . PHE A 1 100 ? 4.310   -1.371  -3.039  1.00 25.78 ? 98  PHE B CG  1 
ATOM   803  C  CD1 . PHE A 1 100 ? 3.718   -0.657  -2.006  1.00 23.93 ? 98  PHE B CD1 1 
ATOM   804  C  CD2 . PHE A 1 100 ? 3.924   -2.689  -3.254  1.00 23.37 ? 98  PHE B CD2 1 
ATOM   805  C  CE1 . PHE A 1 100 ? 2.753   -1.251  -1.198  1.00 24.75 ? 98  PHE B CE1 1 
ATOM   806  C  CE2 . PHE A 1 100 ? 2.963   -3.289  -2.453  1.00 25.15 ? 98  PHE B CE2 1 
ATOM   807  C  CZ  . PHE A 1 100 ? 2.377   -2.573  -1.424  1.00 24.18 ? 98  PHE B CZ  1 
ATOM   808  N  N   . LYS A 1 101 ? 7.832   -0.883  -5.450  1.00 30.02 ? 99  LYS B N   1 
ATOM   809  C  CA  . LYS A 1 101 ? 8.504   -0.446  -6.663  1.00 30.66 ? 99  LYS B CA  1 
ATOM   810  C  C   . LYS A 1 101 ? 7.213   -0.397  -7.476  1.00 29.04 ? 99  LYS B C   1 
ATOM   811  O  O   . LYS A 1 101 ? 6.832   -1.374  -8.133  1.00 28.96 ? 99  LYS B O   1 
ATOM   812  C  CB  . LYS A 1 101 ? 9.442   -1.523  -7.218  1.00 34.11 ? 99  LYS B CB  1 
ATOM   813  C  CG  . LYS A 1 101 ? 10.772  -1.628  -6.487  1.00 37.80 ? 99  LYS B CG  1 
ATOM   814  C  CD  . LYS A 1 101 ? 11.496  -0.283  -6.460  1.00 41.50 ? 99  LYS B CD  1 
ATOM   815  C  CE  . LYS A 1 101 ? 12.830  -0.379  -5.730  1.00 44.62 ? 99  LYS B CE  1 
ATOM   816  N  NZ  . LYS A 1 101 ? 13.520  0.943   -5.679  1.00 47.74 ? 99  LYS B NZ  1 
ATOM   817  N  N   . LEU A 1 102 ? 6.514   0.728   -7.353  1.00 25.49 ? 100 LEU B N   1 
ATOM   818  C  CA  . LEU A 1 102 ? 5.223   0.947   -7.999  1.00 23.62 ? 100 LEU B CA  1 
ATOM   819  C  C   . LEU A 1 102 ? 5.143   0.645   -9.495  1.00 24.06 ? 100 LEU B C   1 
ATOM   820  O  O   . LEU A 1 102 ? 6.015   1.043   -10.270 1.00 23.27 ? 100 LEU B O   1 
ATOM   821  C  CB  . LEU A 1 102 ? 4.780   2.388   -7.748  1.00 21.01 ? 100 LEU B CB  1 
ATOM   822  C  CG  . LEU A 1 102 ? 4.621   2.791   -6.274  1.00 20.99 ? 100 LEU B CG  1 
ATOM   823  C  CD1 . LEU A 1 102 ? 4.561   4.307   -6.180  1.00 19.15 ? 100 LEU B CD1 1 
ATOM   824  C  CD2 . LEU A 1 102 ? 3.360   2.145   -5.669  1.00 17.36 ? 100 LEU B CD2 1 
ATOM   825  N  N   . PRO A 1 103 ? 4.090   -0.080  -9.916  1.00 24.36 ? 101 PRO B N   1 
ATOM   826  C  CA  . PRO A 1 103 ? 3.899   -0.421  -11.331 1.00 24.21 ? 101 PRO B CA  1 
ATOM   827  C  C   . PRO A 1 103 ? 3.404   0.841   -12.043 1.00 24.78 ? 101 PRO B C   1 
ATOM   828  O  O   . PRO A 1 103 ? 2.680   1.646   -11.448 1.00 23.92 ? 101 PRO B O   1 
ATOM   829  C  CB  . PRO A 1 103 ? 2.815   -1.500  -11.290 1.00 24.60 ? 101 PRO B CB  1 
ATOM   830  C  CG  . PRO A 1 103 ? 2.888   -2.033  -9.903  1.00 26.86 ? 101 PRO B CG  1 
ATOM   831  C  CD  . PRO A 1 103 ? 3.117   -0.802  -9.084  1.00 25.00 ? 101 PRO B CD  1 
ATOM   832  N  N   . GLY A 1 104 ? 3.798   1.022   -13.300 1.00 25.29 ? 102 GLY B N   1 
ATOM   833  C  CA  . GLY A 1 104 ? 3.368   2.194   -14.043 1.00 25.81 ? 102 GLY B CA  1 
ATOM   834  C  C   . GLY A 1 104 ? 2.001   1.998   -14.671 1.00 26.61 ? 102 GLY B C   1 
ATOM   835  O  O   . GLY A 1 104 ? 1.818   2.238   -15.868 1.00 25.95 ? 102 GLY B O   1 
ATOM   836  N  N   . GLU A 1 105 ? 1.038   1.560   -13.863 1.00 24.81 ? 103 GLU B N   1 
ATOM   837  C  CA  . GLU A 1 105 ? -0.321  1.312   -14.340 1.00 25.54 ? 103 GLU B CA  1 
ATOM   838  C  C   . GLU A 1 105 ? -1.331  1.810   -13.324 1.00 22.77 ? 103 GLU B C   1 
ATOM   839  O  O   . GLU A 1 105 ? -1.316  1.399   -12.163 1.00 23.54 ? 103 GLU B O   1 
ATOM   840  C  CB  . GLU A 1 105 ? -0.517  -0.189  -14.604 1.00 27.75 ? 103 GLU B CB  1 
ATOM   841  C  CG  . GLU A 1 105 ? 0.385   -0.716  -15.727 1.00 34.52 ? 103 GLU B CG  1 
ATOM   842  C  CD  . GLU A 1 105 ? 0.614   -2.215  -15.673 1.00 37.26 ? 103 GLU B CD  1 
ATOM   843  O  OE1 . GLU A 1 105 ? -0.346  -2.987  -15.897 1.00 37.47 ? 103 GLU B OE1 1 
ATOM   844  O  OE2 . GLU A 1 105 ? 1.769   -2.621  -15.398 1.00 38.62 ? 103 GLU B OE2 1 
ATOM   845  N  N   . ALA A 1 106 ? -2.212  2.697   -13.769 1.00 21.54 ? 104 ALA B N   1 
ATOM   846  C  CA  . ALA A 1 106 ? -3.219  3.285   -12.895 1.00 20.36 ? 104 ALA B CA  1 
ATOM   847  C  C   . ALA A 1 106 ? -4.062  2.258   -12.144 1.00 18.61 ? 104 ALA B C   1 
ATOM   848  O  O   . ALA A 1 106 ? -4.263  2.393   -10.934 1.00 16.64 ? 104 ALA B O   1 
ATOM   849  C  CB  . ALA A 1 106 ? -4.125  4.241   -13.693 1.00 18.45 ? 104 ALA B CB  1 
ATOM   850  N  N   . GLN A 1 107 ? -4.551  1.238   -12.849 1.00 19.51 ? 105 GLN B N   1 
ATOM   851  C  CA  . GLN A 1 107 ? -5.374  0.203   -12.222 1.00 23.31 ? 105 GLN B CA  1 
ATOM   852  C  C   . GLN A 1 107 ? -4.625  -0.541  -11.110 1.00 22.04 ? 105 GLN B C   1 
ATOM   853  O  O   . GLN A 1 107 ? -5.195  -0.849  -10.067 1.00 22.39 ? 105 GLN B O   1 
ATOM   854  C  CB  . GLN A 1 107 ? -5.873  -0.812  -13.268 1.00 28.37 ? 105 GLN B CB  1 
ATOM   855  C  CG  . GLN A 1 107 ? -6.791  -0.215  -14.333 1.00 35.68 ? 105 GLN B CG  1 
ATOM   856  C  CD  . GLN A 1 107 ? -7.405  -1.267  -15.249 1.00 40.10 ? 105 GLN B CD  1 
ATOM   857  O  OE1 . GLN A 1 107 ? -8.151  -0.939  -16.174 1.00 42.37 ? 105 GLN B OE1 1 
ATOM   858  N  NE2 . GLN A 1 107 ? -7.095  -2.537  -14.993 1.00 42.45 ? 105 GLN B NE2 1 
ATOM   859  N  N   . LYS A 1 108 ? -3.354  -0.835  -11.349 1.00 20.99 ? 106 LYS B N   1 
ATOM   860  C  CA  . LYS A 1 108 ? -2.532  -1.531  -10.370 1.00 21.99 ? 106 LYS B CA  1 
ATOM   861  C  C   . LYS A 1 108 ? -2.262  -0.659  -9.146  1.00 21.74 ? 106 LYS B C   1 
ATOM   862  O  O   . LYS A 1 108 ? -2.395  -1.113  -8.013  1.00 22.47 ? 106 LYS B O   1 
ATOM   863  C  CB  . LYS A 1 108 ? -1.215  -1.971  -11.010 1.00 21.36 ? 106 LYS B CB  1 
ATOM   864  C  CG  . LYS A 1 108 ? -1.368  -3.124  -11.994 1.00 26.16 ? 106 LYS B CG  1 
ATOM   865  C  CD  . LYS A 1 108 ? -0.072  -3.386  -12.750 1.00 28.50 ? 106 LYS B CD  1 
ATOM   866  C  CE  . LYS A 1 108 ? -0.068  -4.762  -13.389 1.00 31.76 ? 106 LYS B CE  1 
ATOM   867  N  NZ  . LYS A 1 108 ? 0.022   -5.845  -12.361 1.00 36.52 ? 106 LYS B NZ  1 
ATOM   868  N  N   . ILE A 1 109 ? -1.876  0.590   -9.373  1.00 21.51 ? 107 ILE B N   1 
ATOM   869  C  CA  . ILE A 1 109 ? -1.616  1.498   -8.267  1.00 21.79 ? 107 ILE B CA  1 
ATOM   870  C  C   . ILE A 1 109 ? -2.899  1.646   -7.434  1.00 23.41 ? 107 ILE B C   1 
ATOM   871  O  O   . ILE A 1 109 ? -2.858  1.676   -6.196  1.00 21.81 ? 107 ILE B O   1 
ATOM   872  C  CB  . ILE A 1 109 ? -1.168  2.882   -8.794  1.00 22.61 ? 107 ILE B CB  1 
ATOM   873  C  CG1 . ILE A 1 109 ? 0.167   2.737   -9.530  1.00 22.73 ? 107 ILE B CG1 1 
ATOM   874  C  CG2 . ILE A 1 109 ? -1.052  3.875   -7.646  1.00 23.35 ? 107 ILE B CG2 1 
ATOM   875  C  CD1 . ILE A 1 109 ? 0.613   3.972   -10.273 1.00 24.21 ? 107 ILE B CD1 1 
ATOM   876  N  N   . ASP A 1 110 ? -4.036  1.722   -8.123  1.00 22.90 ? 108 ASP B N   1 
ATOM   877  C  CA  . ASP A 1 110 ? -5.324  1.874   -7.455  1.00 22.94 ? 108 ASP B CA  1 
ATOM   878  C  C   . ASP A 1 110 ? -5.628  0.694   -6.531  1.00 22.31 ? 108 ASP B C   1 
ATOM   879  O  O   . ASP A 1 110 ? -6.123  0.878   -5.421  1.00 20.76 ? 108 ASP B O   1 
ATOM   880  C  CB  . ASP A 1 110 ? -6.443  2.021   -8.483  1.00 26.19 ? 108 ASP B CB  1 
ATOM   881  C  CG  . ASP A 1 110 ? -7.740  2.490   -7.857  1.00 29.70 ? 108 ASP B CG  1 
ATOM   882  O  OD1 . ASP A 1 110 ? -7.742  3.590   -7.266  1.00 32.53 ? 108 ASP B OD1 1 
ATOM   883  O  OD2 . ASP A 1 110 ? -8.752  1.763   -7.948  1.00 34.33 ? 108 ASP B OD2 1 
ATOM   884  N  N   . ARG A 1 111 ? -5.337  -0.517  -6.987  1.00 21.40 ? 109 ARG B N   1 
ATOM   885  C  CA  . ARG A 1 111 ? -5.576  -1.693  -6.162  1.00 21.32 ? 109 ARG B CA  1 
ATOM   886  C  C   . ARG A 1 111 ? -4.705  -1.648  -4.906  1.00 19.53 ? 109 ARG B C   1 
ATOM   887  O  O   . ARG A 1 111 ? -5.145  -2.056  -3.837  1.00 17.18 ? 109 ARG B O   1 
ATOM   888  C  CB  . ARG A 1 111 ? -5.327  -2.981  -6.969  1.00 24.67 ? 109 ARG B CB  1 
ATOM   889  C  CG  . ARG A 1 111 ? -6.489  -3.325  -7.906  1.00 27.18 ? 109 ARG B CG  1 
ATOM   890  C  CD  . ARG A 1 111 ? -6.382  -4.732  -8.466  1.00 27.66 ? 109 ARG B CD  1 
ATOM   891  N  NE  . ARG A 1 111 ? -5.379  -4.816  -9.509  1.00 32.46 ? 109 ARG B NE  1 
ATOM   892  C  CZ  . ARG A 1 111 ? -5.622  -4.641  -10.803 1.00 31.59 ? 109 ARG B CZ  1 
ATOM   893  N  NH1 . ARG A 1 111 ? -6.847  -4.382  -11.222 1.00 30.64 ? 109 ARG B NH1 1 
ATOM   894  N  NH2 . ARG A 1 111 ? -4.626  -4.703  -11.674 1.00 32.78 ? 109 ARG B NH2 1 
ATOM   895  N  N   . LEU A 1 112 ? -3.478  -1.137  -5.029  1.00 18.78 ? 110 LEU B N   1 
ATOM   896  C  CA  . LEU A 1 112 ? -2.596  -1.030  -3.867  1.00 20.66 ? 110 LEU B CA  1 
ATOM   897  C  C   . LEU A 1 112 ? -3.173  -0.003  -2.892  1.00 21.74 ? 110 LEU B C   1 
ATOM   898  O  O   . LEU A 1 112 ? -3.243  -0.249  -1.684  1.00 23.56 ? 110 LEU B O   1 
ATOM   899  C  CB  . LEU A 1 112 ? -1.177  -0.603  -4.282  1.00 19.09 ? 110 LEU B CB  1 
ATOM   900  C  CG  . LEU A 1 112 ? -0.401  -1.512  -5.245  1.00 17.60 ? 110 LEU B CG  1 
ATOM   901  C  CD1 . LEU A 1 112 ? 1.036   -1.025  -5.355  1.00 15.42 ? 110 LEU B CD1 1 
ATOM   902  C  CD2 . LEU A 1 112 ? -0.421  -2.955  -4.731  1.00 18.44 ? 110 LEU B CD2 1 
ATOM   903  N  N   . VAL A 1 113 ? -3.596  1.147   -3.412  1.00 21.02 ? 111 VAL B N   1 
ATOM   904  C  CA  . VAL A 1 113 ? -4.163  2.175   -2.548  1.00 22.70 ? 111 VAL B CA  1 
ATOM   905  C  C   . VAL A 1 113 ? -5.417  1.649   -1.863  1.00 22.80 ? 111 VAL B C   1 
ATOM   906  O  O   . VAL A 1 113 ? -5.661  1.943   -0.692  1.00 24.40 ? 111 VAL B O   1 
ATOM   907  C  CB  . VAL A 1 113 ? -4.523  3.461   -3.328  1.00 24.58 ? 111 VAL B CB  1 
ATOM   908  C  CG1 . VAL A 1 113 ? -5.277  4.428   -2.409  1.00 26.00 ? 111 VAL B CG1 1 
ATOM   909  C  CG2 . VAL A 1 113 ? -3.253  4.126   -3.852  1.00 24.96 ? 111 VAL B CG2 1 
ATOM   910  N  N   . GLN A 1 114 ? -6.209  0.872   -2.592  1.00 21.62 ? 112 GLN B N   1 
ATOM   911  C  CA  . GLN A 1 114 ? -7.419  0.304   -2.016  1.00 23.37 ? 112 GLN B CA  1 
ATOM   912  C  C   . GLN A 1 114 ? -7.054  -0.612  -0.847  1.00 21.37 ? 112 GLN B C   1 
ATOM   913  O  O   . GLN A 1 114 ? -7.696  -0.576  0.199   1.00 19.45 ? 112 GLN B O   1 
ATOM   914  C  CB  . GLN A 1 114 ? -8.209  -0.479  -3.070  1.00 24.58 ? 112 GLN B CB  1 
ATOM   915  C  CG  . GLN A 1 114 ? -8.729  0.391   -4.206  1.00 31.42 ? 112 GLN B CG  1 
ATOM   916  C  CD  . GLN A 1 114 ? -9.841  -0.267  -5.012  1.00 35.36 ? 112 GLN B CD  1 
ATOM   917  O  OE1 . GLN A 1 114 ? -10.245 0.245   -6.059  1.00 38.75 ? 112 GLN B OE1 1 
ATOM   918  N  NE2 . GLN A 1 114 ? -10.346 -1.399  -4.523  1.00 36.89 ? 112 GLN B NE2 1 
ATOM   919  N  N   . SER A 1 115 ? -6.011  -1.419  -1.025  1.00 19.89 ? 113 SER B N   1 
ATOM   920  C  CA  . SER A 1 115 ? -5.572  -2.327  0.030   1.00 20.45 ? 113 SER B CA  1 
ATOM   921  C  C   . SER A 1 115 ? -5.180  -1.525  1.272   1.00 19.80 ? 113 SER B C   1 
ATOM   922  O  O   . SER A 1 115 ? -5.537  -1.887  2.395   1.00 20.91 ? 113 SER B O   1 
ATOM   923  C  CB  . SER A 1 115 ? -4.381  -3.158  -0.447  1.00 22.56 ? 113 SER B CB  1 
ATOM   924  O  OG  . SER A 1 115 ? -3.846  -3.938  0.608   1.00 23.89 ? 113 SER B OG  1 
ATOM   925  N  N   . PHE A 1 116 ? -4.448  -0.435  1.065   1.00 18.17 ? 114 PHE B N   1 
ATOM   926  C  CA  . PHE A 1 116 ? -4.031  0.417   2.175   1.00 20.18 ? 114 PHE B CA  1 
ATOM   927  C  C   . PHE A 1 116 ? -5.222  1.016   2.912   1.00 20.28 ? 114 PHE B C   1 
ATOM   928  O  O   . PHE A 1 116 ? -5.274  1.000   4.138   1.00 20.23 ? 114 PHE B O   1 
ATOM   929  C  CB  . PHE A 1 116 ? -3.150  1.567   1.686   1.00 18.60 ? 114 PHE B CB  1 
ATOM   930  C  CG  . PHE A 1 116 ? -3.052  2.706   2.671   1.00 21.49 ? 114 PHE B CG  1 
ATOM   931  C  CD1 . PHE A 1 116 ? -2.082  2.704   3.669   1.00 21.10 ? 114 PHE B CD1 1 
ATOM   932  C  CD2 . PHE A 1 116 ? -3.948  3.768   2.611   1.00 19.24 ? 114 PHE B CD2 1 
ATOM   933  C  CE1 . PHE A 1 116 ? -2.002  3.743   4.591   1.00 20.56 ? 114 PHE B CE1 1 
ATOM   934  C  CE2 . PHE A 1 116 ? -3.880  4.816   3.531   1.00 23.13 ? 114 PHE B CE2 1 
ATOM   935  C  CZ  . PHE A 1 116 ? -2.903  4.803   4.522   1.00 21.42 ? 114 PHE B CZ  1 
ATOM   936  N  N   . SER A 1 117 ? -6.174  1.556   2.164   1.00 22.18 ? 115 SER B N   1 
ATOM   937  C  CA  . SER A 1 117 ? -7.337  2.177   2.783   1.00 24.24 ? 115 SER B CA  1 
ATOM   938  C  C   . SER A 1 117 ? -8.101  1.180   3.652   1.00 23.51 ? 115 SER B C   1 
ATOM   939  O  O   . SER A 1 117 ? -8.606  1.533   4.715   1.00 22.56 ? 115 SER B O   1 
ATOM   940  C  CB  . SER A 1 117 ? -8.259  2.756   1.712   1.00 24.46 ? 115 SER B CB  1 
ATOM   941  O  OG  . SER A 1 117 ? -9.050  1.734   1.143   1.00 31.54 ? 115 SER B OG  1 
ATOM   942  N  N   . GLY A 1 118 ? -8.171  -0.067  3.197   1.00 24.26 ? 116 GLY B N   1 
ATOM   943  C  CA  . GLY A 1 118 ? -8.872  -1.093  3.949   1.00 24.51 ? 116 GLY B CA  1 
ATOM   944  C  C   . GLY A 1 118 ? -8.175  -1.383  5.263   1.00 25.39 ? 116 GLY B C   1 
ATOM   945  O  O   . GLY A 1 118 ? -8.811  -1.454  6.318   1.00 24.56 ? 116 GLY B O   1 
ATOM   946  N  N   . ALA A 1 119 ? -6.857  -1.545  5.192   1.00 24.08 ? 117 ALA B N   1 
ATOM   947  C  CA  . ALA A 1 119 ? -6.046  -1.825  6.370   1.00 24.58 ? 117 ALA B CA  1 
ATOM   948  C  C   . ALA A 1 119 ? -6.030  -0.622  7.322   1.00 23.13 ? 117 ALA B C   1 
ATOM   949  O  O   . ALA A 1 119 ? -6.119  -0.785  8.543   1.00 22.69 ? 117 ALA B O   1 
ATOM   950  C  CB  . ALA A 1 119 ? -4.609  -2.195  5.944   1.00 20.92 ? 117 ALA B CB  1 
ATOM   951  N  N   . TYR A 1 120 ? -5.910  0.581   6.767   1.00 21.64 ? 118 TYR B N   1 
ATOM   952  C  CA  . TYR A 1 120 ? -5.888  1.777   7.600   1.00 23.21 ? 118 TYR B CA  1 
ATOM   953  C  C   . TYR A 1 120 ? -7.156  1.849   8.445   1.00 24.96 ? 118 TYR B C   1 
ATOM   954  O  O   . TYR A 1 120 ? -7.104  2.141   9.643   1.00 23.71 ? 118 TYR B O   1 
ATOM   955  C  CB  . TYR A 1 120 ? -5.792  3.058   6.759   1.00 21.94 ? 118 TYR B CB  1 
ATOM   956  C  CG  . TYR A 1 120 ? -5.630  4.283   7.632   1.00 22.07 ? 118 TYR B CG  1 
ATOM   957  C  CD1 . TYR A 1 120 ? -4.390  4.598   8.191   1.00 21.70 ? 118 TYR B CD1 1 
ATOM   958  C  CD2 . TYR A 1 120 ? -6.735  5.042   8.018   1.00 21.08 ? 118 TYR B CD2 1 
ATOM   959  C  CE1 . TYR A 1 120 ? -4.258  5.623   9.117   1.00 20.07 ? 118 TYR B CE1 1 
ATOM   960  C  CE2 . TYR A 1 120 ? -6.609  6.071   8.950   1.00 20.51 ? 118 TYR B CE2 1 
ATOM   961  C  CZ  . TYR A 1 120 ? -5.363  6.348   9.495   1.00 19.57 ? 118 TYR B CZ  1 
ATOM   962  O  OH  . TYR A 1 120 ? -5.226  7.333   10.441  1.00 21.61 ? 118 TYR B OH  1 
ATOM   963  N  N   . PHE A 1 121 ? -8.295  1.592   7.804   1.00 24.41 ? 119 PHE B N   1 
ATOM   964  C  CA  . PHE A 1 121 ? -9.580  1.639   8.484   1.00 24.99 ? 119 PHE B CA  1 
ATOM   965  C  C   . PHE A 1 121 ? -9.689  0.620   9.613   1.00 25.06 ? 119 PHE B C   1 
ATOM   966  O  O   . PHE A 1 121 ? -10.048 0.967   10.735  1.00 24.04 ? 119 PHE B O   1 
ATOM   967  C  CB  . PHE A 1 121 ? -10.720 1.417   7.487   1.00 25.29 ? 119 PHE B CB  1 
ATOM   968  C  CG  . PHE A 1 121 ? -12.014 1.041   8.139   1.00 25.61 ? 119 PHE B CG  1 
ATOM   969  C  CD1 . PHE A 1 121 ? -12.608 1.890   9.069   1.00 25.49 ? 119 PHE B CD1 1 
ATOM   970  C  CD2 . PHE A 1 121 ? -12.611 -0.189  7.872   1.00 26.89 ? 119 PHE B CD2 1 
ATOM   971  C  CE1 . PHE A 1 121 ? -13.779 1.515   9.734   1.00 27.68 ? 119 PHE B CE1 1 
ATOM   972  C  CE2 . PHE A 1 121 ? -13.779 -0.576  8.525   1.00 23.99 ? 119 PHE B CE2 1 
ATOM   973  C  CZ  . PHE A 1 121 ? -14.367 0.277   9.461   1.00 26.65 ? 119 PHE B CZ  1 
ATOM   974  N  N   . GLN A 1 122 ? -9.384  -0.636  9.305   1.00 26.19 ? 120 GLN B N   1 
ATOM   975  C  CA  . GLN A 1 122 ? -9.450  -1.704  10.292  1.00 28.79 ? 120 GLN B CA  1 
ATOM   976  C  C   . GLN A 1 122 ? -8.627  -1.351  11.530  1.00 27.96 ? 120 GLN B C   1 
ATOM   977  O  O   . GLN A 1 122 ? -8.994  -1.699  12.653  1.00 28.46 ? 120 GLN B O   1 
ATOM   978  C  CB  . GLN A 1 122 ? -8.932  -3.014  9.686   1.00 31.23 ? 120 GLN B CB  1 
ATOM   979  C  CG  . GLN A 1 122 ? -9.712  -3.493  8.462   1.00 37.39 ? 120 GLN B CG  1 
ATOM   980  C  CD  . GLN A 1 122 ? -11.076 -4.069  8.809   1.00 39.37 ? 120 GLN B CD  1 
ATOM   981  O  OE1 . GLN A 1 122 ? -11.960 -4.159  7.953   1.00 43.31 ? 120 GLN B OE1 1 
ATOM   982  N  NE2 . GLN A 1 122 ? -11.249 -4.479  10.059  1.00 40.40 ? 120 GLN B NE2 1 
ATOM   983  N  N   . GLN A 1 123 ? -7.517  -0.649  11.322  1.00 27.85 ? 121 GLN B N   1 
ATOM   984  C  CA  . GLN A 1 123 ? -6.643  -0.275  12.424  1.00 26.62 ? 121 GLN B CA  1 
ATOM   985  C  C   . GLN A 1 123 ? -6.945  1.070   13.066  1.00 26.90 ? 121 GLN B C   1 
ATOM   986  O  O   . GLN A 1 123 ? -6.404  1.392   14.124  1.00 26.90 ? 121 GLN B O   1 
ATOM   987  C  CB  . GLN A 1 123 ? -5.194  -0.316  11.954  1.00 25.32 ? 121 GLN B CB  1 
ATOM   988  C  CG  . GLN A 1 123 ? -4.674  -1.731  11.802  1.00 28.08 ? 121 GLN B CG  1 
ATOM   989  C  CD  . GLN A 1 123 ? -3.257  -1.779  11.285  1.00 28.86 ? 121 GLN B CD  1 
ATOM   990  O  OE1 . GLN A 1 123 ? -2.390  -1.028  11.741  1.00 30.76 ? 121 GLN B OE1 1 
ATOM   991  N  NE2 . GLN A 1 123 ? -3.007  -2.669  10.328  1.00 27.79 ? 121 GLN B NE2 1 
ATOM   992  N  N   . ASN A 1 124 ? -7.815  1.846   12.429  1.00 27.07 ? 122 ASN B N   1 
ATOM   993  C  CA  . ASN A 1 124 ? -8.191  3.169   12.926  1.00 27.32 ? 122 ASN B CA  1 
ATOM   994  C  C   . ASN A 1 124 ? -9.671  3.409   12.667  1.00 26.90 ? 122 ASN B C   1 
ATOM   995  O  O   . ASN A 1 124 ? -10.038 4.358   11.982  1.00 27.90 ? 122 ASN B O   1 
ATOM   996  C  CB  . ASN A 1 124 ? -7.375  4.252   12.211  1.00 25.38 ? 122 ASN B CB  1 
ATOM   997  C  CG  . ASN A 1 124 ? -5.885  4.036   12.335  1.00 25.79 ? 122 ASN B CG  1 
ATOM   998  O  OD1 . ASN A 1 124 ? -5.277  4.389   13.343  1.00 26.34 ? 122 ASN B OD1 1 
ATOM   999  N  ND2 . ASN A 1 124 ? -5.285  3.439   11.310  1.00 25.88 ? 122 ASN B ND2 1 
ATOM   1000 N  N   . PRO A 1 125 ? -10.541 2.551   13.217  1.00 28.98 ? 123 PRO B N   1 
ATOM   1001 C  CA  . PRO A 1 125 ? -11.986 2.697   13.023  1.00 31.10 ? 123 PRO B CA  1 
ATOM   1002 C  C   . PRO A 1 125 ? -12.534 3.971   13.652  1.00 32.86 ? 123 PRO B C   1 
ATOM   1003 O  O   . PRO A 1 125 ? -13.689 4.335   13.435  1.00 32.57 ? 123 PRO B O   1 
ATOM   1004 C  CB  . PRO A 1 125 ? -12.543 1.432   13.667  1.00 30.12 ? 123 PRO B CB  1 
ATOM   1005 C  CG  . PRO A 1 125 ? -11.593 1.199   14.790  1.00 29.77 ? 123 PRO B CG  1 
ATOM   1006 C  CD  . PRO A 1 125 ? -10.251 1.431   14.134  1.00 29.59 ? 123 PRO B CD  1 
ATOM   1007 N  N   . ASP A 1 126 ? -11.696 4.646   14.435  1.00 34.91 ? 124 ASP B N   1 
ATOM   1008 C  CA  . ASP A 1 126 ? -12.089 5.888   15.093  1.00 36.31 ? 124 ASP B CA  1 
ATOM   1009 C  C   . ASP A 1 126 ? -11.677 7.129   14.299  1.00 34.15 ? 124 ASP B C   1 
ATOM   1010 O  O   . ASP A 1 126 ? -12.204 8.214   14.529  1.00 32.84 ? 124 ASP B O   1 
ATOM   1011 C  CB  . ASP A 1 126 ? -11.478 5.961   16.498  1.00 41.19 ? 124 ASP B CB  1 
ATOM   1012 C  CG  . ASP A 1 126 ? -9.969  5.803   16.488  1.00 44.92 ? 124 ASP B CG  1 
ATOM   1013 O  OD1 . ASP A 1 126 ? -9.327  6.175   17.493  1.00 47.48 ? 124 ASP B OD1 1 
ATOM   1014 O  OD2 . ASP A 1 126 ? -9.422  5.296   15.482  1.00 46.82 ? 124 ASP B OD2 1 
ATOM   1015 N  N   . VAL A 1 127 ? -10.734 6.965   13.375  1.00 32.38 ? 125 VAL B N   1 
ATOM   1016 C  CA  . VAL A 1 127 ? -10.250 8.071   12.553  1.00 31.90 ? 125 VAL B CA  1 
ATOM   1017 C  C   . VAL A 1 127 ? -11.089 8.262   11.291  1.00 31.22 ? 125 VAL B C   1 
ATOM   1018 O  O   . VAL A 1 127 ? -11.325 9.391   10.864  1.00 31.66 ? 125 VAL B O   1 
ATOM   1019 C  CB  . VAL A 1 127 ? -8.775  7.863   12.138  1.00 33.61 ? 125 VAL B CB  1 
ATOM   1020 C  CG1 . VAL A 1 127 ? -8.311  9.026   11.267  1.00 32.65 ? 125 VAL B CG1 1 
ATOM   1021 C  CG2 . VAL A 1 127 ? -7.897  7.744   13.378  1.00 32.70 ? 125 VAL B CG2 1 
ATOM   1022 N  N   . VAL A 1 128 ? -11.517 7.160   10.685  1.00 27.03 ? 126 VAL B N   1 
ATOM   1023 C  CA  . VAL A 1 128 ? -12.353 7.221   9.491   1.00 26.57 ? 126 VAL B CA  1 
ATOM   1024 C  C   . VAL A 1 128 ? -13.513 6.250   9.695   1.00 26.55 ? 126 VAL B C   1 
ATOM   1025 O  O   . VAL A 1 128 ? -13.369 5.247   10.388  1.00 26.04 ? 126 VAL B O   1 
ATOM   1026 C  CB  . VAL A 1 128 ? -11.550 6.863   8.201   1.00 27.14 ? 126 VAL B CB  1 
ATOM   1027 C  CG1 . VAL A 1 128 ? -10.453 7.905   7.970   1.00 26.83 ? 126 VAL B CG1 1 
ATOM   1028 C  CG2 . VAL A 1 128 ? -10.938 5.473   8.317   1.00 24.90 ? 126 VAL B CG2 1 
ATOM   1029 N  N   . SER A 1 129 ? -14.658 6.551   9.096   1.00 26.08 ? 127 SER B N   1 
ATOM   1030 C  CA  . SER A 1 129 ? -15.857 5.733   9.252   1.00 27.12 ? 127 SER B CA  1 
ATOM   1031 C  C   . SER A 1 129 ? -15.792 4.356   8.584   1.00 26.59 ? 127 SER B C   1 
ATOM   1032 O  O   . SER A 1 129 ? -16.290 3.376   9.131   1.00 29.50 ? 127 SER B O   1 
ATOM   1033 C  CB  . SER A 1 129 ? -17.074 6.527   8.752   1.00 29.33 ? 127 SER B CB  1 
ATOM   1034 O  OG  . SER A 1 129 ? -18.286 5.841   8.994   1.00 31.98 ? 127 SER B OG  1 
ATOM   1035 N  N   . ASN A 1 130 ? -15.181 4.273   7.409   1.00 27.03 ? 128 ASN B N   1 
ATOM   1036 C  CA  . ASN A 1 130 ? -15.050 2.995   6.712   1.00 25.18 ? 128 ASN B CA  1 
ATOM   1037 C  C   . ASN A 1 130 ? -13.913 3.011   5.689   1.00 25.07 ? 128 ASN B C   1 
ATOM   1038 O  O   . ASN A 1 130 ? -13.189 4.006   5.576   1.00 23.56 ? 128 ASN B O   1 
ATOM   1039 C  CB  . ASN A 1 130 ? -16.369 2.612   6.034   1.00 25.46 ? 128 ASN B CB  1 
ATOM   1040 C  CG  . ASN A 1 130 ? -16.773 3.574   4.923   1.00 26.24 ? 128 ASN B CG  1 
ATOM   1041 O  OD1 . ASN A 1 130 ? -17.815 3.398   4.296   1.00 30.62 ? 128 ASN B OD1 1 
ATOM   1042 N  ND2 . ASN A 1 130 ? -15.960 4.585   4.679   1.00 23.96 ? 128 ASN B ND2 1 
ATOM   1043 N  N   . ALA A 1 131 ? -13.768 1.910   4.948   1.00 23.97 ? 129 ALA B N   1 
ATOM   1044 C  CA  . ALA A 1 131 ? -12.715 1.781   3.935   1.00 24.39 ? 129 ALA B CA  1 
ATOM   1045 C  C   . ALA A 1 131 ? -12.859 2.812   2.818   1.00 23.40 ? 129 ALA B C   1 
ATOM   1046 O  O   . ALA A 1 131 ? -11.871 3.395   2.375   1.00 23.57 ? 129 ALA B O   1 
ATOM   1047 C  CB  . ALA A 1 131 ? -12.713 0.361   3.343   1.00 22.50 ? 129 ALA B CB  1 
ATOM   1048 N  N   . ASP A 1 132 ? -14.088 3.032   2.364   1.00 23.49 ? 130 ASP B N   1 
ATOM   1049 C  CA  . ASP A 1 132 ? -14.344 4.009   1.307   1.00 24.93 ? 130 ASP B CA  1 
ATOM   1050 C  C   . ASP A 1 132 ? -13.861 5.407   1.697   1.00 23.70 ? 130 ASP B C   1 
ATOM   1051 O  O   . ASP A 1 132 ? -13.302 6.130   0.876   1.00 23.79 ? 130 ASP B O   1 
ATOM   1052 C  CB  . ASP A 1 132 ? -15.838 4.057   0.988   1.00 27.33 ? 130 ASP B CB  1 
ATOM   1053 C  CG  . ASP A 1 132 ? -16.289 2.897   0.127   1.00 33.26 ? 130 ASP B CG  1 
ATOM   1054 O  OD1 . ASP A 1 132 ? -15.574 1.871   0.080   1.00 37.99 ? 130 ASP B OD1 1 
ATOM   1055 O  OD2 . ASP A 1 132 ? -17.365 3.006   -0.499  1.00 35.42 ? 130 ASP B OD2 1 
ATOM   1056 N  N   . ALA A 1 133 ? -14.092 5.777   2.952   1.00 22.14 ? 131 ALA B N   1 
ATOM   1057 C  CA  . ALA A 1 133 ? -13.686 7.077   3.466   1.00 20.53 ? 131 ALA B CA  1 
ATOM   1058 C  C   . ALA A 1 133 ? -12.169 7.174   3.475   1.00 20.19 ? 131 ALA B C   1 
ATOM   1059 O  O   . ALA A 1 133 ? -11.603 8.212   3.122   1.00 20.22 ? 131 ALA B O   1 
ATOM   1060 C  CB  . ALA A 1 133 ? -14.237 7.280   4.881   1.00 20.32 ? 131 ALA B CB  1 
ATOM   1061 N  N   . ALA A 1 134 ? -11.516 6.088   3.883   1.00 20.61 ? 132 ALA B N   1 
ATOM   1062 C  CA  . ALA A 1 134 ? -10.057 6.044   3.922   1.00 20.72 ? 132 ALA B CA  1 
ATOM   1063 C  C   . ALA A 1 134 ? -9.507  6.164   2.504   1.00 20.46 ? 132 ALA B C   1 
ATOM   1064 O  O   . ALA A 1 134 ? -8.482  6.812   2.276   1.00 22.34 ? 132 ALA B O   1 
ATOM   1065 C  CB  . ALA A 1 134 ? -9.585  4.733   4.552   1.00 19.38 ? 132 ALA B CB  1 
ATOM   1066 N  N   . TYR A 1 135 ? -10.193 5.531   1.558   1.00 18.65 ? 133 TYR B N   1 
ATOM   1067 C  CA  . TYR A 1 135 ? -9.781  5.545   0.156   1.00 20.70 ? 133 TYR B CA  1 
ATOM   1068 C  C   . TYR A 1 135 ? -9.880  6.960   -0.429  1.00 19.97 ? 133 TYR B C   1 
ATOM   1069 O  O   . TYR A 1 135 ? -8.990  7.405   -1.159  1.00 19.60 ? 133 TYR B O   1 
ATOM   1070 C  CB  . TYR A 1 135 ? -10.654 4.570   -0.637  1.00 22.10 ? 133 TYR B CB  1 
ATOM   1071 C  CG  . TYR A 1 135 ? -10.394 4.532   -2.122  1.00 26.57 ? 133 TYR B CG  1 
ATOM   1072 C  CD1 . TYR A 1 135 ? -9.215  3.996   -2.637  1.00 26.97 ? 133 TYR B CD1 1 
ATOM   1073 C  CD2 . TYR A 1 135 ? -11.360 4.985   -3.021  1.00 30.00 ? 133 TYR B CD2 1 
ATOM   1074 C  CE1 . TYR A 1 135 ? -9.011  3.905   -4.012  1.00 30.78 ? 133 TYR B CE1 1 
ATOM   1075 C  CE2 . TYR A 1 135 ? -11.167 4.898   -4.392  1.00 31.00 ? 133 TYR B CE2 1 
ATOM   1076 C  CZ  . TYR A 1 135 ? -9.995  4.357   -4.883  1.00 32.60 ? 133 TYR B CZ  1 
ATOM   1077 O  OH  . TYR A 1 135 ? -9.817  4.271   -6.246  1.00 35.32 ? 133 TYR B OH  1 
ATOM   1078 N  N   . LEU A 1 136 ? -10.967 7.660   -0.108  1.00 19.82 ? 134 LEU B N   1 
ATOM   1079 C  CA  . LEU A 1 136 ? -11.148 9.027   -0.580  1.00 19.53 ? 134 LEU B CA  1 
ATOM   1080 C  C   . LEU A 1 136 ? -10.037 9.917   -0.014  1.00 20.13 ? 134 LEU B C   1 
ATOM   1081 O  O   . LEU A 1 136 ? -9.492  10.754  -0.725  1.00 19.33 ? 134 LEU B O   1 
ATOM   1082 C  CB  . LEU A 1 136 ? -12.507 9.578   -0.145  1.00 20.08 ? 134 LEU B CB  1 
ATOM   1083 C  CG  . LEU A 1 136 ? -12.681 11.077  -0.425  1.00 18.14 ? 134 LEU B CG  1 
ATOM   1084 C  CD1 . LEU A 1 136 ? -12.667 11.315  -1.941  1.00 21.30 ? 134 LEU B CD1 1 
ATOM   1085 C  CD2 . LEU A 1 136 ? -13.988 11.569  0.182   1.00 19.52 ? 134 LEU B CD2 1 
ATOM   1086 N  N   . LEU A 1 137 ? -9.708  9.731   1.263   1.00 20.23 ? 135 LEU B N   1 
ATOM   1087 C  CA  . LEU A 1 137 ? -8.650  10.512  1.905   1.00 20.18 ? 135 LEU B CA  1 
ATOM   1088 C  C   . LEU A 1 137 ? -7.311  10.234  1.237   1.00 19.87 ? 135 LEU B C   1 
ATOM   1089 O  O   . LEU A 1 137 ? -6.514  11.146  1.018   1.00 21.66 ? 135 LEU B O   1 
ATOM   1090 C  CB  . LEU A 1 137 ? -8.542  10.165  3.395   1.00 20.57 ? 135 LEU B CB  1 
ATOM   1091 C  CG  . LEU A 1 137 ? -9.122  11.086  4.465   1.00 23.51 ? 135 LEU B CG  1 
ATOM   1092 C  CD1 . LEU A 1 137 ? -8.699  10.549  5.826   1.00 22.22 ? 135 LEU B CD1 1 
ATOM   1093 C  CD2 . LEU A 1 137 ? -8.593  12.519  4.294   1.00 22.53 ? 135 LEU B CD2 1 
ATOM   1094 N  N   . ALA A 1 138 ? -7.061  8.966   0.928   1.00 20.01 ? 136 ALA B N   1 
ATOM   1095 C  CA  . ALA A 1 138 ? -5.814  8.567   0.276   1.00 19.40 ? 136 ALA B CA  1 
ATOM   1096 C  C   . ALA A 1 138 ? -5.732  9.172   -1.125  1.00 19.17 ? 136 ALA B C   1 
ATOM   1097 O  O   . ALA A 1 138 ? -4.699  9.704   -1.515  1.00 20.84 ? 136 ALA B O   1 
ATOM   1098 C  CB  . ALA A 1 138 ? -5.726  7.045   0.201   1.00 18.07 ? 136 ALA B CB  1 
ATOM   1099 N  N   . PHE A 1 139 ? -6.827  9.097   -1.870  1.00 21.09 ? 137 PHE B N   1 
ATOM   1100 C  CA  . PHE A 1 139 ? -6.865  9.650   -3.218  1.00 25.41 ? 137 PHE B CA  1 
ATOM   1101 C  C   . PHE A 1 139 ? -6.579  11.147  -3.169  1.00 24.50 ? 137 PHE B C   1 
ATOM   1102 O  O   . PHE A 1 139 ? -5.766  11.660  -3.938  1.00 23.98 ? 137 PHE B O   1 
ATOM   1103 C  CB  . PHE A 1 139 ? -8.239  9.426   -3.860  1.00 30.11 ? 137 PHE B CB  1 
ATOM   1104 C  CG  . PHE A 1 139 ? -8.338  9.946   -5.268  1.00 34.50 ? 137 PHE B CG  1 
ATOM   1105 C  CD1 . PHE A 1 139 ? -7.883  9.186   -6.337  1.00 37.56 ? 137 PHE B CD1 1 
ATOM   1106 C  CD2 . PHE A 1 139 ? -8.845  11.220  -5.521  1.00 38.92 ? 137 PHE B CD2 1 
ATOM   1107 C  CE1 . PHE A 1 139 ? -7.928  9.686   -7.644  1.00 39.41 ? 137 PHE B CE1 1 
ATOM   1108 C  CE2 . PHE A 1 139 ? -8.894  11.730  -6.821  1.00 39.47 ? 137 PHE B CE2 1 
ATOM   1109 C  CZ  . PHE A 1 139 ? -8.434  10.959  -7.884  1.00 38.11 ? 137 PHE B CZ  1 
ATOM   1110 N  N   . GLN A 1 140 ? -7.258  11.836  -2.259  1.00 23.97 ? 138 GLN B N   1 
ATOM   1111 C  CA  . GLN A 1 140 ? -7.100  13.274  -2.086  1.00 24.24 ? 138 GLN B CA  1 
ATOM   1112 C  C   . GLN A 1 140 ? -5.672  13.647  -1.689  1.00 22.86 ? 138 GLN B C   1 
ATOM   1113 O  O   . GLN A 1 140 ? -5.118  14.632  -2.172  1.00 22.09 ? 138 GLN B O   1 
ATOM   1114 C  CB  . GLN A 1 140 ? -8.074  13.777  -1.015  1.00 26.00 ? 138 GLN B CB  1 
ATOM   1115 C  CG  . GLN A 1 140 ? -8.008  15.277  -0.752  1.00 28.44 ? 138 GLN B CG  1 
ATOM   1116 C  CD  . GLN A 1 140 ? -8.314  16.101  -1.993  1.00 31.41 ? 138 GLN B CD  1 
ATOM   1117 O  OE1 . GLN A 1 140 ? -7.424  16.408  -2.792  1.00 33.62 ? 138 GLN B OE1 1 
ATOM   1118 N  NE2 . GLN A 1 140 ? -9.583  16.444  -2.171  1.00 31.23 ? 138 GLN B NE2 1 
ATOM   1119 N  N   . THR A 1 141 ? -5.086  12.853  -0.801  1.00 22.73 ? 139 THR B N   1 
ATOM   1120 C  CA  . THR A 1 141 ? -3.737  13.096  -0.321  1.00 21.20 ? 139 THR B CA  1 
ATOM   1121 C  C   . THR A 1 141 ? -2.723  12.931  -1.449  1.00 22.43 ? 139 THR B C   1 
ATOM   1122 O  O   . THR A 1 141 ? -1.780  13.709  -1.564  1.00 24.26 ? 139 THR B O   1 
ATOM   1123 C  CB  . THR A 1 141 ? -3.418  12.141  0.847   1.00 21.26 ? 139 THR B CB  1 
ATOM   1124 O  OG1 . THR A 1 141 ? -4.417  12.310  1.858   1.00 21.13 ? 139 THR B OG1 1 
ATOM   1125 C  CG2 . THR A 1 141 ? -2.044  12.428  1.447   1.00 20.49 ? 139 THR B CG2 1 
ATOM   1126 N  N   . ILE A 1 142 ? -2.930  11.921  -2.284  1.00 24.10 ? 140 ILE B N   1 
ATOM   1127 C  CA  . ILE A 1 142 ? -2.050  11.653  -3.412  1.00 26.22 ? 140 ILE B CA  1 
ATOM   1128 C  C   . ILE A 1 142 ? -2.129  12.802  -4.427  1.00 28.65 ? 140 ILE B C   1 
ATOM   1129 O  O   . ILE A 1 142 ? -1.113  13.230  -4.986  1.00 29.37 ? 140 ILE B O   1 
ATOM   1130 C  CB  . ILE A 1 142 ? -2.442  10.328  -4.105  1.00 26.15 ? 140 ILE B CB  1 
ATOM   1131 C  CG1 . ILE A 1 142 ? -2.097  9.145   -3.193  1.00 25.27 ? 140 ILE B CG1 1 
ATOM   1132 C  CG2 . ILE A 1 142 ? -1.732  10.204  -5.445  1.00 28.09 ? 140 ILE B CG2 1 
ATOM   1133 C  CD1 . ILE A 1 142 ? -2.662  7.816   -3.657  1.00 21.17 ? 140 ILE B CD1 1 
HETATM 1134 N  N   . MSE A 1 143 ? -3.339  13.296  -4.662  1.00 28.27 ? 141 MSE B N   1 
HETATM 1135 C  CA  . MSE A 1 143 ? -3.532  14.390  -5.595  1.00 28.86 ? 141 MSE B CA  1 
HETATM 1136 C  C   . MSE A 1 143 ? -2.885  15.643  -5.021  1.00 28.36 ? 141 MSE B C   1 
HETATM 1137 O  O   . MSE A 1 143 ? -2.365  16.476  -5.757  1.00 25.44 ? 141 MSE B O   1 
HETATM 1138 C  CB  . MSE A 1 143 ? -5.027  14.624  -5.842  1.00 33.86 ? 141 MSE B CB  1 
HETATM 1139 C  CG  . MSE A 1 143 ? -5.726  13.468  -6.552  1.00 39.36 ? 141 MSE B CG  1 
HETATM 1140 SE SE  . MSE A 1 143 ? -4.801  12.960  -8.191  1.00 52.43 ? 141 MSE B SE  1 
HETATM 1141 C  CE  . MSE A 1 143 ? -5.291  14.470  -9.297  1.00 47.70 ? 141 MSE B CE  1 
ATOM   1142 N  N   . LEU A 1 144 ? -2.922  15.768  -3.699  1.00 27.77 ? 142 LEU B N   1 
ATOM   1143 C  CA  . LEU A 1 144 ? -2.321  16.907  -3.017  1.00 28.63 ? 142 LEU B CA  1 
ATOM   1144 C  C   . LEU A 1 144 ? -0.812  16.855  -3.139  1.00 29.73 ? 142 LEU B C   1 
ATOM   1145 O  O   . LEU A 1 144 ? -0.166  17.871  -3.391  1.00 31.97 ? 142 LEU B O   1 
ATOM   1146 C  CB  . LEU A 1 144 ? -2.703  16.910  -1.538  1.00 27.67 ? 142 LEU B CB  1 
ATOM   1147 C  CG  . LEU A 1 144 ? -3.866  17.815  -1.149  1.00 27.66 ? 142 LEU B CG  1 
ATOM   1148 C  CD1 . LEU A 1 144 ? -4.250  17.564  0.289   1.00 29.16 ? 142 LEU B CD1 1 
ATOM   1149 C  CD2 . LEU A 1 144 ? -3.463  19.273  -1.354  1.00 27.24 ? 142 LEU B CD2 1 
ATOM   1150 N  N   . ASN A 1 145 ? -0.260  15.661  -2.952  1.00 31.43 ? 143 ASN B N   1 
ATOM   1151 C  CA  . ASN A 1 145 ? 1.178   15.440  -3.034  1.00 32.22 ? 143 ASN B CA  1 
ATOM   1152 C  C   . ASN A 1 145 ? 1.738   15.912  -4.361  1.00 34.47 ? 143 ASN B C   1 
ATOM   1153 O  O   . ASN A 1 145 ? 2.810   16.506  -4.411  1.00 34.82 ? 143 ASN B O   1 
ATOM   1154 C  CB  . ASN A 1 145 ? 1.492   13.953  -2.854  1.00 32.60 ? 143 ASN B CB  1 
ATOM   1155 C  CG  . ASN A 1 145 ? 2.947   13.624  -3.123  1.00 34.24 ? 143 ASN B CG  1 
ATOM   1156 O  OD1 . ASN A 1 145 ? 3.849   14.092  -2.424  1.00 35.60 ? 143 ASN B OD1 1 
ATOM   1157 N  ND2 . ASN A 1 145 ? 3.183   12.810  -4.141  1.00 34.41 ? 143 ASN B ND2 1 
ATOM   1158 N  N   . THR A 1 146 ? 1.003   15.655  -5.436  1.00 35.59 ? 144 THR B N   1 
ATOM   1159 C  CA  . THR A 1 146 ? 1.451   16.052  -6.763  1.00 37.03 ? 144 THR B CA  1 
ATOM   1160 C  C   . THR A 1 146 ? 1.262   17.535  -7.035  1.00 37.45 ? 144 THR B C   1 
ATOM   1161 O  O   . THR A 1 146 ? 2.204   18.236  -7.411  1.00 38.50 ? 144 THR B O   1 
ATOM   1162 C  CB  . THR A 1 146 ? 0.694   15.303  -7.868  1.00 37.36 ? 144 THR B CB  1 
ATOM   1163 O  OG1 . THR A 1 146 ? 0.662   13.902  -7.575  1.00 39.03 ? 144 THR B OG1 1 
ATOM   1164 C  CG2 . THR A 1 146 ? 1.382   15.528  -9.210  1.00 36.34 ? 144 THR B CG2 1 
ATOM   1165 N  N   . ASP A 1 147 ? 0.034   18.007  -6.841  1.00 36.51 ? 145 ASP B N   1 
ATOM   1166 C  CA  . ASP A 1 147 ? -0.304  19.396  -7.103  1.00 35.99 ? 145 ASP B CA  1 
ATOM   1167 C  C   . ASP A 1 147 ? 0.406   20.470  -6.276  1.00 35.01 ? 145 ASP B C   1 
ATOM   1168 O  O   . ASP A 1 147 ? 0.901   21.449  -6.833  1.00 35.82 ? 145 ASP B O   1 
ATOM   1169 C  CB  . ASP A 1 147 ? -1.822  19.567  -7.022  1.00 36.86 ? 145 ASP B CB  1 
ATOM   1170 C  CG  . ASP A 1 147 ? -2.542  18.814  -8.131  1.00 38.72 ? 145 ASP B CG  1 
ATOM   1171 O  OD1 . ASP A 1 147 ? -2.039  18.838  -9.273  1.00 39.72 ? 145 ASP B OD1 1 
ATOM   1172 O  OD2 . ASP A 1 147 ? -3.606  18.206  -7.876  1.00 38.45 ? 145 ASP B OD2 1 
ATOM   1173 N  N   . LEU A 1 148 ? 0.463   20.300  -4.961  1.00 33.94 ? 146 LEU B N   1 
ATOM   1174 C  CA  . LEU A 1 148 ? 1.125   21.280  -4.104  1.00 32.79 ? 146 LEU B CA  1 
ATOM   1175 C  C   . LEU A 1 148 ? 2.615   21.455  -4.403  1.00 32.90 ? 146 LEU B C   1 
ATOM   1176 O  O   . LEU A 1 148 ? 3.199   22.497  -4.096  1.00 33.13 ? 146 LEU B O   1 
ATOM   1177 C  CB  . LEU A 1 148 ? 0.979   20.893  -2.629  1.00 32.40 ? 146 LEU B CB  1 
ATOM   1178 C  CG  . LEU A 1 148 ? -0.338  21.156  -1.903  1.00 31.87 ? 146 LEU B CG  1 
ATOM   1179 C  CD1 . LEU A 1 148 ? -0.209  20.712  -0.451  1.00 32.78 ? 146 LEU B CD1 1 
ATOM   1180 C  CD2 . LEU A 1 148 ? -0.674  22.636  -1.972  1.00 32.05 ? 146 LEU B CD2 1 
ATOM   1181 N  N   . HIS A 1 149 ? 3.236   20.444  -4.997  1.00 32.73 ? 147 HIS B N   1 
ATOM   1182 C  CA  . HIS A 1 149 ? 4.664   20.528  -5.269  1.00 33.10 ? 147 HIS B CA  1 
ATOM   1183 C  C   . HIS A 1 149 ? 5.099   20.729  -6.717  1.00 33.71 ? 147 HIS B C   1 
ATOM   1184 O  O   . HIS A 1 149 ? 6.296   20.710  -7.009  1.00 33.75 ? 147 HIS B O   1 
ATOM   1185 C  CB  . HIS A 1 149 ? 5.362   19.307  -4.668  1.00 31.29 ? 147 HIS B CB  1 
ATOM   1186 C  CG  . HIS A 1 149 ? 5.290   19.260  -3.175  1.00 30.82 ? 147 HIS B CG  1 
ATOM   1187 N  ND1 . HIS A 1 149 ? 4.399   18.457  -2.496  1.00 32.32 ? 147 HIS B ND1 1 
ATOM   1188 C  CD2 . HIS A 1 149 ? 5.957   19.964  -2.229  1.00 30.47 ? 147 HIS B CD2 1 
ATOM   1189 C  CE1 . HIS A 1 149 ? 4.519   18.669  -1.197  1.00 30.85 ? 147 HIS B CE1 1 
ATOM   1190 N  NE2 . HIS A 1 149 ? 5.457   19.579  -1.008  1.00 33.16 ? 147 HIS B NE2 1 
ATOM   1191 N  N   . ASN A 1 150 ? 4.140   20.929  -7.616  1.00 33.87 ? 148 ASN B N   1 
ATOM   1192 C  CA  . ASN A 1 150 ? 4.459   21.151  -9.022  1.00 35.86 ? 148 ASN B CA  1 
ATOM   1193 C  C   . ASN A 1 150 ? 5.017   22.563  -9.177  1.00 37.58 ? 148 ASN B C   1 
ATOM   1194 O  O   . ASN A 1 150 ? 4.333   23.545  -8.881  1.00 37.04 ? 148 ASN B O   1 
ATOM   1195 C  CB  . ASN A 1 150 ? 3.212   20.990  -9.893  1.00 37.46 ? 148 ASN B CB  1 
ATOM   1196 C  CG  . ASN A 1 150 ? 3.521   21.107  -11.374 1.00 38.08 ? 148 ASN B CG  1 
ATOM   1197 O  OD1 . ASN A 1 150 ? 4.149   22.072  -11.815 1.00 39.77 ? 148 ASN B OD1 1 
ATOM   1198 N  ND2 . ASN A 1 150 ? 3.084   20.124  -12.150 1.00 39.81 ? 148 ASN B ND2 1 
ATOM   1199 N  N   . PRO A 1 151 ? 6.270   22.683  -9.656  1.00 38.91 ? 149 PRO B N   1 
ATOM   1200 C  CA  . PRO A 1 151 ? 6.955   23.969  -9.857  1.00 39.08 ? 149 PRO B CA  1 
ATOM   1201 C  C   . PRO A 1 151 ? 6.323   24.889  -10.901 1.00 39.71 ? 149 PRO B C   1 
ATOM   1202 O  O   . PRO A 1 151 ? 6.419   26.110  -10.793 1.00 40.83 ? 149 PRO B O   1 
ATOM   1203 C  CB  . PRO A 1 151 ? 8.373   23.553  -10.261 1.00 40.21 ? 149 PRO B CB  1 
ATOM   1204 C  CG  . PRO A 1 151 ? 8.514   22.154  -9.710  1.00 41.09 ? 149 PRO B CG  1 
ATOM   1205 C  CD  . PRO A 1 151 ? 7.162   21.564  -9.999  1.00 38.75 ? 149 PRO B CD  1 
ATOM   1206 N  N   . SER A 1 152 ? 5.682   24.305  -11.908 1.00 39.56 ? 150 SER B N   1 
ATOM   1207 C  CA  . SER A 1 152 ? 5.062   25.093  -12.971 1.00 39.92 ? 150 SER B CA  1 
ATOM   1208 C  C   . SER A 1 152 ? 3.646   25.547  -12.640 1.00 38.49 ? 150 SER B C   1 
ATOM   1209 O  O   . SER A 1 152 ? 2.910   25.980  -13.523 1.00 38.71 ? 150 SER B O   1 
ATOM   1210 C  CB  . SER A 1 152 ? 5.021   24.288  -14.271 1.00 40.79 ? 150 SER B CB  1 
ATOM   1211 O  OG  . SER A 1 152 ? 4.014   23.289  -14.208 1.00 43.30 ? 150 SER B OG  1 
ATOM   1212 N  N   . ILE A 1 153 ? 3.256   25.445  -11.378 1.00 36.69 ? 151 ILE B N   1 
ATOM   1213 C  CA  . ILE A 1 153 ? 1.912   25.857  -10.993 1.00 35.37 ? 151 ILE B CA  1 
ATOM   1214 C  C   . ILE A 1 153 ? 1.952   27.065  -10.070 1.00 34.65 ? 151 ILE B C   1 
ATOM   1215 O  O   . ILE A 1 153 ? 2.511   26.994  -8.975  1.00 34.10 ? 151 ILE B O   1 
ATOM   1216 C  CB  . ILE A 1 153 ? 1.150   24.708  -10.274 1.00 36.44 ? 151 ILE B CB  1 
ATOM   1217 C  CG1 . ILE A 1 153 ? 0.862   23.573  -11.257 1.00 37.57 ? 151 ILE B CG1 1 
ATOM   1218 C  CG2 . ILE A 1 153 ? -0.159  25.223  -9.676  1.00 36.59 ? 151 ILE B CG2 1 
ATOM   1219 C  CD1 . ILE A 1 153 ? 0.076   22.426  -10.646 1.00 37.55 ? 151 ILE B CD1 1 
ATOM   1220 N  N   . PRO A 1 154 ? 1.364   28.193  -10.505 1.00 33.17 ? 152 PRO B N   1 
ATOM   1221 C  CA  . PRO A 1 154 ? 1.335   29.412  -9.694  1.00 34.15 ? 152 PRO B CA  1 
ATOM   1222 C  C   . PRO A 1 154 ? 0.805   29.089  -8.295  1.00 34.39 ? 152 PRO B C   1 
ATOM   1223 O  O   . PRO A 1 154 ? -0.206  28.400  -8.154  1.00 34.28 ? 152 PRO B O   1 
ATOM   1224 C  CB  . PRO A 1 154 ? 0.393   30.322  -10.477 1.00 32.38 ? 152 PRO B CB  1 
ATOM   1225 C  CG  . PRO A 1 154 ? 0.670   29.937  -11.893 1.00 32.12 ? 152 PRO B CG  1 
ATOM   1226 C  CD  . PRO A 1 154 ? 0.724   28.424  -11.814 1.00 34.03 ? 152 PRO B CD  1 
ATOM   1227 N  N   . GLU A 1 155 ? 1.492   29.585  -7.272  1.00 34.03 ? 153 GLU B N   1 
ATOM   1228 C  CA  . GLU A 1 155 ? 1.111   29.340  -5.884  1.00 38.06 ? 153 GLU B CA  1 
ATOM   1229 C  C   . GLU A 1 155 ? -0.387  29.534  -5.628  1.00 37.24 ? 153 GLU B C   1 
ATOM   1230 O  O   . GLU A 1 155 ? -1.030  28.709  -4.980  1.00 35.84 ? 153 GLU B O   1 
ATOM   1231 C  CB  . GLU A 1 155 ? 1.915   30.255  -4.951  1.00 40.86 ? 153 GLU B CB  1 
ATOM   1232 C  CG  . GLU A 1 155 ? 2.271   29.616  -3.612  1.00 47.74 ? 153 GLU B CG  1 
ATOM   1233 C  CD  . GLU A 1 155 ? 3.303   28.498  -3.741  1.00 50.17 ? 153 GLU B CD  1 
ATOM   1234 O  OE1 . GLU A 1 155 ? 3.585   27.822  -2.726  1.00 52.08 ? 153 GLU B OE1 1 
ATOM   1235 O  OE2 . GLU A 1 155 ? 3.839   28.298  -4.854  1.00 51.75 ? 153 GLU B OE2 1 
ATOM   1236 N  N   . LYS A 1 156 ? -0.939  30.620  -6.158  1.00 36.99 ? 154 LYS B N   1 
ATOM   1237 C  CA  . LYS A 1 156 ? -2.351  30.932  -5.975  1.00 37.30 ? 154 LYS B CA  1 
ATOM   1238 C  C   . LYS A 1 156 ? -3.318  29.917  -6.583  1.00 36.29 ? 154 LYS B C   1 
ATOM   1239 O  O   . LYS A 1 156 ? -4.510  29.951  -6.292  1.00 38.16 ? 154 LYS B O   1 
ATOM   1240 C  CB  . LYS A 1 156 ? -2.651  32.320  -6.539  1.00 39.84 ? 154 LYS B CB  1 
ATOM   1241 C  CG  . LYS A 1 156 ? -2.607  32.410  -8.056  1.00 43.18 ? 154 LYS B CG  1 
ATOM   1242 C  CD  . LYS A 1 156 ? -2.677  33.860  -8.518  1.00 46.27 ? 154 LYS B CD  1 
ATOM   1243 C  CE  . LYS A 1 156 ? -3.911  34.570  -7.973  1.00 47.51 ? 154 LYS B CE  1 
ATOM   1244 N  NZ  . LYS A 1 156 ? -3.947  36.004  -8.390  1.00 49.83 ? 154 LYS B NZ  1 
ATOM   1245 N  N   . ASN A 1 157 ? -2.821  29.020  -7.428  1.00 33.58 ? 155 ASN B N   1 
ATOM   1246 C  CA  . ASN A 1 157 ? -3.685  28.018  -8.042  1.00 31.84 ? 155 ASN B CA  1 
ATOM   1247 C  C   . ASN A 1 157 ? -3.734  26.748  -7.185  1.00 30.93 ? 155 ASN B C   1 
ATOM   1248 O  O   . ASN A 1 157 ? -4.592  25.890  -7.381  1.00 31.57 ? 155 ASN B O   1 
ATOM   1249 C  CB  . ASN A 1 157 ? -3.179  27.648  -9.448  1.00 30.20 ? 155 ASN B CB  1 
ATOM   1250 C  CG  . ASN A 1 157 ? -3.226  28.811  -10.428 1.00 29.95 ? 155 ASN B CG  1 
ATOM   1251 O  OD1 . ASN A 1 157 ? -2.914  28.645  -11.612 1.00 27.82 ? 155 ASN B OD1 1 
ATOM   1252 N  ND2 . ASN A 1 157 ? -3.617  29.987  -9.949  1.00 30.07 ? 155 ASN B ND2 1 
ATOM   1253 N  N   . LYS A 1 158 ? -2.812  26.638  -6.236  1.00 30.06 ? 156 LYS B N   1 
ATOM   1254 C  CA  . LYS A 1 158 ? -2.720  25.465  -5.375  1.00 28.86 ? 156 LYS B CA  1 
ATOM   1255 C  C   . LYS A 1 158 ? -3.814  25.364  -4.319  1.00 28.54 ? 156 LYS B C   1 
ATOM   1256 O  O   . LYS A 1 158 ? -4.219  26.362  -3.736  1.00 27.89 ? 156 LYS B O   1 
ATOM   1257 C  CB  . LYS A 1 158 ? -1.341  25.430  -4.720  1.00 29.27 ? 156 LYS B CB  1 
ATOM   1258 C  CG  . LYS A 1 158 ? -0.220  25.299  -5.739  1.00 30.12 ? 156 LYS B CG  1 
ATOM   1259 C  CD  . LYS A 1 158 ? 1.151   25.241  -5.103  1.00 28.86 ? 156 LYS B CD  1 
ATOM   1260 C  CE  . LYS A 1 158 ? 2.204   24.887  -6.154  1.00 31.47 ? 156 LYS B CE  1 
ATOM   1261 N  NZ  . LYS A 1 158 ? 3.564   24.680  -5.571  1.00 32.11 ? 156 LYS B NZ  1 
HETATM 1262 N  N   . MSE A 1 159 ? -4.283  24.146  -4.074  1.00 27.93 ? 157 MSE B N   1 
HETATM 1263 C  CA  . MSE A 1 159 ? -5.341  23.929  -3.094  1.00 29.25 ? 157 MSE B CA  1 
HETATM 1264 C  C   . MSE A 1 159 ? -4.897  24.394  -1.709  1.00 27.18 ? 157 MSE B C   1 
HETATM 1265 O  O   . MSE A 1 159 ? -3.784  24.099  -1.272  1.00 25.36 ? 157 MSE B O   1 
HETATM 1266 C  CB  . MSE A 1 159 ? -5.741  22.442  -3.046  1.00 29.44 ? 157 MSE B CB  1 
HETATM 1267 C  CG  . MSE A 1 159 ? -6.982  22.148  -2.192  1.00 33.27 ? 157 MSE B CG  1 
HETATM 1268 SE SE  . MSE A 1 159 ? -7.442  20.248  -2.088  1.00 42.61 ? 157 MSE B SE  1 
HETATM 1269 C  CE  . MSE A 1 159 ? -8.763  20.187  -3.504  1.00 40.33 ? 157 MSE B CE  1 
ATOM   1270 N  N   . THR A 1 160 ? -5.768  25.141  -1.040  1.00 24.77 ? 158 THR B N   1 
ATOM   1271 C  CA  . THR A 1 160 ? -5.488  25.638  0.304   1.00 25.96 ? 158 THR B CA  1 
ATOM   1272 C  C   . THR A 1 160 ? -6.146  24.687  1.294   1.00 26.27 ? 158 THR B C   1 
ATOM   1273 O  O   . THR A 1 160 ? -6.889  23.792  0.890   1.00 26.97 ? 158 THR B O   1 
ATOM   1274 C  CB  . THR A 1 160 ? -6.092  27.025  0.513   1.00 24.78 ? 158 THR B CB  1 
ATOM   1275 O  OG1 . THR A 1 160 ? -7.519  26.929  0.434   1.00 23.96 ? 158 THR B OG1 1 
ATOM   1276 C  CG2 . THR A 1 160 ? -5.593  27.995  -0.576  1.00 25.56 ? 158 THR B CG2 1 
ATOM   1277 N  N   . VAL A 1 161 ? -5.871  24.866  2.582   1.00 25.81 ? 159 VAL B N   1 
ATOM   1278 C  CA  . VAL A 1 161 ? -6.483  24.016  3.597   1.00 26.83 ? 159 VAL B CA  1 
ATOM   1279 C  C   . VAL A 1 161 ? -8.001  24.164  3.475   1.00 26.95 ? 159 VAL B C   1 
ATOM   1280 O  O   . VAL A 1 161 ? -8.751  23.190  3.580   1.00 25.01 ? 159 VAL B O   1 
ATOM   1281 C  CB  . VAL A 1 161 ? -6.060  24.432  5.026   1.00 27.27 ? 159 VAL B CB  1 
ATOM   1282 C  CG1 . VAL A 1 161 ? -6.791  23.571  6.055   1.00 28.72 ? 159 VAL B CG1 1 
ATOM   1283 C  CG2 . VAL A 1 161 ? -4.553  24.285  5.182   1.00 27.56 ? 159 VAL B CG2 1 
ATOM   1284 N  N   . ASP A 1 162 ? -8.432  25.400  3.245   1.00 26.74 ? 160 ASP B N   1 
ATOM   1285 C  CA  . ASP A 1 162 ? -9.838  25.729  3.087   1.00 29.44 ? 160 ASP B CA  1 
ATOM   1286 C  C   . ASP A 1 162 ? -10.413 24.922  1.927   1.00 29.34 ? 160 ASP B C   1 
ATOM   1287 O  O   . ASP A 1 162 ? -11.522 24.393  2.014   1.00 29.81 ? 160 ASP B O   1 
ATOM   1288 C  CB  . ASP A 1 162 ? -9.981  27.218  2.784   1.00 33.56 ? 160 ASP B CB  1 
ATOM   1289 C  CG  . ASP A 1 162 ? -9.158  28.082  3.722   1.00 39.57 ? 160 ASP B CG  1 
ATOM   1290 O  OD1 . ASP A 1 162 ? -9.724  28.570  4.727   1.00 41.19 ? 160 ASP B OD1 1 
ATOM   1291 O  OD2 . ASP A 1 162 ? -7.943  28.261  3.457   1.00 39.65 ? 160 ASP B OD2 1 
ATOM   1292 N  N   . GLY A 1 163 ? -9.647  24.835  0.844   1.00 28.07 ? 161 GLY B N   1 
ATOM   1293 C  CA  . GLY A 1 163 ? -10.090 24.097  -0.324  1.00 26.84 ? 161 GLY B CA  1 
ATOM   1294 C  C   . GLY A 1 163 ? -10.233 22.616  -0.029  1.00 25.94 ? 161 GLY B C   1 
ATOM   1295 O  O   . GLY A 1 163 ? -11.205 21.982  -0.442  1.00 25.77 ? 161 GLY B O   1 
ATOM   1296 N  N   . LEU A 1 164 ? -9.254  22.061  0.674   1.00 24.05 ? 162 LEU B N   1 
ATOM   1297 C  CA  . LEU A 1 164 ? -9.276  20.653  1.031   1.00 24.33 ? 162 LEU B CA  1 
ATOM   1298 C  C   . LEU A 1 164 ? -10.554 20.312  1.810   1.00 25.33 ? 162 LEU B C   1 
ATOM   1299 O  O   . LEU A 1 164 ? -11.257 19.350  1.481   1.00 22.92 ? 162 LEU B O   1 
ATOM   1300 C  CB  . LEU A 1 164 ? -8.043  20.309  1.866   1.00 24.28 ? 162 LEU B CB  1 
ATOM   1301 C  CG  . LEU A 1 164 ? -7.969  18.882  2.411   1.00 23.90 ? 162 LEU B CG  1 
ATOM   1302 C  CD1 . LEU A 1 164 ? -8.147  17.882  1.280   1.00 23.30 ? 162 LEU B CD1 1 
ATOM   1303 C  CD2 . LEU A 1 164 ? -6.640  18.681  3.110   1.00 23.64 ? 162 LEU B CD2 1 
ATOM   1304 N  N   . LYS A 1 165 ? -10.860 21.109  2.831   1.00 26.79 ? 163 LYS B N   1 
ATOM   1305 C  CA  . LYS A 1 165 ? -12.055 20.878  3.639   1.00 27.36 ? 163 LYS B CA  1 
ATOM   1306 C  C   . LYS A 1 165 ? -13.336 20.922  2.812   1.00 28.56 ? 163 LYS B C   1 
ATOM   1307 O  O   . LYS A 1 165 ? -14.264 20.152  3.064   1.00 27.50 ? 163 LYS B O   1 
ATOM   1308 C  CB  . LYS A 1 165 ? -12.132 21.890  4.788   1.00 29.00 ? 163 LYS B CB  1 
ATOM   1309 C  CG  . LYS A 1 165 ? -11.036 21.695  5.829   1.00 29.70 ? 163 LYS B CG  1 
ATOM   1310 C  CD  . LYS A 1 165 ? -11.321 22.456  7.112   1.00 33.58 ? 163 LYS B CD  1 
ATOM   1311 C  CE  . LYS A 1 165 ? -11.235 23.954  6.921   1.00 33.90 ? 163 LYS B CE  1 
ATOM   1312 N  NZ  . LYS A 1 165 ? -11.492 24.672  8.200   1.00 31.71 ? 163 LYS B NZ  1 
ATOM   1313 N  N   . ARG A 1 166 ? -13.398 21.814  1.825   1.00 28.90 ? 164 ARG B N   1 
ATOM   1314 C  CA  . ARG A 1 166 ? -14.590 21.879  0.981   1.00 29.80 ? 164 ARG B CA  1 
ATOM   1315 C  C   . ARG A 1 166 ? -14.660 20.639  0.099   1.00 28.52 ? 164 ARG B C   1 
ATOM   1316 O  O   . ARG A 1 166 ? -15.727 20.087  -0.120  1.00 29.14 ? 164 ARG B O   1 
ATOM   1317 C  CB  . ARG A 1 166 ? -14.587 23.131  0.091   1.00 30.00 ? 164 ARG B CB  1 
ATOM   1318 C  CG  . ARG A 1 166 ? -15.136 24.392  0.754   1.00 32.14 ? 164 ARG B CG  1 
ATOM   1319 C  CD  . ARG A 1 166 ? -15.258 25.535  -0.253  1.00 34.86 ? 164 ARG B CD  1 
ATOM   1320 N  NE  . ARG A 1 166 ? -13.950 26.052  -0.659  1.00 36.49 ? 164 ARG B NE  1 
ATOM   1321 C  CZ  . ARG A 1 166 ? -13.188 26.834  0.102   1.00 37.95 ? 164 ARG B CZ  1 
ATOM   1322 N  NH1 . ARG A 1 166 ? -13.610 27.195  1.306   1.00 38.56 ? 164 ARG B NH1 1 
ATOM   1323 N  NH2 . ARG A 1 166 ? -11.998 27.245  -0.331  1.00 36.55 ? 164 ARG B NH2 1 
ATOM   1324 N  N   . ASN A 1 167 ? -13.511 20.192  -0.391  1.00 29.85 ? 165 ASN B N   1 
ATOM   1325 C  CA  . ASN A 1 167 ? -13.450 19.027  -1.273  1.00 30.76 ? 165 ASN B CA  1 
ATOM   1326 C  C   . ASN A 1 167 ? -13.749 17.686  -0.603  1.00 28.36 ? 165 ASN B C   1 
ATOM   1327 O  O   . ASN A 1 167 ? -14.107 16.717  -1.275  1.00 26.34 ? 165 ASN B O   1 
ATOM   1328 C  CB  . ASN A 1 167 ? -12.068 18.949  -1.925  1.00 35.20 ? 165 ASN B CB  1 
ATOM   1329 C  CG  . ASN A 1 167 ? -12.143 18.892  -3.433  1.00 39.29 ? 165 ASN B CG  1 
ATOM   1330 O  OD1 . ASN A 1 167 ? -12.671 19.805  -4.067  1.00 43.38 ? 165 ASN B OD1 1 
ATOM   1331 N  ND2 . ASN A 1 167 ? -11.619 17.820  -4.018  1.00 39.50 ? 165 ASN B ND2 1 
ATOM   1332 N  N   . LEU A 1 168 ? -13.590 17.622  0.713   1.00 25.93 ? 166 LEU B N   1 
ATOM   1333 C  CA  . LEU A 1 168 ? -13.828 16.372  1.432   1.00 24.09 ? 166 LEU B CA  1 
ATOM   1334 C  C   . LEU A 1 168 ? -15.168 16.346  2.139   1.00 22.71 ? 166 LEU B C   1 
ATOM   1335 O  O   . LEU A 1 168 ? -15.485 15.392  2.839   1.00 23.88 ? 166 LEU B O   1 
ATOM   1336 C  CB  . LEU A 1 168 ? -12.713 16.131  2.447   1.00 19.74 ? 166 LEU B CB  1 
ATOM   1337 C  CG  . LEU A 1 168 ? -11.338 15.950  1.813   1.00 20.70 ? 166 LEU B CG  1 
ATOM   1338 C  CD1 . LEU A 1 168 ? -10.284 15.802  2.901   1.00 20.56 ? 166 LEU B CD1 1 
ATOM   1339 C  CD2 . LEU A 1 168 ? -11.366 14.729  0.893   1.00 20.12 ? 166 LEU B CD2 1 
ATOM   1340 N  N   . ARG A 1 169 ? -15.953 17.397  1.945   1.00 23.05 ? 167 ARG B N   1 
ATOM   1341 C  CA  . ARG A 1 169 ? -17.255 17.505  2.581   1.00 24.14 ? 167 ARG B CA  1 
ATOM   1342 C  C   . ARG A 1 169 ? -18.137 16.281  2.325   1.00 22.91 ? 167 ARG B C   1 
ATOM   1343 O  O   . ARG A 1 169 ? -18.357 15.895  1.174   1.00 20.76 ? 167 ARG B O   1 
ATOM   1344 C  CB  . ARG A 1 169 ? -17.970 18.761  2.081   1.00 27.20 ? 167 ARG B CB  1 
ATOM   1345 C  CG  . ARG A 1 169 ? -18.557 19.604  3.186   1.00 30.19 ? 167 ARG B CG  1 
ATOM   1346 C  CD  . ARG A 1 169 ? -17.504 20.507  3.801   1.00 30.00 ? 167 ARG B CD  1 
ATOM   1347 N  NE  . ARG A 1 169 ? -17.418 20.329  5.243   1.00 29.64 ? 167 ARG B NE  1 
ATOM   1348 C  CZ  . ARG A 1 169 ? -16.766 21.145  6.062   1.00 29.35 ? 167 ARG B CZ  1 
ATOM   1349 N  NH1 . ARG A 1 169 ? -16.144 22.209  5.586   1.00 31.28 ? 167 ARG B NH1 1 
ATOM   1350 N  NH2 . ARG A 1 169 ? -16.712 20.879  7.358   1.00 29.85 ? 167 ARG B NH2 1 
ATOM   1351 N  N   . GLY A 1 170 ? -18.640 15.681  3.403   1.00 22.45 ? 168 GLY B N   1 
ATOM   1352 C  CA  . GLY A 1 170 ? -19.508 14.518  3.285   1.00 20.94 ? 168 GLY B CA  1 
ATOM   1353 C  C   . GLY A 1 170 ? -18.810 13.258  2.800   1.00 21.53 ? 168 GLY B C   1 
ATOM   1354 O  O   . GLY A 1 170 ? -19.460 12.271  2.440   1.00 21.27 ? 168 GLY B O   1 
ATOM   1355 N  N   . GLY A 1 171 ? -17.481 13.285  2.793   1.00 19.97 ? 169 GLY B N   1 
ATOM   1356 C  CA  . GLY A 1 171 ? -16.728 12.137  2.330   1.00 19.34 ? 169 GLY B CA  1 
ATOM   1357 C  C   . GLY A 1 171 ? -16.389 11.101  3.387   1.00 18.79 ? 169 GLY B C   1 
ATOM   1358 O  O   . GLY A 1 171 ? -15.724 10.114  3.080   1.00 19.79 ? 169 GLY B O   1 
ATOM   1359 N  N   . ASN A 1 172 ? -16.817 11.322  4.628   1.00 17.93 ? 170 ASN B N   1 
ATOM   1360 C  CA  . ASN A 1 172 ? -16.534 10.361  5.691   1.00 19.85 ? 170 ASN B CA  1 
ATOM   1361 C  C   . ASN A 1 172 ? -17.825 9.585   5.956   1.00 20.17 ? 170 ASN B C   1 
ATOM   1362 O  O   . ASN A 1 172 ? -18.466 9.728   6.999   1.00 17.35 ? 170 ASN B O   1 
ATOM   1363 C  CB  . ASN A 1 172 ? -16.030 11.082  6.959   1.00 18.07 ? 170 ASN B CB  1 
ATOM   1364 C  CG  . ASN A 1 172 ? -15.469 10.116  8.017   1.00 21.44 ? 170 ASN B CG  1 
ATOM   1365 O  OD1 . ASN A 1 172 ? -14.959 9.038   7.697   1.00 18.44 ? 170 ASN B OD1 1 
ATOM   1366 N  ND2 . ASN A 1 172 ? -15.544 10.517  9.274   1.00 19.53 ? 170 ASN B ND2 1 
ATOM   1367 N  N   . ASN A 1 173 ? -18.192 8.768   4.975   1.00 23.83 ? 171 ASN B N   1 
ATOM   1368 C  CA  . ASN A 1 173 ? -19.399 7.952   5.032   1.00 26.07 ? 171 ASN B CA  1 
ATOM   1369 C  C   . ASN A 1 173 ? -20.625 8.832   5.253   1.00 25.46 ? 171 ASN B C   1 
ATOM   1370 O  O   . ASN A 1 173 ? -21.473 8.537   6.092   1.00 23.64 ? 171 ASN B O   1 
ATOM   1371 C  CB  . ASN A 1 173 ? -19.285 6.904   6.147   1.00 28.74 ? 171 ASN B CB  1 
ATOM   1372 C  CG  . ASN A 1 173 ? -20.460 5.945   6.168   1.00 34.13 ? 171 ASN B CG  1 
ATOM   1373 O  OD1 . ASN A 1 173 ? -20.806 5.347   5.145   1.00 36.65 ? 171 ASN B OD1 1 
ATOM   1374 N  ND2 . ASN A 1 173 ? -21.081 5.791   7.336   1.00 36.90 ? 171 ASN B ND2 1 
ATOM   1375 N  N   . GLY A 1 174 ? -20.700 9.921   4.489   1.00 25.83 ? 172 GLY B N   1 
ATOM   1376 C  CA  . GLY A 1 174 ? -21.819 10.836  4.593   1.00 23.60 ? 172 GLY B CA  1 
ATOM   1377 C  C   . GLY A 1 174 ? -21.534 11.997  5.523   1.00 24.34 ? 172 GLY B C   1 
ATOM   1378 O  O   . GLY A 1 174 ? -22.134 13.059  5.400   1.00 26.28 ? 172 GLY B O   1 
ATOM   1379 N  N   . GLY A 1 175 ? -20.620 11.793  6.464   1.00 25.17 ? 173 GLY B N   1 
ATOM   1380 C  CA  . GLY A 1 175 ? -20.267 12.850  7.397   1.00 21.59 ? 173 GLY B CA  1 
ATOM   1381 C  C   . GLY A 1 175 ? -18.992 13.547  6.966   1.00 20.83 ? 173 GLY B C   1 
ATOM   1382 O  O   . GLY A 1 175 ? -18.495 13.318  5.864   1.00 19.44 ? 173 GLY B O   1 
ATOM   1383 N  N   . ASP A 1 176 ? -18.457 14.407  7.825   1.00 21.15 ? 174 ASP B N   1 
ATOM   1384 C  CA  . ASP A 1 176 ? -17.235 15.127  7.493   1.00 21.41 ? 174 ASP B CA  1 
ATOM   1385 C  C   . ASP A 1 176 ? -16.061 14.643  8.326   1.00 22.29 ? 174 ASP B C   1 
ATOM   1386 O  O   . ASP A 1 176 ? -16.242 13.980  9.346   1.00 24.84 ? 174 ASP B O   1 
ATOM   1387 C  CB  . ASP A 1 176 ? -17.397 16.639  7.728   1.00 21.92 ? 174 ASP B CB  1 
ATOM   1388 C  CG  . ASP A 1 176 ? -18.522 17.253  6.909   1.00 24.01 ? 174 ASP B CG  1 
ATOM   1389 O  OD1 . ASP A 1 176 ? -18.909 16.655  5.881   1.00 25.29 ? 174 ASP B OD1 1 
ATOM   1390 O  OD2 . ASP A 1 176 ? -19.014 18.344  7.294   1.00 22.97 ? 174 ASP B OD2 1 
ATOM   1391 N  N   . PHE A 1 177 ? -14.858 14.971  7.864   1.00 21.47 ? 175 PHE B N   1 
ATOM   1392 C  CA  . PHE A 1 177 ? -13.627 14.642  8.567   1.00 21.29 ? 175 PHE B CA  1 
ATOM   1393 C  C   . PHE A 1 177 ? -13.356 15.863  9.434   1.00 22.91 ? 175 PHE B C   1 
ATOM   1394 O  O   . PHE A 1 177 ? -13.598 16.998  9.012   1.00 21.43 ? 175 PHE B O   1 
ATOM   1395 C  CB  . PHE A 1 177 ? -12.458 14.478  7.590   1.00 19.98 ? 175 PHE B CB  1 
ATOM   1396 C  CG  . PHE A 1 177 ? -12.582 13.298  6.666   1.00 20.27 ? 175 PHE B CG  1 
ATOM   1397 C  CD1 . PHE A 1 177 ? -12.374 12.005  7.133   1.00 18.93 ? 175 PHE B CD1 1 
ATOM   1398 C  CD2 . PHE A 1 177 ? -12.891 13.485  5.318   1.00 19.00 ? 175 PHE B CD2 1 
ATOM   1399 C  CE1 . PHE A 1 177 ? -12.470 10.908  6.268   1.00 20.29 ? 175 PHE B CE1 1 
ATOM   1400 C  CE2 . PHE A 1 177 ? -12.993 12.400  4.450   1.00 18.44 ? 175 PHE B CE2 1 
ATOM   1401 C  CZ  . PHE A 1 177 ? -12.782 11.106  4.928   1.00 17.40 ? 175 PHE B CZ  1 
ATOM   1402 N  N   . ASP A 1 178 ? -12.852 15.636  10.641  1.00 24.74 ? 176 ASP B N   1 
ATOM   1403 C  CA  . ASP A 1 178 ? -12.551 16.730  11.548  1.00 25.11 ? 176 ASP B CA  1 
ATOM   1404 C  C   . ASP A 1 178 ? -11.644 17.754  10.867  1.00 25.36 ? 176 ASP B C   1 
ATOM   1405 O  O   . ASP A 1 178 ? -10.645 17.390  10.244  1.00 26.50 ? 176 ASP B O   1 
ATOM   1406 C  CB  . ASP A 1 178 ? -11.877 16.192  12.810  1.00 27.64 ? 176 ASP B CB  1 
ATOM   1407 C  CG  . ASP A 1 178 ? -11.540 17.292  13.797  1.00 32.13 ? 176 ASP B CG  1 
ATOM   1408 O  OD1 . ASP A 1 178 ? -12.479 17.900  14.356  1.00 33.44 ? 176 ASP B OD1 1 
ATOM   1409 O  OD2 . ASP A 1 178 ? -10.334 17.555  14.004  1.00 35.01 ? 176 ASP B OD2 1 
ATOM   1410 N  N   . ALA A 1 179 ? -11.991 19.034  10.992  1.00 25.28 ? 177 ALA B N   1 
ATOM   1411 C  CA  . ALA A 1 179 ? -11.219 20.113  10.379  1.00 25.71 ? 177 ALA B CA  1 
ATOM   1412 C  C   . ALA A 1 179 ? -9.756  20.135  10.803  1.00 25.34 ? 177 ALA B C   1 
ATOM   1413 O  O   . ALA A 1 179 ? -8.875  20.333  9.968   1.00 25.97 ? 177 ALA B O   1 
ATOM   1414 C  CB  . ALA A 1 179 ? -11.863 21.476  10.686  1.00 23.72 ? 177 ALA B CB  1 
ATOM   1415 N  N   . LYS A 1 180 ? -9.503  19.957  12.093  1.00 24.54 ? 178 LYS B N   1 
ATOM   1416 C  CA  . LYS A 1 180 ? -8.139  19.963  12.606  1.00 27.05 ? 178 LYS B CA  1 
ATOM   1417 C  C   . LYS A 1 180 ? -7.355  18.797  12.009  1.00 26.37 ? 178 LYS B C   1 
ATOM   1418 O  O   . LYS A 1 180 ? -6.167  18.916  11.734  1.00 27.86 ? 178 LYS B O   1 
ATOM   1419 C  CB  . LYS A 1 180 ? -8.140  19.857  14.135  1.00 29.75 ? 178 LYS B CB  1 
ATOM   1420 C  CG  . LYS A 1 180 ? -6.757  19.935  14.756  1.00 37.00 ? 178 LYS B CG  1 
ATOM   1421 C  CD  . LYS A 1 180 ? -6.745  19.473  16.212  1.00 40.83 ? 178 LYS B CD  1 
ATOM   1422 C  CE  . LYS A 1 180 ? -7.572  20.385  17.111  1.00 42.41 ? 178 LYS B CE  1 
ATOM   1423 N  NZ  . LYS A 1 180 ? -7.414  19.996  18.539  1.00 44.53 ? 178 LYS B NZ  1 
ATOM   1424 N  N   . PHE A 1 181 ? -8.032  17.669  11.825  1.00 25.55 ? 179 PHE B N   1 
ATOM   1425 C  CA  . PHE A 1 181 ? -7.413  16.480  11.251  1.00 24.50 ? 179 PHE B CA  1 
ATOM   1426 C  C   . PHE A 1 181 ? -6.933  16.777  9.828   1.00 23.87 ? 179 PHE B C   1 
ATOM   1427 O  O   . PHE A 1 181 ? -5.832  16.376  9.442   1.00 24.68 ? 179 PHE B O   1 
ATOM   1428 C  CB  . PHE A 1 181 ? -8.419  15.329  11.227  1.00 23.76 ? 179 PHE B CB  1 
ATOM   1429 C  CG  . PHE A 1 181 ? -7.964  14.134  10.430  1.00 24.23 ? 179 PHE B CG  1 
ATOM   1430 C  CD1 . PHE A 1 181 ? -7.023  13.247  10.948  1.00 23.63 ? 179 PHE B CD1 1 
ATOM   1431 C  CD2 . PHE A 1 181 ? -8.482  13.892  9.162   1.00 24.04 ? 179 PHE B CD2 1 
ATOM   1432 C  CE1 . PHE A 1 181 ? -6.609  12.139  10.217  1.00 22.84 ? 179 PHE B CE1 1 
ATOM   1433 C  CE2 . PHE A 1 181 ? -8.070  12.783  8.421   1.00 23.30 ? 179 PHE B CE2 1 
ATOM   1434 C  CZ  . PHE A 1 181 ? -7.132  11.906  8.952   1.00 22.07 ? 179 PHE B CZ  1 
ATOM   1435 N  N   . LEU A 1 182 ? -7.759  17.484  9.059   1.00 22.22 ? 180 LEU B N   1 
ATOM   1436 C  CA  . LEU A 1 182 ? -7.420  17.830  7.682   1.00 21.45 ? 180 LEU B CA  1 
ATOM   1437 C  C   . LEU A 1 182 ? -6.327  18.899  7.624   1.00 22.50 ? 180 LEU B C   1 
ATOM   1438 O  O   . LEU A 1 182 ? -5.503  18.900  6.706   1.00 21.84 ? 180 LEU B O   1 
ATOM   1439 C  CB  . LEU A 1 182 ? -8.673  18.301  6.926   1.00 19.68 ? 180 LEU B CB  1 
ATOM   1440 C  CG  . LEU A 1 182 ? -9.800  17.257  6.788   1.00 19.76 ? 180 LEU B CG  1 
ATOM   1441 C  CD1 . LEU A 1 182 ? -10.989 17.853  6.063   1.00 16.56 ? 180 LEU B CD1 1 
ATOM   1442 C  CD2 . LEU A 1 182 ? -9.283  16.033  6.033   1.00 18.37 ? 180 LEU B CD2 1 
ATOM   1443 N  N   . GLU A 1 183 ? -6.322  19.807  8.596   1.00 22.43 ? 181 GLU B N   1 
ATOM   1444 C  CA  . GLU A 1 183 ? -5.301  20.851  8.650   1.00 26.17 ? 181 GLU B CA  1 
ATOM   1445 C  C   . GLU A 1 183 ? -3.963  20.156  8.883   1.00 24.82 ? 181 GLU B C   1 
ATOM   1446 O  O   . GLU A 1 183 ? -2.956  20.523  8.287   1.00 25.37 ? 181 GLU B O   1 
ATOM   1447 C  CB  . GLU A 1 183 ? -5.581  21.839  9.793   1.00 27.97 ? 181 GLU B CB  1 
ATOM   1448 C  CG  . GLU A 1 183 ? -6.943  22.500  9.722   1.00 34.79 ? 181 GLU B CG  1 
ATOM   1449 C  CD  . GLU A 1 183 ? -7.218  23.415  10.905  1.00 40.15 ? 181 GLU B CD  1 
ATOM   1450 O  OE1 . GLU A 1 183 ? -8.353  23.941  10.997  1.00 40.00 ? 181 GLU B OE1 1 
ATOM   1451 O  OE2 . GLU A 1 183 ? -6.302  23.606  11.740  1.00 41.68 ? 181 GLU B OE2 1 
ATOM   1452 N  N   . GLU A 1 184 ? -3.968  19.143  9.750   1.00 25.05 ? 182 GLU B N   1 
ATOM   1453 C  CA  . GLU A 1 184 ? -2.764  18.370  10.062  1.00 26.45 ? 182 GLU B CA  1 
ATOM   1454 C  C   . GLU A 1 184 ? -2.288  17.604  8.827   1.00 25.02 ? 182 GLU B C   1 
ATOM   1455 O  O   . GLU A 1 184 ? -1.107  17.590  8.511   1.00 23.53 ? 182 GLU B O   1 
ATOM   1456 C  CB  . GLU A 1 184 ? -3.038  17.366  11.185  1.00 29.65 ? 182 GLU B CB  1 
ATOM   1457 C  CG  . GLU A 1 184 ? -1.789  16.634  11.675  1.00 34.61 ? 182 GLU B CG  1 
ATOM   1458 C  CD  . GLU A 1 184 ? -2.107  15.465  12.597  1.00 37.67 ? 182 GLU B CD  1 
ATOM   1459 O  OE1 . GLU A 1 184 ? -3.018  15.604  13.441  1.00 41.11 ? 182 GLU B OE1 1 
ATOM   1460 O  OE2 . GLU A 1 184 ? -1.441  14.411  12.490  1.00 39.61 ? 182 GLU B OE2 1 
ATOM   1461 N  N   . LEU A 1 185 ? -3.228  16.961  8.141   1.00 24.75 ? 183 LEU B N   1 
ATOM   1462 C  CA  . LEU A 1 185 ? -2.928  16.196  6.942   1.00 23.85 ? 183 LEU B CA  1 
ATOM   1463 C  C   . LEU A 1 185 ? -2.288  17.094  5.883   1.00 22.35 ? 183 LEU B C   1 
ATOM   1464 O  O   . LEU A 1 185 ? -1.271  16.735  5.298   1.00 22.86 ? 183 LEU B O   1 
ATOM   1465 C  CB  . LEU A 1 185 ? -4.216  15.566  6.397   1.00 25.26 ? 183 LEU B CB  1 
ATOM   1466 C  CG  . LEU A 1 185 ? -4.134  14.626  5.191   1.00 25.16 ? 183 LEU B CG  1 
ATOM   1467 C  CD1 . LEU A 1 185 ? -5.391  13.766  5.146   1.00 27.63 ? 183 LEU B CD1 1 
ATOM   1468 C  CD2 . LEU A 1 185 ? -3.958  15.416  3.907   1.00 22.40 ? 183 LEU B CD2 1 
ATOM   1469 N  N   . TYR A 1 186 ? -2.893  18.258  5.654   1.00 23.85 ? 184 TYR B N   1 
ATOM   1470 C  CA  . TYR A 1 186 ? -2.411  19.234  4.675   1.00 24.97 ? 184 TYR B CA  1 
ATOM   1471 C  C   . TYR A 1 186 ? -0.983  19.688  4.986   1.00 26.80 ? 184 TYR B C   1 
ATOM   1472 O  O   . TYR A 1 186 ? -0.166  19.837  4.079   1.00 28.07 ? 184 TYR B O   1 
ATOM   1473 C  CB  . TYR A 1 186 ? -3.333  20.462  4.654   1.00 24.44 ? 184 TYR B CB  1 
ATOM   1474 C  CG  . TYR A 1 186 ? -3.015  21.495  3.580   1.00 22.44 ? 184 TYR B CG  1 
ATOM   1475 C  CD1 . TYR A 1 186 ? -3.662  21.467  2.345   1.00 23.38 ? 184 TYR B CD1 1 
ATOM   1476 C  CD2 . TYR A 1 186 ? -2.070  22.498  3.803   1.00 24.70 ? 184 TYR B CD2 1 
ATOM   1477 C  CE1 . TYR A 1 186 ? -3.380  22.410  1.357   1.00 22.32 ? 184 TYR B CE1 1 
ATOM   1478 C  CE2 . TYR A 1 186 ? -1.778  23.451  2.824   1.00 22.76 ? 184 TYR B CE2 1 
ATOM   1479 C  CZ  . TYR A 1 186 ? -2.435  23.402  1.601   1.00 24.76 ? 184 TYR B CZ  1 
ATOM   1480 O  OH  . TYR A 1 186 ? -2.147  24.338  0.621   1.00 22.91 ? 184 TYR B OH  1 
ATOM   1481 N  N   . SER A 1 187 ? -0.695  19.910  6.267   1.00 27.55 ? 185 SER B N   1 
ATOM   1482 C  CA  . SER A 1 187 ? 0.629   20.358  6.702   1.00 28.21 ? 185 SER B CA  1 
ATOM   1483 C  C   . SER A 1 187 ? 1.698   19.290  6.521   1.00 28.36 ? 185 SER B C   1 
ATOM   1484 O  O   . SER A 1 187 ? 2.855   19.608  6.234   1.00 28.92 ? 185 SER B O   1 
ATOM   1485 C  CB  . SER A 1 187 ? 0.598   20.788  8.176   1.00 29.13 ? 185 SER B CB  1 
ATOM   1486 O  OG  . SER A 1 187 ? -0.174  21.965  8.357   1.00 31.24 ? 185 SER B OG  1 
ATOM   1487 N  N   . GLU A 1 188 ? 1.318   18.028  6.697   1.00 26.97 ? 186 GLU B N   1 
ATOM   1488 C  CA  . GLU A 1 188 ? 2.271   16.932  6.549   1.00 27.77 ? 186 GLU B CA  1 
ATOM   1489 C  C   . GLU A 1 188 ? 2.701   16.730  5.100   1.00 28.41 ? 186 GLU B C   1 
ATOM   1490 O  O   . GLU A 1 188 ? 3.895   16.678  4.799   1.00 26.98 ? 186 GLU B O   1 
ATOM   1491 C  CB  . GLU A 1 188 ? 1.680   15.634  7.099   1.00 27.57 ? 186 GLU B CB  1 
ATOM   1492 C  CG  . GLU A 1 188 ? 1.850   15.477  8.597   1.00 28.69 ? 186 GLU B CG  1 
ATOM   1493 C  CD  . GLU A 1 188 ? 1.213   14.206  9.128   1.00 31.32 ? 186 GLU B CD  1 
ATOM   1494 O  OE1 . GLU A 1 188 ? -0.020  14.202  9.359   1.00 31.18 ? 186 GLU B OE1 1 
ATOM   1495 O  OE2 . GLU A 1 188 ? 1.944   13.208  9.305   1.00 30.19 ? 186 GLU B OE2 1 
ATOM   1496 N  N   . ILE A 1 189 ? 1.729   16.629  4.200   1.00 28.76 ? 187 ILE B N   1 
ATOM   1497 C  CA  . ILE A 1 189 ? 2.043   16.433  2.799   1.00 29.49 ? 187 ILE B CA  1 
ATOM   1498 C  C   . ILE A 1 189 ? 2.733   17.668  2.229   1.00 31.31 ? 187 ILE B C   1 
ATOM   1499 O  O   . ILE A 1 189 ? 3.653   17.548  1.420   1.00 31.61 ? 187 ILE B O   1 
ATOM   1500 C  CB  . ILE A 1 189 ? 0.776   16.107  1.980   1.00 28.66 ? 187 ILE B CB  1 
ATOM   1501 C  CG1 . ILE A 1 189 ? 1.161   15.844  0.523   1.00 28.85 ? 187 ILE B CG1 1 
ATOM   1502 C  CG2 . ILE A 1 189 ? -0.219  17.243  2.072   1.00 29.28 ? 187 ILE B CG2 1 
ATOM   1503 C  CD1 . ILE A 1 189 ? 2.097   14.676  0.351   1.00 31.09 ? 187 ILE B CD1 1 
ATOM   1504 N  N   . LYS A 1 190 ? 2.307   18.849  2.668   1.00 32.27 ? 188 LYS B N   1 
ATOM   1505 C  CA  . LYS A 1 190 ? 2.900   20.099  2.197   1.00 34.20 ? 188 LYS B CA  1 
ATOM   1506 C  C   . LYS A 1 190 ? 4.339   20.233  2.663   1.00 34.98 ? 188 LYS B C   1 
ATOM   1507 O  O   . LYS A 1 190 ? 5.188   20.759  1.948   1.00 37.70 ? 188 LYS B O   1 
ATOM   1508 C  CB  . LYS A 1 190 ? 2.118   21.311  2.711   1.00 35.15 ? 188 LYS B CB  1 
ATOM   1509 C  CG  . LYS A 1 190 ? 2.788   22.637  2.381   1.00 34.76 ? 188 LYS B CG  1 
ATOM   1510 C  CD  . LYS A 1 190 ? 2.222   23.774  3.214   1.00 38.24 ? 188 LYS B CD  1 
ATOM   1511 C  CE  . LYS A 1 190 ? 3.039   25.049  3.039   1.00 40.05 ? 188 LYS B CE  1 
ATOM   1512 N  NZ  . LYS A 1 190 ? 2.641   26.098  4.017   1.00 41.04 ? 188 LYS B NZ  1 
ATOM   1513 N  N   . ALA A 1 191 ? 4.610   19.763  3.871   1.00 35.44 ? 189 ALA B N   1 
ATOM   1514 C  CA  . ALA A 1 191 ? 5.949   19.854  4.420   1.00 35.28 ? 189 ALA B CA  1 
ATOM   1515 C  C   . ALA A 1 191 ? 6.838   18.705  3.971   1.00 36.45 ? 189 ALA B C   1 
ATOM   1516 O  O   . ALA A 1 191 ? 8.063   18.844  3.939   1.00 38.27 ? 189 ALA B O   1 
ATOM   1517 C  CB  . ALA A 1 191 ? 5.878   19.890  5.933   1.00 33.65 ? 189 ALA B CB  1 
ATOM   1518 N  N   . LYS A 1 192 ? 6.230   17.577  3.613   1.00 36.31 ? 190 LYS B N   1 
ATOM   1519 C  CA  . LYS A 1 192 ? 7.006   16.406  3.207   1.00 35.08 ? 190 LYS B CA  1 
ATOM   1520 C  C   . LYS A 1 192 ? 6.350   15.565  2.116   1.00 33.11 ? 190 LYS B C   1 
ATOM   1521 O  O   . LYS A 1 192 ? 5.519   14.702  2.402   1.00 30.34 ? 190 LYS B O   1 
ATOM   1522 C  CB  . LYS A 1 192 ? 7.267   15.535  4.435   1.00 36.64 ? 190 LYS B CB  1 
ATOM   1523 C  CG  . LYS A 1 192 ? 8.258   14.406  4.227   1.00 41.77 ? 190 LYS B CG  1 
ATOM   1524 C  CD  . LYS A 1 192 ? 8.461   13.657  5.537   1.00 43.22 ? 190 LYS B CD  1 
ATOM   1525 C  CE  . LYS A 1 192 ? 9.570   12.626  5.439   1.00 43.68 ? 190 LYS B CE  1 
ATOM   1526 N  NZ  . LYS A 1 192 ? 9.765   11.960  6.758   1.00 43.10 ? 190 LYS B NZ  1 
ATOM   1527 N  N   . PRO A 1 193 ? 6.741   15.793  0.849   1.00 32.35 ? 191 PRO B N   1 
ATOM   1528 C  CA  . PRO A 1 193 ? 6.204   15.066  -0.305  1.00 31.79 ? 191 PRO B CA  1 
ATOM   1529 C  C   . PRO A 1 193 ? 6.402   13.558  -0.154  1.00 32.67 ? 191 PRO B C   1 
ATOM   1530 O  O   . PRO A 1 193 ? 7.294   13.111  0.570   1.00 31.26 ? 191 PRO B O   1 
ATOM   1531 C  CB  . PRO A 1 193 ? 7.013   15.627  -1.474  1.00 33.03 ? 191 PRO B CB  1 
ATOM   1532 C  CG  . PRO A 1 193 ? 7.393   16.984  -1.014  1.00 32.41 ? 191 PRO B CG  1 
ATOM   1533 C  CD  . PRO A 1 193 ? 7.783   16.737  0.419   1.00 31.71 ? 191 PRO B CD  1 
ATOM   1534 N  N   . PHE A 1 194 ? 5.568   12.777  -0.834  1.00 33.37 ? 192 PHE B N   1 
ATOM   1535 C  CA  . PHE A 1 194 ? 5.691   11.329  -0.771  1.00 33.10 ? 192 PHE B CA  1 
ATOM   1536 C  C   . PHE A 1 194 ? 6.934   10.893  -1.531  1.00 34.71 ? 192 PHE B C   1 
ATOM   1537 O  O   . PHE A 1 194 ? 7.424   11.608  -2.404  1.00 33.77 ? 192 PHE B O   1 
ATOM   1538 C  CB  . PHE A 1 194 ? 4.476   10.635  -1.396  1.00 30.66 ? 192 PHE B CB  1 
ATOM   1539 C  CG  . PHE A 1 194 ? 3.244   10.656  -0.539  1.00 29.76 ? 192 PHE B CG  1 
ATOM   1540 C  CD1 . PHE A 1 194 ? 3.323   10.416  0.833   1.00 27.62 ? 192 PHE B CD1 1 
ATOM   1541 C  CD2 . PHE A 1 194 ? 1.991   10.863  -1.112  1.00 28.38 ? 192 PHE B CD2 1 
ATOM   1542 C  CE1 . PHE A 1 194 ? 2.169   10.383  1.620   1.00 26.90 ? 192 PHE B CE1 1 
ATOM   1543 C  CE2 . PHE A 1 194 ? 0.834   10.830  -0.332  1.00 28.65 ? 192 PHE B CE2 1 
ATOM   1544 C  CZ  . PHE A 1 194 ? 0.922   10.590  1.035   1.00 23.97 ? 192 PHE B CZ  1 
ATOM   1545 N  N   . GLU A 1 195 ? 7.441   9.720   -1.178  1.00 37.34 ? 193 GLU B N   1 
ATOM   1546 C  CA  . GLU A 1 195 ? 8.599   9.135   -1.834  1.00 40.54 ? 193 GLU B CA  1 
ATOM   1547 C  C   . GLU A 1 195 ? 8.020   8.041   -2.731  1.00 41.25 ? 193 GLU B C   1 
ATOM   1548 O  O   . GLU A 1 195 ? 7.651   6.965   -2.254  1.00 42.56 ? 193 GLU B O   1 
ATOM   1549 C  CB  . GLU A 1 195 ? 9.545   8.534   -0.792  1.00 42.40 ? 193 GLU B CB  1 
ATOM   1550 C  CG  . GLU A 1 195 ? 10.773  7.857   -1.369  1.00 46.64 ? 193 GLU B CG  1 
ATOM   1551 C  CD  . GLU A 1 195 ? 11.836  7.589   -0.319  1.00 49.52 ? 193 GLU B CD  1 
ATOM   1552 O  OE1 . GLU A 1 195 ? 12.291  8.563   0.320   1.00 50.23 ? 193 GLU B OE1 1 
ATOM   1553 O  OE2 . GLU A 1 195 ? 12.218  6.412   -0.132  1.00 51.90 ? 193 GLU B OE2 1 
ATOM   1554 N  N   . LEU A 1 196 ? 7.915   8.329   -4.025  1.00 41.26 ? 194 LEU B N   1 
ATOM   1555 C  CA  . LEU A 1 196 ? 7.354   7.370   -4.971  1.00 39.81 ? 194 LEU B CA  1 
ATOM   1556 C  C   . LEU A 1 196 ? 8.376   6.849   -5.970  1.00 40.46 ? 194 LEU B C   1 
ATOM   1557 O  O   . LEU A 1 196 ? 9.007   7.625   -6.691  1.00 41.05 ? 194 LEU B O   1 
ATOM   1558 C  CB  . LEU A 1 196 ? 6.194   8.005   -5.743  1.00 39.70 ? 194 LEU B CB  1 
ATOM   1559 C  CG  . LEU A 1 196 ? 5.037   8.637   -4.965  1.00 38.64 ? 194 LEU B CG  1 
ATOM   1560 C  CD1 . LEU A 1 196 ? 4.081   9.281   -5.948  1.00 39.41 ? 194 LEU B CD1 1 
ATOM   1561 C  CD2 . LEU A 1 196 ? 4.328   7.603   -4.130  1.00 36.84 ? 194 LEU B CD2 1 
ATOM   1562 N  N   . ASN A 1 197 ? 8.524   5.528   -6.013  1.00 39.13 ? 195 ASN B N   1 
ATOM   1563 C  CA  . ASN A 1 197 ? 9.449   4.880   -6.931  1.00 37.96 ? 195 ASN B CA  1 
ATOM   1564 C  C   . ASN A 1 197 ? 8.668   4.007   -7.921  1.00 37.65 ? 195 ASN B C   1 
ATOM   1565 O  O   . ASN A 1 197 ? 8.183   2.935   -7.565  1.00 35.67 ? 195 ASN B O   1 
ATOM   1566 C  CB  . ASN A 1 197 ? 10.449  4.017   -6.149  1.00 39.17 ? 195 ASN B CB  1 
ATOM   1567 C  CG  . ASN A 1 197 ? 11.296  4.833   -5.182  1.00 40.54 ? 195 ASN B CG  1 
ATOM   1568 O  OD1 . ASN A 1 197 ? 12.062  5.704   -5.592  1.00 40.09 ? 195 ASN B OD1 1 
ATOM   1569 N  ND2 . ASN A 1 197 ? 11.159  4.551   -3.891  1.00 40.94 ? 195 ASN B ND2 1 
ATOM   1570 N  N   . PHE A 1 198 ? 8.538   4.473   -9.160  1.00 37.54 ? 196 PHE B N   1 
ATOM   1571 C  CA  . PHE A 1 198 ? 7.816   3.717   -10.180 1.00 39.25 ? 196 PHE B CA  1 
ATOM   1572 C  C   . PHE A 1 198 ? 8.773   2.937   -11.079 1.00 41.05 ? 196 PHE B C   1 
ATOM   1573 O  O   . PHE A 1 198 ? 9.901   3.367   -11.318 1.00 39.49 ? 196 PHE B O   1 
ATOM   1574 C  CB  . PHE A 1 198 ? 6.960   4.648   -11.049 1.00 36.57 ? 196 PHE B CB  1 
ATOM   1575 C  CG  . PHE A 1 198 ? 5.941   5.434   -10.277 1.00 37.83 ? 196 PHE B CG  1 
ATOM   1576 C  CD1 . PHE A 1 198 ? 6.264   6.672   -9.729  1.00 37.10 ? 196 PHE B CD1 1 
ATOM   1577 C  CD2 . PHE A 1 198 ? 4.655   4.934   -10.090 1.00 36.89 ? 196 PHE B CD2 1 
ATOM   1578 C  CE1 . PHE A 1 198 ? 5.322   7.401   -9.008  1.00 36.57 ? 196 PHE B CE1 1 
ATOM   1579 C  CE2 . PHE A 1 198 ? 3.707   5.654   -9.370  1.00 36.97 ? 196 PHE B CE2 1 
ATOM   1580 C  CZ  . PHE A 1 198 ? 4.040   6.891   -8.829  1.00 38.30 ? 196 PHE B CZ  1 
ATOM   1581 N  N   . VAL A 1 199 ? 8.316   1.791   -11.577 1.00 43.23 ? 197 VAL B N   1 
ATOM   1582 C  CA  . VAL A 1 199 ? 9.136   0.965   -12.455 1.00 47.44 ? 197 VAL B CA  1 
ATOM   1583 C  C   . VAL A 1 199 ? 9.339   1.645   -13.812 1.00 50.11 ? 197 VAL B C   1 
ATOM   1584 O  O   . VAL A 1 199 ? 8.819   2.733   -14.054 1.00 50.81 ? 197 VAL B O   1 
ATOM   1585 C  CB  . VAL A 1 199 ? 8.504   -0.425  -12.670 1.00 46.52 ? 197 VAL B CB  1 
ATOM   1586 C  CG1 . VAL A 1 199 ? 8.464   -1.181  -11.352 1.00 47.45 ? 197 VAL B CG1 1 
ATOM   1587 C  CG2 . VAL A 1 199 ? 7.105   -0.281  -13.232 1.00 47.74 ? 197 VAL B CG2 1 
ATOM   1588 N  N   . LYS A 1 200 ? 10.093  0.992   -14.693 1.00 54.16 ? 198 LYS B N   1 
ATOM   1589 C  CA  . LYS A 1 200 ? 10.395  1.537   -16.014 1.00 57.65 ? 198 LYS B CA  1 
ATOM   1590 C  C   . LYS A 1 200 ? 9.387   1.232   -17.124 1.00 59.69 ? 198 LYS B C   1 
ATOM   1591 O  O   . LYS A 1 200 ? 8.227   0.904   -16.870 1.00 61.30 ? 198 LYS B O   1 
ATOM   1592 C  CB  . LYS A 1 200 ? 11.788  1.076   -16.461 1.00 57.31 ? 198 LYS B CB  1 
ATOM   1593 C  CG  . LYS A 1 200 ? 12.931  1.745   -15.713 1.00 57.80 ? 198 LYS B CG  1 
ATOM   1594 C  CD  . LYS A 1 200 ? 14.289  1.313   -16.253 1.00 58.03 ? 198 LYS B CD  1 
ATOM   1595 C  CE  . LYS A 1 200 ? 15.417  2.061   -15.558 1.00 57.28 ? 198 LYS B CE  1 
ATOM   1596 N  NZ  . LYS A 1 200 ? 15.348  1.927   -14.074 1.00 57.13 ? 198 LYS B NZ  1 
ATOM   1597 N  N   . THR A 1 201 ? 9.865   1.355   -18.359 1.00 61.72 ? 199 THR B N   1 
ATOM   1598 C  CA  . THR A 1 201 ? 9.079   1.135   -19.568 1.00 63.75 ? 199 THR B CA  1 
ATOM   1599 C  C   . THR A 1 201 ? 8.084   -0.026  -19.559 1.00 65.12 ? 199 THR B C   1 
ATOM   1600 O  O   . THR A 1 201 ? 6.973   0.112   -20.068 1.00 65.41 ? 199 THR B O   1 
ATOM   1601 C  CB  . THR A 1 201 ? 10.007  0.953   -20.798 1.00 63.47 ? 199 THR B CB  1 
ATOM   1602 O  OG1 . THR A 1 201 ? 10.871  -0.173  -20.584 1.00 63.32 ? 199 THR B OG1 1 
ATOM   1603 C  CG2 . THR A 1 201 ? 10.854  2.200   -21.019 1.00 62.17 ? 199 THR B CG2 1 
ATOM   1604 N  N   . SER A 1 202 ? 8.465   -1.164  -18.988 1.00 67.11 ? 200 SER B N   1 
ATOM   1605 C  CA  . SER A 1 202 ? 7.571   -2.323  -18.980 1.00 69.17 ? 200 SER B CA  1 
ATOM   1606 C  C   . SER A 1 202 ? 7.193   -2.897  -17.614 1.00 70.28 ? 200 SER B C   1 
ATOM   1607 O  O   . SER A 1 202 ? 7.981   -3.615  -16.996 1.00 71.19 ? 200 SER B O   1 
ATOM   1608 C  CB  . SER A 1 202 ? 8.172   -3.441  -19.837 1.00 68.55 ? 200 SER B CB  1 
ATOM   1609 O  OG  . SER A 1 202 ? 7.369   -4.608  -19.791 1.00 67.66 ? 200 SER B OG  1 
ATOM   1610 N  N   . PRO A 1 203 ? 5.976   -2.587  -17.129 1.00 70.78 ? 201 PRO B N   1 
ATOM   1611 C  CA  . PRO A 1 203 ? 5.478   -3.073  -15.836 1.00 71.21 ? 201 PRO B CA  1 
ATOM   1612 C  C   . PRO A 1 203 ? 4.548   -4.290  -15.984 1.00 71.18 ? 201 PRO B C   1 
ATOM   1613 O  O   . PRO A 1 203 ? 4.290   -4.705  -17.136 1.00 71.04 ? 201 PRO B O   1 
ATOM   1614 C  CB  . PRO A 1 203 ? 4.749   -1.857  -15.281 1.00 70.96 ? 201 PRO B CB  1 
ATOM   1615 C  CG  . PRO A 1 203 ? 4.101   -1.311  -16.509 1.00 71.52 ? 201 PRO B CG  1 
ATOM   1616 C  CD  . PRO A 1 203 ? 5.190   -1.421  -17.576 1.00 70.78 ? 201 PRO B CD  1 
ATOM   1617 O  OXT . PRO A 1 203 ? 4.080   -4.813  -14.948 1.00 70.97 ? 201 PRO B OXT 1 
HETATM 1618 O  O   . HOH B 2 .   ? -7.044  -4.095  -3.779  1.00 16.08 ? 202 HOH B O   1 
HETATM 1619 O  O   . HOH B 2 .   ? 12.140  -16.576 5.271   1.00 22.33 ? 203 HOH B O   1 
HETATM 1620 O  O   . HOH B 2 .   ? 7.488   -3.670  -4.942  1.00 17.67 ? 204 HOH B O   1 
HETATM 1621 O  O   . HOH B 2 .   ? -8.362  -15.029 -10.140 1.00 19.06 ? 205 HOH B O   1 
HETATM 1622 O  O   . HOH B 2 .   ? -9.445  -8.006  -8.761  1.00 21.83 ? 206 HOH B O   1 
HETATM 1623 O  O   . HOH B 2 .   ? -2.217  12.737  8.738   1.00 22.26 ? 207 HOH B O   1 
HETATM 1624 O  O   . HOH B 2 .   ? -0.715  4.995   9.700   1.00 22.07 ? 208 HOH B O   1 
HETATM 1625 O  O   . HOH B 2 .   ? 8.960   -27.353 -7.315  1.00 31.07 ? 209 HOH B O   1 
HETATM 1626 O  O   . HOH B 2 .   ? -1.503  -9.393  10.354  1.00 32.88 ? 210 HOH B O   1 
HETATM 1627 O  O   . HOH B 2 .   ? 23.242  -10.246 3.635   1.00 37.86 ? 211 HOH B O   1 
HETATM 1628 O  O   . HOH B 2 .   ? 14.932  -28.669 -2.903  1.00 30.21 ? 212 HOH B O   1 
HETATM 1629 O  O   . HOH B 2 .   ? 14.658  -8.722  3.555   1.00 25.57 ? 213 HOH B O   1 
HETATM 1630 O  O   . HOH B 2 .   ? 5.750   23.711  0.315   1.00 38.52 ? 214 HOH B O   1 
HETATM 1631 O  O   . HOH B 2 .   ? -21.628 19.322  6.517   1.00 19.32 ? 215 HOH B O   1 
HETATM 1632 O  O   . HOH B 2 .   ? 18.971  -21.556 -4.347  1.00 19.06 ? 216 HOH B O   1 
HETATM 1633 O  O   . HOH B 2 .   ? 5.239   -3.378  -12.590 1.00 35.63 ? 217 HOH B O   1 
HETATM 1634 O  O   . HOH B 2 .   ? -4.398  22.099  -5.906  1.00 29.24 ? 218 HOH B O   1 
HETATM 1635 O  O   . HOH B 2 .   ? -14.835 -0.696  5.674   1.00 26.00 ? 219 HOH B O   1 
HETATM 1636 O  O   . HOH B 2 .   ? -12.180 1.133   -1.402  1.00 45.14 ? 220 HOH B O   1 
HETATM 1637 O  O   . HOH B 2 .   ? -7.969  17.313  -6.044  1.00 34.43 ? 221 HOH B O   1 
HETATM 1638 O  O   . HOH B 2 .   ? -6.787  32.150  -5.068  1.00 38.31 ? 222 HOH B O   1 
HETATM 1639 O  O   . HOH B 2 .   ? 18.717  -16.120 2.532   1.00 38.37 ? 223 HOH B O   1 
HETATM 1640 O  O   . HOH B 2 .   ? -13.332 -2.187  -3.198  1.00 45.30 ? 224 HOH B O   1 
HETATM 1641 O  O   . HOH B 2 .   ? 21.669  -13.363 -0.222  1.00 39.60 ? 225 HOH B O   1 
HETATM 1642 O  O   . HOH B 2 .   ? 7.402   3.869   -3.938  1.00 33.50 ? 226 HOH B O   1 
HETATM 1643 O  O   . HOH B 2 .   ? -17.196 6.663   3.065   1.00 32.47 ? 227 HOH B O   1 
HETATM 1644 O  O   . HOH B 2 .   ? -5.288  18.902  -4.992  1.00 42.87 ? 228 HOH B O   1 
HETATM 1645 O  O   . HOH B 2 .   ? 21.968  -18.642 -1.519  1.00 38.75 ? 229 HOH B O   1 
HETATM 1646 O  O   . HOH B 2 .   ? -6.819  -5.583  0.542   1.00 31.03 ? 230 HOH B O   1 
HETATM 1647 O  O   . HOH B 2 .   ? 14.971  -5.341  -6.870  1.00 29.40 ? 231 HOH B O   1 
HETATM 1648 O  O   . HOH B 2 .   ? -1.391  -8.219  -13.665 1.00 35.81 ? 232 HOH B O   1 
HETATM 1649 O  O   . HOH B 2 .   ? -11.707 12.862  11.349  1.00 36.37 ? 233 HOH B O   1 
HETATM 1650 O  O   . HOH B 2 .   ? -6.736  23.805  -7.951  1.00 31.06 ? 234 HOH B O   1 
HETATM 1651 O  O   . HOH B 2 .   ? -17.772 0.609   8.855   1.00 35.02 ? 235 HOH B O   1 
HETATM 1652 O  O   . HOH B 2 .   ? -3.663  10.840  11.233  1.00 34.71 ? 236 HOH B O   1 
HETATM 1653 O  O   . HOH B 2 .   ? 11.750  -20.263 -11.341 1.00 35.43 ? 237 HOH B O   1 
HETATM 1654 O  O   . HOH B 2 .   ? 5.992   -15.798 -13.460 1.00 35.45 ? 238 HOH B O   1 
HETATM 1655 O  O   . HOH B 2 .   ? -6.707  -7.018  -1.773  1.00 26.89 ? 239 HOH B O   1 
HETATM 1656 O  O   . HOH B 2 .   ? 8.260   -6.357  0.215   1.00 26.14 ? 240 HOH B O   1 
HETATM 1657 O  O   . HOH B 2 .   ? -2.933  -29.516 -6.650  1.00 43.28 ? 241 HOH B O   1 
HETATM 1658 O  O   . HOH B 2 .   ? -20.207 2.217   8.655   1.00 39.42 ? 242 HOH B O   1 
HETATM 1659 O  O   . HOH B 2 .   ? -2.759  32.433  -11.342 1.00 39.66 ? 243 HOH B O   1 
HETATM 1660 O  O   . HOH B 2 .   ? -16.591 8.335   1.080   1.00 38.56 ? 244 HOH B O   1 
HETATM 1661 O  O   . HOH B 2 .   ? -8.314  -1.067  -9.924  1.00 36.81 ? 245 HOH B O   1 
HETATM 1662 O  O   . HOH B 2 .   ? -9.103  -4.706  5.409   1.00 39.51 ? 246 HOH B O   1 
HETATM 1663 O  O   . HOH B 2 .   ? 16.819  -20.592 -11.696 1.00 37.64 ? 247 HOH B O   1 
HETATM 1664 O  O   . HOH B 2 .   ? -11.471 19.580  16.244  1.00 45.38 ? 248 HOH B O   1 
HETATM 1665 O  O   . HOH B 2 .   ? 15.357  -22.900 -7.791  1.00 39.45 ? 249 HOH B O   1 
HETATM 1666 O  O   . HOH B 2 .   ? -3.294  6.891   11.976  1.00 28.81 ? 250 HOH B O   1 
HETATM 1667 O  O   . HOH B 2 .   ? 23.071  -12.406 -2.669  1.00 42.99 ? 251 HOH B O   1 
HETATM 1668 O  O   . HOH B 2 .   ? 5.214   -10.768 -10.548 1.00 31.71 ? 252 HOH B O   1 
HETATM 1669 O  O   . HOH B 2 .   ? -7.996  -1.574  16.152  1.00 57.04 ? 253 HOH B O   1 
HETATM 1670 O  O   . HOH B 2 .   ? -6.166  -16.682 -7.990  1.00 25.33 ? 254 HOH B O   1 
HETATM 1671 O  O   . HOH B 2 .   ? 14.028  11.510  0.537   1.00 42.15 ? 255 HOH B O   1 
HETATM 1672 O  O   . HOH B 2 .   ? 6.181   -3.344  -9.753  1.00 29.53 ? 256 HOH B O   1 
HETATM 1673 O  O   . HOH B 2 .   ? 6.271   12.226  -4.900  1.00 38.75 ? 257 HOH B O   1 
HETATM 1674 O  O   . HOH B 2 .   ? 8.403   10.213  1.439   1.00 45.25 ? 258 HOH B O   1 
HETATM 1675 O  O   . HOH B 2 .   ? 11.550  -27.176 -1.541  1.00 29.07 ? 259 HOH B O   1 
HETATM 1676 O  O   . HOH B 2 .   ? -12.281 5.294   20.731  1.00 46.68 ? 260 HOH B O   1 
HETATM 1677 O  O   . HOH B 2 .   ? -2.554  -14.986 10.468  1.00 42.75 ? 261 HOH B O   1 
HETATM 1678 O  O   . HOH B 2 .   ? -1.864  -15.607 -9.454  1.00 33.58 ? 262 HOH B O   1 
HETATM 1679 O  O   . HOH B 2 .   ? 18.092  -15.768 6.709   1.00 42.51 ? 263 HOH B O   1 
HETATM 1680 O  O   . HOH B 2 .   ? -9.318  -5.324  -8.199  1.00 36.22 ? 264 HOH B O   1 
HETATM 1681 O  O   . HOH B 2 .   ? 2.292   24.850  -1.209  1.00 46.33 ? 265 HOH B O   1 
HETATM 1682 O  O   . HOH B 2 .   ? 19.700  -18.539 3.657   1.00 39.52 ? 266 HOH B O   1 
HETATM 1683 O  O   . HOH B 2 .   ? 15.545  -7.064  -10.850 1.00 40.84 ? 267 HOH B O   1 
HETATM 1684 O  O   . HOH B 2 .   ? 17.710  -15.032 -7.513  1.00 42.87 ? 268 HOH B O   1 
HETATM 1685 O  O   . HOH B 2 .   ? 11.128  -7.934  -13.372 1.00 34.43 ? 269 HOH B O   1 
HETATM 1686 O  O   . HOH B 2 .   ? 6.321   7.392   0.142   1.00 31.83 ? 270 HOH B O   1 
HETATM 1687 O  O   . HOH B 2 .   ? -5.340  -4.448  8.894   1.00 29.39 ? 271 HOH B O   1 
HETATM 1688 O  O   . HOH B 2 .   ? -2.660  -25.204 1.601   1.00 37.21 ? 272 HOH B O   1 
HETATM 1689 O  O   . HOH B 2 .   ? 11.355  -15.763 11.102  1.00 51.27 ? 273 HOH B O   1 
HETATM 1690 O  O   . HOH B 2 .   ? 4.832   32.890  -5.568  1.00 42.09 ? 274 HOH B O   1 
# 
